data_4JUH
#
_entry.id   4JUH
#
_cell.length_a   71.986
_cell.length_b   243.195
_cell.length_c   72.208
_cell.angle_alpha   90.00
_cell.angle_beta   119.62
_cell.angle_gamma   90.00
#
_symmetry.space_group_name_H-M   'P 1 21 1'
#
loop_
_entity.id
_entity.type
_entity.pdbx_description
1 polymer Hemagglutinin
2 polymer Hemagglutinin
3 branched 2-acetamido-2-deoxy-beta-D-glucopyranose-(1-4)-2-acetamido-2-deoxy-beta-D-glucopyranose
4 branched 'N-acetyl-alpha-neuraminic acid-(2-3)-beta-D-galactopyranose-(1-4)-2-acetamido-2-deoxy-beta-D-glucopyranose'
5 water water
#
loop_
_entity_poly.entity_id
_entity_poly.type
_entity_poly.pdbx_seq_one_letter_code
_entity_poly.pdbx_strand_id
1 'polypeptide(L)'
;DTICIGYHANNSTDTVDTVLEKNVTVTHSVNLLEDSHNGKLCKLKGIAPLQLGKCNIAGWLLGNPECDLLLTASSWSYIV
ETSNSENGTCYPGDFIDYEELREQLSSVSSFEKFEIFPKTSSWPNHETTKGVTAACSYAGASSFYRNLLWLTKKGSSYPK
LSKSYVNNKGKEVLVLWGVHHPPTGTDQQSLYQNADAYVSVGSSKYNRRFTPEIAARPKVRGQAGRMNYYWTLLEPGDTI
TFEATGNLIAPWYAFALNRGSGSGIITSDAPVHDCNTKCQTPHGAINSSLPFQNIHPVTIGECPKYVRSTKLRMATGLRN
IPAR
;
A,C,E
2 'polypeptide(L)'
;GLFGAIAGFIEGGWTGMIDGWYGYHHQNEQGSGYAADQKSTQNAIDGITNKVNSVIEKMNTQFTAVGKEFNNLERRIENL
NKKVDDGFLDIWTYNAELLVLLENERTLDFHDSNVRNLYEKVKSQLKNNAKEIGNGCFEFYHKCDDACMESVRNGTYDYP
KYSEESKLNR
;
B,D,F
#
loop_
_chem_comp.id
_chem_comp.type
_chem_comp.name
_chem_comp.formula
GAL D-saccharide, beta linking beta-D-galactopyranose 'C6 H12 O6'
NAG D-saccharide, beta linking 2-acetamido-2-deoxy-beta-D-glucopyranose 'C8 H15 N O6'
SIA D-saccharide, alpha linking 'N-acetyl-alpha-neuraminic acid' 'C11 H19 N O9'
#
# COMPACT_ATOMS: atom_id res chain seq x y z
N ASP A 1 16.79 25.71 -58.34
CA ASP A 1 17.08 26.39 -57.07
C ASP A 1 16.04 26.01 -56.02
N THR A 2 16.49 25.41 -54.93
CA THR A 2 15.57 24.80 -53.98
C THR A 2 16.08 24.76 -52.53
N ILE A 3 15.17 24.56 -51.59
CA ILE A 3 15.51 24.35 -50.18
C ILE A 3 14.62 23.26 -49.60
N CYS A 4 15.22 22.30 -48.92
CA CYS A 4 14.46 21.18 -48.36
C CYS A 4 14.40 21.25 -46.83
N ILE A 5 13.29 20.78 -46.26
CA ILE A 5 13.15 20.74 -44.80
C ILE A 5 13.16 19.29 -44.31
N GLY A 6 13.86 19.03 -43.22
CA GLY A 6 14.00 17.66 -42.73
C GLY A 6 14.51 17.54 -41.30
N TYR A 7 14.94 16.33 -40.94
CA TYR A 7 15.31 16.03 -39.56
C TYR A 7 16.51 15.10 -39.42
N HIS A 8 17.05 15.03 -38.20
CA HIS A 8 18.30 14.32 -37.91
C HIS A 8 18.20 12.80 -38.00
N ALA A 9 19.35 12.17 -38.23
CA ALA A 9 19.46 10.71 -38.26
C ALA A 9 20.90 10.30 -37.98
N ASN A 10 21.09 9.06 -37.52
CA ASN A 10 22.42 8.57 -37.18
C ASN A 10 22.51 7.05 -37.11
N ASN A 11 23.67 6.55 -36.71
CA ASN A 11 23.92 5.10 -36.66
C ASN A 11 23.44 4.46 -35.36
N SER A 12 22.68 5.21 -34.58
CA SER A 12 22.15 4.72 -33.31
C SER A 12 21.22 3.52 -33.47
N THR A 13 21.47 2.47 -32.70
CA THR A 13 20.62 1.28 -32.72
C THR A 13 19.84 1.12 -31.42
N ASP A 14 19.70 2.21 -30.68
CA ASP A 14 18.88 2.22 -29.47
C ASP A 14 17.39 2.14 -29.84
N THR A 15 16.65 1.30 -29.13
CA THR A 15 15.22 1.17 -29.37
C THR A 15 14.42 1.41 -28.10
N VAL A 16 13.26 2.07 -28.25
CA VAL A 16 12.36 2.28 -27.13
C VAL A 16 11.00 1.67 -27.44
N ASP A 17 10.10 1.70 -26.46
CA ASP A 17 8.76 1.16 -26.64
C ASP A 17 7.70 2.22 -26.44
N THR A 18 6.70 2.20 -27.31
CA THR A 18 5.55 3.08 -27.15
C THR A 18 4.31 2.23 -26.95
N VAL A 19 3.16 2.88 -26.76
CA VAL A 19 1.92 2.17 -26.55
C VAL A 19 1.40 1.54 -27.85
N LEU A 20 1.66 2.21 -28.97
CA LEU A 20 1.18 1.74 -30.27
C LEU A 20 2.16 0.80 -30.98
N GLU A 21 3.45 0.97 -30.70
CA GLU A 21 4.49 0.25 -31.42
C GLU A 21 5.66 -0.11 -30.52
N LYS A 22 6.31 -1.23 -30.81
CA LYS A 22 7.46 -1.66 -30.02
C LYS A 22 8.76 -1.63 -30.82
N ASN A 23 9.88 -1.62 -30.10
CA ASN A 23 11.20 -1.56 -30.73
C ASN A 23 11.32 -0.47 -31.78
N VAL A 24 11.13 0.78 -31.36
CA VAL A 24 11.25 1.92 -32.25
C VAL A 24 12.62 2.55 -32.11
N THR A 25 13.50 2.27 -33.06
CA THR A 25 14.85 2.82 -33.03
C THR A 25 14.80 4.35 -33.02
N VAL A 26 15.61 4.96 -32.17
CA VAL A 26 15.62 6.41 -32.06
C VAL A 26 17.04 6.99 -32.04
N THR A 27 17.15 8.27 -32.38
CA THR A 27 18.44 8.95 -32.46
C THR A 27 19.09 9.11 -31.09
N HIS A 28 18.31 9.54 -30.11
CA HIS A 28 18.82 9.78 -28.77
C HIS A 28 17.88 9.23 -27.70
N SER A 29 18.46 8.62 -26.66
CA SER A 29 17.66 8.04 -25.58
C SER A 29 18.48 7.95 -24.29
N VAL A 30 17.79 7.95 -23.16
CA VAL A 30 18.44 7.80 -21.87
C VAL A 30 17.92 6.58 -21.13
N ASN A 31 18.83 5.85 -20.50
CA ASN A 31 18.43 4.70 -19.68
C ASN A 31 18.13 5.15 -18.25
N LEU A 32 16.96 4.76 -17.74
CA LEU A 32 16.54 5.15 -16.41
C LEU A 32 16.66 4.01 -15.41
N LEU A 33 17.12 2.85 -15.87
CA LEU A 33 17.20 1.66 -15.03
C LEU A 33 18.63 1.22 -14.79
N GLU A 34 19.08 1.32 -13.55
CA GLU A 34 20.41 0.84 -13.17
C GLU A 34 20.37 -0.65 -12.86
N ASP A 35 21.20 -1.42 -13.54
CA ASP A 35 21.23 -2.87 -13.37
C ASP A 35 22.63 -3.39 -13.15
N SER A 36 23.56 -2.49 -12.86
CA SER A 36 24.94 -2.85 -12.60
C SER A 36 25.33 -2.59 -11.14
N HIS A 37 25.77 -3.64 -10.45
CA HIS A 37 26.26 -3.47 -9.09
C HIS A 37 27.75 -3.78 -8.96
N ASN A 38 28.21 -3.83 -7.71
CA ASN A 38 29.63 -3.90 -7.42
C ASN A 38 30.14 -5.31 -7.16
N GLY A 39 29.27 -6.16 -6.64
CA GLY A 39 29.64 -7.51 -6.27
C GLY A 39 30.32 -7.55 -4.91
N LYS A 40 30.30 -6.42 -4.21
CA LYS A 40 31.04 -6.30 -2.95
C LYS A 40 30.28 -5.54 -1.87
N LEU A 41 30.50 -5.94 -0.62
CA LEU A 41 29.94 -5.21 0.51
C LEU A 41 30.93 -4.13 0.92
N CYS A 42 30.53 -2.87 0.79
CA CYS A 42 31.44 -1.75 0.98
C CYS A 42 31.14 -0.97 2.25
N LYS A 43 32.04 -0.03 2.55
CA LYS A 43 31.85 0.89 3.67
C LYS A 43 30.74 1.88 3.35
N LEU A 44 30.29 2.59 4.37
CA LEU A 44 29.24 3.59 4.22
C LEU A 44 29.60 4.81 5.07
N LYS A 45 29.97 5.89 4.42
CA LYS A 45 30.46 7.08 5.11
C LYS A 45 31.78 6.79 5.84
N GLY A 46 32.58 5.90 5.25
CA GLY A 46 33.90 5.60 5.79
C GLY A 46 33.92 4.44 6.76
N ILE A 47 32.78 4.16 7.37
CA ILE A 47 32.70 3.12 8.39
C ILE A 47 32.36 1.75 7.79
N ALA A 48 33.09 0.73 8.21
CA ALA A 48 32.92 -0.61 7.66
C ALA A 48 31.73 -1.35 8.28
N PRO A 49 31.14 -2.28 7.52
CA PRO A 49 30.07 -3.13 8.03
C PRO A 49 30.60 -4.17 9.01
N LEU A 50 29.75 -4.64 9.92
CA LEU A 50 30.13 -5.68 10.87
C LEU A 50 29.74 -7.05 10.32
N GLN A 51 30.73 -7.90 10.10
CA GLN A 51 30.48 -9.25 9.60
C GLN A 51 30.33 -10.24 10.74
N LEU A 52 29.15 -10.85 10.86
CA LEU A 52 28.91 -11.81 11.93
C LEU A 52 29.52 -13.17 11.60
N GLY A 53 29.69 -13.44 10.31
CA GLY A 53 30.25 -14.71 9.87
C GLY A 53 29.30 -15.87 10.10
N LYS A 54 29.78 -16.87 10.83
CA LYS A 54 28.94 -18.02 11.14
C LYS A 54 28.10 -17.78 12.38
N CYS A 55 28.10 -16.54 12.86
CA CYS A 55 27.28 -16.14 13.98
C CYS A 55 26.08 -15.33 13.51
N ASN A 56 24.99 -15.40 14.27
CA ASN A 56 23.87 -14.50 14.05
C ASN A 56 23.84 -13.46 15.18
N ILE A 57 22.79 -12.64 15.23
CA ILE A 57 22.70 -11.61 16.25
C ILE A 57 22.72 -12.21 17.65
N ALA A 58 22.02 -13.32 17.81
CA ALA A 58 21.93 -13.99 19.11
C ALA A 58 23.31 -14.38 19.60
N GLY A 59 24.08 -15.05 18.74
CA GLY A 59 25.42 -15.48 19.06
C GLY A 59 26.33 -14.33 19.45
N TRP A 60 26.18 -13.21 18.73
CA TRP A 60 27.01 -12.04 18.93
C TRP A 60 26.71 -11.34 20.27
N LEU A 61 25.43 -11.16 20.56
CA LEU A 61 25.03 -10.39 21.73
C LEU A 61 25.15 -11.17 23.05
N LEU A 62 24.90 -12.47 23.01
CA LEU A 62 25.05 -13.32 24.18
C LEU A 62 26.51 -13.66 24.40
N GLY A 63 27.26 -13.72 23.30
CA GLY A 63 28.67 -14.07 23.36
C GLY A 63 28.93 -15.57 23.22
N ASN A 64 28.24 -16.20 22.27
CA ASN A 64 28.48 -17.61 21.97
C ASN A 64 29.97 -17.83 21.69
N PRO A 65 30.55 -18.88 22.30
CA PRO A 65 31.99 -19.15 22.23
C PRO A 65 32.59 -19.06 20.81
N GLU A 66 31.83 -19.51 19.81
CA GLU A 66 32.31 -19.49 18.43
C GLU A 66 32.35 -18.08 17.84
N CYS A 67 31.93 -17.09 18.62
CA CYS A 67 31.81 -15.74 18.12
C CYS A 67 32.82 -14.77 18.74
N ASP A 68 33.93 -15.30 19.21
CA ASP A 68 34.88 -14.50 19.99
C ASP A 68 35.55 -13.38 19.19
N LEU A 69 35.59 -13.51 17.87
CA LEU A 69 36.10 -12.46 17.01
C LEU A 69 35.26 -11.18 17.18
N LEU A 70 33.98 -11.37 17.44
CA LEU A 70 33.05 -10.26 17.52
C LEU A 70 33.17 -9.49 18.82
N LEU A 71 33.95 -10.01 19.76
CA LEU A 71 34.12 -9.36 21.07
C LEU A 71 34.72 -7.97 20.93
N THR A 72 35.34 -7.71 19.79
CA THR A 72 36.02 -6.45 19.52
C THR A 72 35.05 -5.41 18.97
N ALA A 73 34.06 -5.87 18.22
CA ALA A 73 33.09 -5.01 17.57
C ALA A 73 32.63 -3.83 18.44
N SER A 74 32.62 -2.63 17.85
CA SER A 74 32.17 -1.45 18.56
C SER A 74 31.35 -0.51 17.67
N SER A 75 31.77 -0.36 16.42
CA SER A 75 31.03 0.51 15.50
C SER A 75 30.87 -0.11 14.12
N TRP A 76 29.76 0.20 13.47
CA TRP A 76 29.46 -0.36 12.15
C TRP A 76 28.51 0.54 11.39
N SER A 77 28.50 0.39 10.06
CA SER A 77 27.59 1.14 9.21
C SER A 77 26.31 0.34 8.97
N TYR A 78 26.45 -0.98 8.96
CA TYR A 78 25.34 -1.91 8.85
C TYR A 78 25.84 -3.30 9.21
N ILE A 79 24.91 -4.23 9.44
CA ILE A 79 25.28 -5.56 9.92
C ILE A 79 25.05 -6.60 8.84
N VAL A 80 25.91 -7.61 8.79
CA VAL A 80 25.80 -8.66 7.78
C VAL A 80 25.74 -10.05 8.38
N GLU A 81 24.68 -10.79 8.06
CA GLU A 81 24.62 -12.22 8.37
C GLU A 81 24.82 -12.99 7.07
N THR A 82 25.25 -14.24 7.16
CA THR A 82 25.48 -15.04 5.98
C THR A 82 24.59 -16.27 5.98
N SER A 83 24.71 -17.07 4.94
CA SER A 83 23.91 -18.28 4.79
C SER A 83 24.36 -19.33 5.81
N ASN A 84 25.45 -19.04 6.51
CA ASN A 84 26.00 -19.95 7.50
C ASN A 84 26.04 -19.34 8.90
N SER A 85 25.18 -18.37 9.14
CA SER A 85 25.06 -17.78 10.47
C SER A 85 24.11 -18.62 11.32
N GLU A 86 24.59 -19.75 11.83
CA GLU A 86 23.76 -20.62 12.63
C GLU A 86 24.27 -20.78 14.06
N ASN A 87 25.45 -20.26 14.33
CA ASN A 87 25.96 -20.25 15.71
C ASN A 87 25.41 -19.08 16.49
N GLY A 88 24.32 -19.32 17.22
CA GLY A 88 23.71 -18.30 18.06
C GLY A 88 23.41 -18.85 19.43
N THR A 89 22.20 -19.37 19.59
CA THR A 89 21.77 -19.93 20.85
C THR A 89 22.23 -21.39 20.98
N CYS A 90 23.34 -21.59 21.68
CA CYS A 90 23.96 -22.91 21.77
C CYS A 90 23.36 -23.81 22.85
N TYR A 91 22.79 -23.21 23.89
CA TYR A 91 21.98 -23.96 24.84
C TYR A 91 20.53 -23.79 24.42
N PRO A 92 19.82 -24.90 24.18
CA PRO A 92 18.47 -24.88 23.61
C PRO A 92 17.47 -24.07 24.44
N GLY A 93 16.62 -23.29 23.76
CA GLY A 93 15.60 -22.49 24.42
C GLY A 93 15.09 -21.38 23.54
N ASP A 94 14.18 -20.56 24.07
CA ASP A 94 13.60 -19.45 23.31
C ASP A 94 14.30 -18.12 23.62
N PHE A 95 14.59 -17.35 22.57
CA PHE A 95 15.05 -15.98 22.73
C PHE A 95 13.80 -15.09 22.64
N ILE A 96 13.31 -14.64 23.79
CA ILE A 96 12.05 -13.90 23.84
C ILE A 96 12.16 -12.53 23.17
N ASP A 97 11.17 -12.21 22.34
CA ASP A 97 11.15 -10.96 21.58
C ASP A 97 12.46 -10.76 20.85
N TYR A 98 12.93 -11.82 20.20
CA TYR A 98 14.20 -11.80 19.49
C TYR A 98 14.16 -10.94 18.23
N GLU A 99 13.06 -11.05 17.48
CA GLU A 99 12.89 -10.28 16.26
C GLU A 99 12.80 -8.79 16.59
N GLU A 100 12.11 -8.48 17.69
CA GLU A 100 12.03 -7.10 18.15
C GLU A 100 13.40 -6.53 18.51
N LEU A 101 14.29 -7.38 19.02
CA LEU A 101 15.65 -6.97 19.37
C LEU A 101 16.46 -6.68 18.11
N ARG A 102 16.27 -7.49 17.08
CA ARG A 102 16.94 -7.25 15.81
C ARG A 102 16.49 -5.92 15.20
N GLU A 103 15.22 -5.59 15.39
CA GLU A 103 14.68 -4.32 14.91
C GLU A 103 15.34 -3.15 15.62
N GLN A 104 15.51 -3.30 16.93
CA GLN A 104 16.18 -2.28 17.74
C GLN A 104 17.61 -2.06 17.27
N LEU A 105 18.32 -3.15 17.02
CA LEU A 105 19.72 -3.11 16.60
C LEU A 105 19.89 -2.41 15.26
N SER A 106 18.81 -2.35 14.48
CA SER A 106 18.83 -1.72 13.16
C SER A 106 19.08 -0.22 13.22
N SER A 107 18.74 0.40 14.34
CA SER A 107 18.97 1.83 14.53
C SER A 107 20.10 2.09 15.51
N VAL A 108 20.99 1.11 15.66
CA VAL A 108 22.16 1.24 16.51
C VAL A 108 23.42 1.30 15.66
N SER A 109 24.22 2.33 15.85
CA SER A 109 25.41 2.54 15.01
C SER A 109 26.70 2.12 15.71
N SER A 110 26.66 2.04 17.03
CA SER A 110 27.83 1.64 17.81
C SER A 110 27.44 1.50 19.28
N PHE A 111 28.27 0.82 20.06
CA PHE A 111 28.06 0.73 21.51
C PHE A 111 29.37 0.57 22.28
N GLU A 112 29.31 0.76 23.59
CA GLU A 112 30.43 0.38 24.45
C GLU A 112 30.05 -0.78 25.35
N LYS A 113 30.75 -1.90 25.16
CA LYS A 113 30.55 -3.06 26.00
C LYS A 113 31.19 -2.79 27.35
N PHE A 114 30.57 -3.28 28.41
CA PHE A 114 31.10 -3.08 29.75
C PHE A 114 30.63 -4.16 30.71
N GLU A 115 31.47 -4.44 31.70
CA GLU A 115 31.14 -5.46 32.70
C GLU A 115 30.14 -4.89 33.70
N ILE A 116 28.86 -5.23 33.50
CA ILE A 116 27.80 -4.72 34.37
C ILE A 116 27.83 -5.33 35.77
N PHE A 117 27.87 -6.65 35.84
CA PHE A 117 28.01 -7.32 37.13
C PHE A 117 29.28 -8.14 37.12
N PRO A 118 30.41 -7.52 37.50
CA PRO A 118 31.71 -8.20 37.49
C PRO A 118 31.62 -9.57 38.13
N LYS A 119 32.15 -10.59 37.44
CA LYS A 119 32.02 -11.97 37.86
C LYS A 119 32.68 -12.27 39.20
N THR A 120 33.85 -11.68 39.44
CA THR A 120 34.62 -11.99 40.63
C THR A 120 34.17 -11.28 41.90
N SER A 121 33.37 -10.22 41.75
CA SER A 121 32.97 -9.43 42.91
C SER A 121 31.48 -9.47 43.22
N SER A 122 30.65 -9.73 42.22
CA SER A 122 29.20 -9.55 42.34
C SER A 122 28.46 -10.63 43.14
N TRP A 123 29.05 -11.82 43.23
CA TRP A 123 28.30 -12.96 43.75
C TRP A 123 28.97 -13.70 44.91
N PRO A 124 29.15 -13.02 46.05
CA PRO A 124 29.88 -13.57 47.19
C PRO A 124 29.29 -14.89 47.67
N ASN A 125 27.97 -15.00 47.68
CA ASN A 125 27.29 -16.14 48.30
C ASN A 125 26.82 -17.20 47.30
N HIS A 126 27.27 -17.12 46.06
CA HIS A 126 26.91 -18.09 45.04
C HIS A 126 28.15 -18.52 44.28
N GLU A 127 28.06 -19.65 43.58
CA GLU A 127 29.19 -20.16 42.83
C GLU A 127 29.14 -19.65 41.39
N THR A 128 30.21 -18.97 40.99
CA THR A 128 30.30 -18.36 39.67
C THR A 128 31.05 -19.26 38.71
N THR A 129 31.80 -20.19 39.27
CA THR A 129 32.52 -21.18 38.47
C THR A 129 31.57 -22.32 38.18
N LYS A 130 32.00 -23.33 37.45
CA LYS A 130 31.11 -24.46 37.29
C LYS A 130 29.97 -24.25 36.32
N GLY A 131 29.79 -23.03 35.86
CA GLY A 131 28.61 -22.69 35.08
C GLY A 131 28.82 -22.93 33.59
N VAL A 132 29.18 -24.16 33.24
CA VAL A 132 29.49 -24.48 31.86
C VAL A 132 28.63 -25.64 31.35
N THR A 133 28.66 -25.86 30.04
CA THR A 133 27.85 -26.92 29.43
C THR A 133 28.49 -27.46 28.16
N ALA A 134 28.24 -28.73 27.88
CA ALA A 134 28.75 -29.35 26.66
C ALA A 134 28.11 -28.74 25.42
N ALA A 135 26.88 -28.24 25.57
CA ALA A 135 26.16 -27.65 24.44
C ALA A 135 26.73 -26.30 24.02
N CYS A 136 27.65 -25.77 24.83
CA CYS A 136 28.37 -24.56 24.47
C CYS A 136 29.87 -24.81 24.53
N SER A 137 30.30 -25.95 24.01
CA SER A 137 31.70 -26.35 24.10
C SER A 137 32.58 -25.50 23.19
N TYR A 138 33.85 -25.45 23.53
CA TYR A 138 34.81 -24.61 22.83
C TYR A 138 36.19 -25.15 23.14
N ALA A 139 36.99 -25.36 22.10
CA ALA A 139 38.32 -25.93 22.26
C ALA A 139 38.24 -27.29 22.95
N GLY A 140 37.25 -28.09 22.56
CA GLY A 140 37.13 -29.44 23.08
C GLY A 140 36.68 -29.55 24.53
N ALA A 141 36.45 -28.40 25.17
CA ALA A 141 36.02 -28.39 26.56
C ALA A 141 34.66 -27.72 26.69
N SER A 142 33.93 -28.07 27.74
CA SER A 142 32.66 -27.41 28.01
C SER A 142 32.91 -25.95 28.37
N SER A 143 32.05 -25.07 27.85
CA SER A 143 32.16 -23.65 28.13
C SER A 143 30.77 -23.02 28.22
N PHE A 144 30.72 -21.71 28.06
CA PHE A 144 29.46 -20.98 28.17
C PHE A 144 29.54 -19.61 27.52
N TYR A 145 28.41 -18.91 27.45
CA TYR A 145 28.35 -17.57 26.91
C TYR A 145 29.34 -16.64 27.63
N ARG A 146 29.93 -15.71 26.89
CA ARG A 146 30.90 -14.79 27.46
C ARG A 146 30.23 -13.64 28.18
N ASN A 147 29.05 -13.26 27.71
CA ASN A 147 28.36 -12.09 28.25
C ASN A 147 27.35 -12.44 29.34
N LEU A 148 27.27 -13.73 29.66
CA LEU A 148 26.31 -14.24 30.65
C LEU A 148 27.02 -15.12 31.69
N LEU A 149 26.44 -15.20 32.89
CA LEU A 149 27.05 -15.94 33.99
C LEU A 149 26.07 -16.90 34.66
N TRP A 150 26.30 -18.19 34.49
CA TRP A 150 25.42 -19.21 35.05
C TRP A 150 25.67 -19.44 36.53
N LEU A 151 24.85 -18.83 37.38
CA LEU A 151 25.02 -18.97 38.82
C LEU A 151 24.38 -20.24 39.36
N THR A 152 25.09 -20.92 40.24
CA THR A 152 24.52 -22.07 40.94
C THR A 152 24.72 -21.93 42.44
N LYS A 153 24.34 -22.95 43.18
CA LYS A 153 24.38 -22.91 44.63
C LYS A 153 25.76 -23.22 45.19
N LYS A 154 26.23 -22.36 46.10
CA LYS A 154 27.48 -22.61 46.80
C LYS A 154 27.25 -23.78 47.75
N GLY A 155 27.79 -24.93 47.37
CA GLY A 155 27.65 -26.16 48.15
C GLY A 155 26.44 -26.20 49.05
N SER A 156 25.33 -26.71 48.52
CA SER A 156 24.14 -26.98 49.32
C SER A 156 23.30 -25.76 49.69
N SER A 157 23.73 -24.56 49.29
CA SER A 157 22.95 -23.37 49.59
C SER A 157 22.81 -22.37 48.45
N TYR A 158 21.57 -21.98 48.16
CA TYR A 158 21.29 -20.91 47.21
C TYR A 158 20.56 -19.78 47.92
N PRO A 159 21.32 -18.90 48.59
CA PRO A 159 20.68 -17.79 49.31
C PRO A 159 19.99 -16.89 48.30
N LYS A 160 18.91 -16.24 48.71
CA LYS A 160 18.24 -15.28 47.83
C LYS A 160 19.21 -14.18 47.44
N LEU A 161 19.37 -13.94 46.13
CA LEU A 161 20.28 -12.92 45.65
C LEU A 161 19.54 -11.65 45.25
N SER A 162 20.22 -10.52 45.36
CA SER A 162 19.64 -9.23 44.98
C SER A 162 20.74 -8.29 44.56
N LYS A 163 20.79 -8.00 43.25
CA LYS A 163 21.84 -7.17 42.67
C LYS A 163 21.23 -6.09 41.78
N SER A 164 21.63 -4.85 41.99
CA SER A 164 21.10 -3.74 41.19
C SER A 164 22.19 -2.98 40.44
N TYR A 165 21.80 -2.37 39.34
CA TYR A 165 22.71 -1.52 38.58
C TYR A 165 22.02 -0.23 38.16
N VAL A 166 22.69 0.89 38.39
CA VAL A 166 22.19 2.18 37.97
C VAL A 166 22.84 2.56 36.65
N ASN A 167 22.06 3.04 35.71
CA ASN A 167 22.59 3.42 34.42
C ASN A 167 23.20 4.78 34.47
N ASN A 168 24.50 4.80 34.69
CA ASN A 168 25.29 6.02 34.82
C ASN A 168 25.90 6.46 33.53
N LYS A 169 25.50 5.83 32.45
CA LYS A 169 26.01 6.16 31.14
C LYS A 169 25.19 7.33 30.60
N GLY A 170 25.48 7.75 29.39
CA GLY A 170 24.73 8.83 28.77
C GLY A 170 23.64 8.32 27.84
N LYS A 171 23.52 7.00 27.76
CA LYS A 171 22.73 6.35 26.73
C LYS A 171 21.97 5.17 27.27
N GLU A 172 21.21 4.52 26.40
CA GLU A 172 20.53 3.30 26.73
C GLU A 172 21.56 2.21 27.04
N VAL A 173 21.24 1.36 28.00
CA VAL A 173 22.07 0.20 28.26
C VAL A 173 21.26 -1.07 27.95
N LEU A 174 21.75 -1.85 26.99
CA LEU A 174 21.10 -3.10 26.63
C LEU A 174 21.52 -4.21 27.61
N VAL A 175 20.59 -4.62 28.46
CA VAL A 175 20.86 -5.68 29.40
C VAL A 175 20.25 -6.98 28.90
N LEU A 176 21.03 -8.06 28.90
CA LEU A 176 20.50 -9.38 28.60
C LEU A 176 20.65 -10.32 29.80
N TRP A 177 19.81 -11.36 29.82
CA TRP A 177 19.92 -12.40 30.84
C TRP A 177 19.17 -13.65 30.39
N GLY A 178 19.12 -14.65 31.27
CA GLY A 178 18.44 -15.88 30.94
C GLY A 178 17.88 -16.56 32.16
N VAL A 179 16.86 -17.39 31.96
CA VAL A 179 16.32 -18.21 33.03
C VAL A 179 16.44 -19.67 32.61
N HIS A 180 16.91 -20.51 33.53
CA HIS A 180 17.14 -21.91 33.22
C HIS A 180 15.97 -22.78 33.63
N HIS A 181 15.61 -23.72 32.76
CA HIS A 181 14.49 -24.62 33.00
C HIS A 181 14.93 -26.07 32.96
N PRO A 182 15.27 -26.65 34.12
CA PRO A 182 15.70 -28.05 34.21
C PRO A 182 14.60 -28.97 33.73
N PRO A 183 14.94 -30.22 33.38
CA PRO A 183 13.98 -31.24 32.94
C PRO A 183 13.22 -31.85 34.12
N THR A 184 13.83 -31.91 35.29
CA THR A 184 13.21 -32.55 36.45
C THR A 184 13.32 -31.71 37.72
N GLY A 185 12.72 -32.20 38.79
CA GLY A 185 12.84 -31.57 40.10
C GLY A 185 14.15 -31.95 40.76
N THR A 186 14.62 -33.17 40.50
CA THR A 186 15.89 -33.64 41.02
C THR A 186 16.98 -32.68 40.58
N ASP A 187 16.95 -32.34 39.28
CA ASP A 187 17.92 -31.41 38.69
C ASP A 187 17.80 -30.00 39.26
N GLN A 188 16.56 -29.50 39.33
CA GLN A 188 16.29 -28.20 39.92
C GLN A 188 16.99 -28.04 41.27
N GLN A 189 17.10 -29.13 42.02
CA GLN A 189 17.68 -29.10 43.37
C GLN A 189 19.17 -29.36 43.39
N SER A 190 19.69 -30.03 42.38
CA SER A 190 21.13 -30.26 42.31
C SER A 190 21.84 -28.99 41.86
N LEU A 191 21.10 -28.13 41.17
CA LEU A 191 21.65 -26.87 40.68
C LEU A 191 21.32 -25.70 41.60
N TYR A 192 20.08 -25.64 42.07
CA TYR A 192 19.58 -24.44 42.74
C TYR A 192 19.38 -24.71 44.24
N GLN A 193 18.84 -25.86 44.57
CA GLN A 193 18.47 -26.15 45.93
C GLN A 193 17.20 -25.74 46.62
N ASN A 194 16.56 -24.75 46.05
CA ASN A 194 15.15 -24.39 46.15
C ASN A 194 14.30 -25.01 45.04
N ALA A 195 13.32 -25.82 45.43
CA ALA A 195 12.44 -26.46 44.46
C ALA A 195 11.37 -25.49 43.95
N ASP A 196 11.23 -24.35 44.64
CA ASP A 196 10.30 -23.32 44.22
C ASP A 196 10.99 -21.98 43.98
N ALA A 197 11.80 -21.91 42.94
CA ALA A 197 12.58 -20.70 42.67
C ALA A 197 11.81 -19.70 41.82
N TYR A 198 12.25 -18.45 41.86
CA TYR A 198 11.71 -17.42 40.99
C TYR A 198 12.83 -16.49 40.58
N VAL A 199 12.69 -15.89 39.41
CA VAL A 199 13.59 -14.83 38.98
C VAL A 199 12.79 -13.55 38.82
N SER A 200 13.24 -12.48 39.46
CA SER A 200 12.52 -11.22 39.43
C SER A 200 13.38 -10.11 38.83
N VAL A 201 12.96 -9.59 37.69
CA VAL A 201 13.67 -8.50 37.03
C VAL A 201 12.80 -7.26 36.95
N GLY A 202 13.32 -6.13 37.42
CA GLY A 202 12.54 -4.91 37.44
C GLY A 202 13.36 -3.64 37.31
N SER A 203 12.84 -2.69 36.53
CA SER A 203 13.37 -1.33 36.46
C SER A 203 12.24 -0.36 36.73
N SER A 204 12.31 0.81 36.15
CA SER A 204 11.22 1.77 36.31
C SER A 204 10.08 1.52 35.34
N LYS A 205 10.36 0.82 34.25
CA LYS A 205 9.33 0.50 33.26
C LYS A 205 9.21 -0.99 32.95
N TYR A 206 10.20 -1.77 33.39
CA TYR A 206 10.19 -3.22 33.26
C TYR A 206 9.85 -3.88 34.60
N ASN A 207 8.93 -4.84 34.57
CA ASN A 207 8.63 -5.65 35.74
C ASN A 207 8.14 -7.02 35.29
N ARG A 208 8.95 -8.05 35.50
CA ARG A 208 8.58 -9.38 35.05
C ARG A 208 9.10 -10.45 36.00
N ARG A 209 8.32 -11.53 36.14
CA ARG A 209 8.64 -12.61 37.06
C ARG A 209 8.75 -13.92 36.28
N PHE A 210 9.81 -14.69 36.54
CA PHE A 210 10.02 -15.93 35.83
C PHE A 210 10.08 -17.12 36.77
N THR A 211 9.18 -18.08 36.55
CA THR A 211 9.21 -19.33 37.29
C THR A 211 9.67 -20.44 36.37
N PRO A 212 10.54 -21.32 36.89
CA PRO A 212 11.07 -22.44 36.11
C PRO A 212 9.94 -23.29 35.57
N GLU A 213 9.98 -23.63 34.28
CA GLU A 213 8.97 -24.50 33.70
C GLU A 213 9.51 -25.93 33.59
N ILE A 214 9.49 -26.66 34.70
CA ILE A 214 9.97 -28.04 34.72
C ILE A 214 9.06 -29.00 33.94
N ALA A 215 9.60 -29.65 32.92
CA ALA A 215 8.86 -30.62 32.11
C ALA A 215 9.84 -31.60 31.46
N ALA A 216 9.35 -32.79 31.13
CA ALA A 216 10.19 -33.79 30.46
C ALA A 216 10.24 -33.51 28.96
N ARG A 217 11.45 -33.35 28.43
CA ARG A 217 11.62 -33.00 27.02
C ARG A 217 12.66 -33.87 26.33
N PRO A 218 12.68 -33.82 24.98
CA PRO A 218 13.73 -34.46 24.20
C PRO A 218 15.05 -33.74 24.47
N LYS A 219 16.17 -34.35 24.09
CA LYS A 219 17.44 -33.66 24.18
C LYS A 219 17.69 -32.86 22.92
N VAL A 220 18.21 -31.63 23.10
CA VAL A 220 18.63 -30.81 21.98
C VAL A 220 20.08 -30.39 22.23
N ARG A 221 20.96 -30.82 21.33
CA ARG A 221 22.39 -30.69 21.53
C ARG A 221 22.79 -31.33 22.86
N GLY A 222 22.17 -32.46 23.16
CA GLY A 222 22.53 -33.23 24.34
C GLY A 222 21.89 -32.79 25.64
N GLN A 223 20.97 -31.85 25.58
CA GLN A 223 20.38 -31.30 26.80
C GLN A 223 18.86 -31.34 26.82
N ALA A 224 18.31 -31.91 27.88
CA ALA A 224 16.87 -31.89 28.09
C ALA A 224 16.44 -30.57 28.72
N GLY A 225 17.36 -29.95 29.46
CA GLY A 225 17.13 -28.64 30.03
C GLY A 225 17.00 -27.57 28.94
N ARG A 226 16.42 -26.43 29.31
CA ARG A 226 16.22 -25.34 28.36
C ARG A 226 16.61 -24.02 28.98
N MET A 227 16.84 -23.02 28.13
CA MET A 227 17.23 -21.71 28.60
C MET A 227 16.51 -20.64 27.78
N ASN A 228 15.69 -19.84 28.43
CA ASN A 228 15.07 -18.70 27.76
C ASN A 228 15.93 -17.47 27.97
N TYR A 229 16.05 -16.66 26.92
CA TYR A 229 16.91 -15.49 26.97
C TYR A 229 16.08 -14.22 26.90
N TYR A 230 16.44 -13.23 27.72
CA TYR A 230 15.66 -12.02 27.83
C TYR A 230 16.53 -10.78 27.69
N TRP A 231 15.91 -9.66 27.32
CA TRP A 231 16.62 -8.40 27.17
C TRP A 231 15.71 -7.24 27.47
N THR A 232 16.30 -6.14 27.90
CA THR A 232 15.55 -4.90 28.08
C THR A 232 16.47 -3.71 27.85
N LEU A 233 15.87 -2.56 27.55
CA LEU A 233 16.64 -1.33 27.36
C LEU A 233 16.49 -0.45 28.59
N LEU A 234 17.59 -0.30 29.33
CA LEU A 234 17.60 0.49 30.55
C LEU A 234 17.89 1.96 30.24
N GLU A 235 16.88 2.82 30.43
CA GLU A 235 17.01 4.24 30.16
C GLU A 235 18.02 4.92 31.09
N PRO A 236 18.64 6.01 30.62
CA PRO A 236 19.64 6.77 31.38
C PRO A 236 19.13 7.20 32.75
N GLY A 237 19.89 6.87 33.79
CA GLY A 237 19.51 7.22 35.14
C GLY A 237 18.66 6.15 35.81
N ASP A 238 18.07 5.28 35.00
CA ASP A 238 17.20 4.23 35.53
C ASP A 238 18.00 3.10 36.17
N THR A 239 17.32 2.33 37.01
CA THR A 239 17.96 1.25 37.76
C THR A 239 17.29 -0.07 37.43
N ILE A 240 18.08 -1.12 37.24
CA ILE A 240 17.53 -2.45 37.07
C ILE A 240 17.92 -3.34 38.25
N THR A 241 16.93 -4.03 38.81
CA THR A 241 17.16 -4.88 39.98
C THR A 241 16.86 -6.34 39.68
N PHE A 242 17.86 -7.20 39.88
CA PHE A 242 17.68 -8.64 39.73
C PHE A 242 17.49 -9.30 41.08
N GLU A 243 16.44 -10.10 41.19
CA GLU A 243 16.16 -10.86 42.41
C GLU A 243 15.92 -12.32 42.03
N ALA A 244 16.46 -13.27 42.77
CA ALA A 244 16.31 -14.68 42.40
C ALA A 244 16.61 -15.61 43.55
N THR A 245 15.91 -16.74 43.57
CA THR A 245 16.16 -17.82 44.52
C THR A 245 16.53 -19.08 43.74
N GLY A 246 16.96 -18.89 42.50
CA GLY A 246 17.41 -19.98 41.64
C GLY A 246 17.16 -19.68 40.18
N ASN A 247 17.82 -20.43 39.31
CA ASN A 247 17.54 -20.43 37.87
C ASN A 247 17.96 -19.20 37.07
N LEU A 248 18.61 -18.24 37.71
CA LEU A 248 19.02 -17.04 37.01
C LEU A 248 20.35 -17.21 36.29
N ILE A 249 20.34 -17.05 34.98
CA ILE A 249 21.56 -16.85 34.22
C ILE A 249 21.83 -15.35 34.21
N ALA A 250 22.66 -14.91 35.15
CA ALA A 250 22.85 -13.49 35.41
C ALA A 250 23.53 -12.77 34.25
N PRO A 251 23.32 -11.45 34.16
CA PRO A 251 24.06 -10.63 33.19
C PRO A 251 25.50 -10.49 33.64
N TRP A 252 26.44 -10.58 32.71
CA TRP A 252 27.84 -10.36 33.04
C TRP A 252 28.29 -9.08 32.34
N TYR A 253 28.13 -9.05 31.02
CA TYR A 253 28.46 -7.88 30.22
C TYR A 253 27.22 -7.29 29.58
N ALA A 254 27.12 -5.96 29.60
CA ALA A 254 26.02 -5.25 28.96
C ALA A 254 26.58 -4.37 27.85
N PHE A 255 25.69 -3.61 27.18
CA PHE A 255 26.11 -2.73 26.09
C PHE A 255 25.48 -1.35 26.19
N ALA A 256 26.31 -0.31 26.20
CA ALA A 256 25.82 1.06 26.16
C ALA A 256 25.64 1.50 24.71
N LEU A 257 24.40 1.74 24.30
CA LEU A 257 24.05 1.90 22.89
C LEU A 257 24.16 3.33 22.36
N ASN A 258 24.52 3.44 21.09
CA ASN A 258 24.48 4.72 20.38
C ASN A 258 23.53 4.65 19.20
N ARG A 259 22.47 5.43 19.26
CA ARG A 259 21.47 5.44 18.20
C ARG A 259 21.98 6.14 16.95
N GLY A 260 21.42 5.78 15.81
CA GLY A 260 21.75 6.38 14.54
C GLY A 260 20.79 5.86 13.49
N SER A 261 20.49 6.67 12.48
CA SER A 261 19.57 6.26 11.43
C SER A 261 20.33 5.91 10.16
N GLY A 262 19.72 5.07 9.33
CA GLY A 262 20.31 4.71 8.05
C GLY A 262 21.11 3.42 8.08
N SER A 263 20.90 2.61 9.12
CA SER A 263 21.57 1.33 9.22
C SER A 263 20.54 0.20 9.19
N GLY A 264 21.02 -1.03 9.19
CA GLY A 264 20.16 -2.19 9.17
C GLY A 264 20.93 -3.48 9.10
N ILE A 265 20.21 -4.59 9.10
CA ILE A 265 20.82 -5.90 8.99
C ILE A 265 20.46 -6.48 7.63
N ILE A 266 21.45 -7.00 6.92
CA ILE A 266 21.20 -7.64 5.64
C ILE A 266 21.79 -9.03 5.63
N THR A 267 21.29 -9.88 4.73
CA THR A 267 21.85 -11.20 4.55
C THR A 267 22.58 -11.23 3.22
N SER A 268 23.87 -11.58 3.25
CA SER A 268 24.69 -11.56 2.05
C SER A 268 25.91 -12.46 2.16
N ASP A 269 26.23 -13.14 1.06
CA ASP A 269 27.43 -13.96 0.98
C ASP A 269 28.50 -13.25 0.16
N ALA A 270 28.22 -12.00 -0.18
CA ALA A 270 29.18 -11.16 -0.89
C ALA A 270 30.34 -10.81 0.04
N PRO A 271 31.56 -10.74 -0.52
CA PRO A 271 32.75 -10.39 0.27
C PRO A 271 32.79 -8.91 0.63
N VAL A 272 33.33 -8.60 1.81
CA VAL A 272 33.59 -7.23 2.20
C VAL A 272 34.92 -6.80 1.60
N HIS A 273 34.96 -5.59 1.07
CA HIS A 273 36.18 -5.06 0.47
C HIS A 273 36.45 -3.64 0.92
N ASP A 274 37.72 -3.26 0.94
CA ASP A 274 38.11 -1.91 1.31
C ASP A 274 37.67 -0.95 0.20
N CYS A 275 36.41 -0.55 0.25
CA CYS A 275 35.86 0.39 -0.72
C CYS A 275 34.69 1.15 -0.10
N ASN A 276 34.24 2.21 -0.75
CA ASN A 276 33.19 3.05 -0.20
C ASN A 276 32.02 3.25 -1.16
N THR A 277 30.84 3.49 -0.61
CA THR A 277 29.64 3.65 -1.43
C THR A 277 28.56 4.47 -0.71
N LYS A 278 27.55 4.87 -1.46
CA LYS A 278 26.42 5.60 -0.89
C LYS A 278 25.15 4.77 -1.00
N CYS A 279 25.28 3.61 -1.64
CA CYS A 279 24.16 2.69 -1.81
C CYS A 279 24.63 1.24 -1.78
N GLN A 280 24.22 0.52 -0.74
CA GLN A 280 24.63 -0.86 -0.58
C GLN A 280 23.45 -1.82 -0.70
N THR A 281 23.67 -2.95 -1.39
CA THR A 281 22.66 -3.99 -1.48
C THR A 281 23.30 -5.35 -1.21
N PRO A 282 22.47 -6.33 -0.82
CA PRO A 282 22.96 -7.69 -0.57
C PRO A 282 23.81 -8.24 -1.71
N HIS A 283 23.51 -7.86 -2.95
CA HIS A 283 24.27 -8.36 -4.09
C HIS A 283 25.59 -7.60 -4.27
N GLY A 284 25.54 -6.30 -4.09
CA GLY A 284 26.72 -5.46 -4.23
C GLY A 284 26.36 -3.99 -4.08
N ALA A 285 27.35 -3.12 -4.18
CA ALA A 285 27.12 -1.69 -4.04
C ALA A 285 26.64 -1.08 -5.36
N ILE A 286 26.07 0.12 -5.29
CA ILE A 286 25.56 0.80 -6.48
C ILE A 286 26.02 2.25 -6.56
N ASN A 287 26.68 2.58 -7.67
CA ASN A 287 27.11 3.95 -7.92
C ASN A 287 26.35 4.50 -9.12
N SER A 288 25.22 5.12 -8.87
CA SER A 288 24.35 5.59 -9.94
C SER A 288 23.49 6.78 -9.53
N SER A 289 23.14 7.59 -10.53
CA SER A 289 22.25 8.72 -10.33
C SER A 289 20.89 8.45 -10.97
N LEU A 290 20.75 7.25 -11.55
CA LEU A 290 19.50 6.83 -12.17
C LEU A 290 18.36 6.71 -11.14
N PRO A 291 17.12 6.94 -11.58
CA PRO A 291 15.94 6.92 -10.71
C PRO A 291 15.51 5.51 -10.30
N PHE A 292 15.92 4.50 -11.07
CA PHE A 292 15.48 3.13 -10.80
C PHE A 292 16.61 2.12 -10.79
N GLN A 293 16.33 0.95 -10.22
CA GLN A 293 17.24 -0.18 -10.23
C GLN A 293 16.48 -1.49 -10.03
N ASN A 294 16.97 -2.56 -10.66
CA ASN A 294 16.31 -3.86 -10.56
C ASN A 294 17.22 -4.89 -9.89
N ILE A 295 18.16 -4.40 -9.09
CA ILE A 295 19.16 -5.25 -8.47
C ILE A 295 18.65 -5.96 -7.23
N HIS A 296 18.06 -5.20 -6.31
CA HIS A 296 17.59 -5.77 -5.06
C HIS A 296 16.63 -4.85 -4.32
N PRO A 297 15.58 -5.42 -3.71
CA PRO A 297 14.64 -4.63 -2.90
C PRO A 297 15.32 -4.11 -1.64
N VAL A 298 16.19 -4.92 -1.05
CA VAL A 298 16.87 -4.54 0.19
C VAL A 298 17.98 -3.54 -0.09
N THR A 299 17.90 -2.39 0.56
CA THR A 299 18.82 -1.28 0.29
C THR A 299 19.30 -0.62 1.58
N ILE A 300 20.50 -0.04 1.53
CA ILE A 300 21.05 0.71 2.66
C ILE A 300 21.81 1.94 2.20
N GLY A 301 21.32 3.11 2.59
CA GLY A 301 21.92 4.37 2.19
C GLY A 301 20.99 5.16 1.29
N GLU A 302 21.54 5.74 0.23
CA GLU A 302 20.73 6.46 -0.75
C GLU A 302 20.71 5.71 -2.07
N CYS A 303 19.58 5.07 -2.37
CA CYS A 303 19.49 4.21 -3.54
C CYS A 303 18.35 4.58 -4.48
N PRO A 304 18.48 4.17 -5.75
CA PRO A 304 17.38 4.32 -6.71
C PRO A 304 16.21 3.43 -6.33
N LYS A 305 15.00 3.85 -6.67
CA LYS A 305 13.81 3.06 -6.38
C LYS A 305 13.90 1.68 -7.02
N TYR A 306 13.66 0.64 -6.24
CA TYR A 306 13.68 -0.72 -6.78
C TYR A 306 12.45 -1.01 -7.62
N VAL A 307 12.62 -1.86 -8.62
CA VAL A 307 11.56 -2.13 -9.57
C VAL A 307 11.83 -3.45 -10.28
N ARG A 308 10.78 -4.11 -10.76
CA ARG A 308 10.94 -5.42 -11.40
C ARG A 308 11.36 -5.29 -12.87
N SER A 309 11.19 -4.10 -13.43
CA SER A 309 11.42 -3.85 -14.85
C SER A 309 12.76 -4.36 -15.35
N THR A 310 12.78 -4.86 -16.58
CA THR A 310 14.01 -5.29 -17.21
C THR A 310 14.60 -4.17 -18.05
N LYS A 311 13.72 -3.30 -18.54
CA LYS A 311 14.15 -2.19 -19.39
C LYS A 311 13.32 -0.94 -19.14
N LEU A 312 14.01 0.18 -18.88
CA LEU A 312 13.34 1.46 -18.69
C LEU A 312 14.05 2.56 -19.45
N ARG A 313 13.93 2.54 -20.78
CA ARG A 313 14.61 3.51 -21.63
C ARG A 313 13.62 4.53 -22.20
N MET A 314 13.88 5.79 -21.90
CA MET A 314 13.01 6.89 -22.33
C MET A 314 13.62 7.63 -23.52
N ALA A 315 12.79 7.87 -24.54
CA ALA A 315 13.24 8.51 -25.77
C ALA A 315 13.43 10.02 -25.62
N THR A 316 14.49 10.54 -26.22
CA THR A 316 14.74 11.98 -26.21
C THR A 316 14.78 12.53 -27.62
N GLY A 317 15.46 11.80 -28.51
CA GLY A 317 15.50 12.16 -29.91
C GLY A 317 14.25 11.70 -30.63
N LEU A 318 14.28 11.74 -31.95
CA LEU A 318 13.15 11.30 -32.76
C LEU A 318 13.41 9.93 -33.36
N ARG A 319 12.45 9.43 -34.13
CA ARG A 319 12.62 8.20 -34.88
C ARG A 319 13.88 8.28 -35.74
N ASN A 320 14.64 7.19 -35.79
CA ASN A 320 15.86 7.15 -36.59
C ASN A 320 15.65 6.49 -37.95
N ILE A 321 15.88 7.25 -39.02
CA ILE A 321 15.66 6.76 -40.38
C ILE A 321 16.80 7.18 -41.32
N PRO A 322 17.88 6.39 -41.35
CA PRO A 322 19.04 6.65 -42.21
C PRO A 322 18.71 6.58 -43.70
N ALA A 323 17.86 5.62 -44.08
CA ALA A 323 17.44 5.46 -45.48
C ALA A 323 18.60 5.59 -46.47
N ARG A 324 19.62 4.76 -46.29
CA ARG A 324 20.80 4.79 -47.17
C ARG A 324 20.47 4.34 -48.59
N GLY B 1 3.93 10.65 -38.70
CA GLY B 1 3.34 9.98 -37.55
C GLY B 1 1.97 10.57 -37.23
N LEU B 2 1.76 10.90 -35.96
CA LEU B 2 0.48 11.48 -35.56
C LEU B 2 0.23 12.79 -36.30
N PHE B 3 1.30 13.38 -36.81
CA PHE B 3 1.21 14.64 -37.54
C PHE B 3 1.69 14.50 -38.99
N GLY B 4 1.82 13.26 -39.44
CA GLY B 4 2.09 12.97 -40.83
C GLY B 4 3.35 13.59 -41.42
N ALA B 5 4.16 14.21 -40.58
CA ALA B 5 5.42 14.79 -41.05
C ALA B 5 6.55 13.76 -41.07
N ILE B 6 7.00 13.35 -39.89
CA ILE B 6 8.07 12.36 -39.80
C ILE B 6 7.57 10.97 -40.23
N ALA B 7 8.38 10.30 -41.05
CA ALA B 7 7.96 9.03 -41.65
C ALA B 7 6.62 9.17 -42.37
N GLY B 8 6.32 10.39 -42.80
CA GLY B 8 5.08 10.69 -43.49
C GLY B 8 5.33 11.36 -44.83
N PHE B 9 5.00 12.64 -44.94
CA PHE B 9 5.19 13.34 -46.19
C PHE B 9 6.65 13.73 -46.38
N ILE B 10 7.44 13.55 -45.33
CA ILE B 10 8.89 13.57 -45.45
C ILE B 10 9.41 12.18 -45.13
N GLU B 11 9.45 11.34 -46.15
CA GLU B 11 9.74 9.90 -46.00
C GLU B 11 10.87 9.57 -45.02
N GLY B 12 12.02 10.22 -45.18
CA GLY B 12 13.19 9.87 -44.39
C GLY B 12 13.93 11.04 -43.76
N GLY B 13 14.92 10.71 -42.93
CA GLY B 13 15.74 11.70 -42.27
C GLY B 13 17.10 11.88 -42.91
N TRP B 14 17.94 12.71 -42.29
CA TRP B 14 19.23 13.08 -42.87
C TRP B 14 20.40 12.77 -41.96
N THR B 15 21.13 11.70 -42.25
CA THR B 15 22.34 11.37 -41.50
C THR B 15 23.38 12.46 -41.73
N GLY B 16 23.08 13.37 -42.67
CA GLY B 16 24.03 14.41 -43.06
C GLY B 16 23.94 15.69 -42.25
N MET B 17 22.81 15.92 -41.59
CA MET B 17 22.65 17.11 -40.75
C MET B 17 22.94 16.77 -39.29
N ILE B 18 24.12 17.12 -38.81
CA ILE B 18 24.56 16.71 -37.49
C ILE B 18 24.56 17.82 -36.44
N ASP B 19 24.03 18.99 -36.82
CA ASP B 19 24.05 20.15 -35.91
C ASP B 19 22.82 20.22 -35.01
N GLY B 20 21.78 19.47 -35.35
CA GLY B 20 20.54 19.53 -34.59
C GLY B 20 19.45 18.58 -35.06
N TRP B 21 18.28 18.67 -34.46
CA TRP B 21 17.16 17.79 -34.79
C TRP B 21 16.44 18.18 -36.09
N TYR B 22 16.00 19.44 -36.18
CA TYR B 22 15.32 19.91 -37.38
C TYR B 22 16.16 20.96 -38.11
N GLY B 23 16.02 21.04 -39.43
CA GLY B 23 16.78 21.98 -40.21
C GLY B 23 16.44 21.98 -41.70
N TYR B 24 17.39 22.46 -42.51
CA TYR B 24 17.17 22.63 -43.94
C TYR B 24 18.31 22.06 -44.78
N HIS B 25 18.05 21.81 -46.05
CA HIS B 25 19.12 21.47 -46.95
C HIS B 25 18.73 22.30 -48.13
N HIS B 26 19.47 23.37 -48.38
CA HIS B 26 19.16 24.27 -49.49
C HIS B 26 20.21 24.11 -50.57
N GLN B 27 19.79 24.12 -51.83
CA GLN B 27 20.71 23.91 -52.90
C GLN B 27 20.74 25.09 -53.79
N ASN B 28 21.94 25.46 -54.19
CA ASN B 28 22.11 26.80 -54.74
C ASN B 28 22.99 26.75 -55.97
N GLU B 29 23.17 27.91 -56.60
CA GLU B 29 24.19 28.05 -57.64
C GLU B 29 25.57 28.06 -56.97
N GLN B 30 25.60 28.52 -55.72
CA GLN B 30 26.83 28.54 -54.95
C GLN B 30 27.19 27.16 -54.41
N GLY B 31 26.19 26.32 -54.21
CA GLY B 31 26.42 24.95 -53.79
C GLY B 31 25.33 24.37 -52.90
N SER B 32 25.56 23.15 -52.42
CA SER B 32 24.61 22.47 -51.53
C SER B 32 25.07 22.57 -50.08
N GLY B 33 24.38 21.85 -49.20
CA GLY B 33 24.76 21.83 -47.79
C GLY B 33 23.59 21.69 -46.82
N TYR B 34 23.89 21.31 -45.59
CA TYR B 34 22.86 21.20 -44.55
C TYR B 34 23.03 22.31 -43.53
N ALA B 35 21.93 22.68 -42.88
CA ALA B 35 21.96 23.68 -41.83
C ALA B 35 20.82 23.46 -40.85
N ALA B 36 21.15 23.23 -39.59
CA ALA B 36 20.15 22.99 -38.57
C ALA B 36 19.50 24.29 -38.12
N ASP B 37 18.25 24.20 -37.68
CA ASP B 37 17.52 25.37 -37.21
C ASP B 37 17.61 25.51 -35.70
N GLN B 38 18.39 26.49 -35.24
CA GLN B 38 18.62 26.68 -33.81
C GLN B 38 17.33 26.90 -33.04
N LYS B 39 16.57 27.92 -33.45
CA LYS B 39 15.35 28.30 -32.76
C LYS B 39 14.46 27.11 -32.39
N SER B 40 14.15 26.27 -33.37
CA SER B 40 13.23 25.15 -33.15
C SER B 40 13.90 23.95 -32.47
N THR B 41 15.19 23.76 -32.73
CA THR B 41 15.93 22.65 -32.11
C THR B 41 16.14 22.89 -30.63
N GLN B 42 16.33 24.15 -30.24
CA GLN B 42 16.60 24.50 -28.86
C GLN B 42 15.34 24.38 -27.99
N ASN B 43 14.19 24.76 -28.56
CA ASN B 43 12.92 24.63 -27.85
C ASN B 43 12.56 23.17 -27.63
N ALA B 44 13.00 22.32 -28.54
CA ALA B 44 12.77 20.88 -28.41
C ALA B 44 13.70 20.31 -27.35
N ILE B 45 14.93 20.81 -27.31
CA ILE B 45 15.89 20.38 -26.32
C ILE B 45 15.47 20.84 -24.92
N ASP B 46 14.99 22.09 -24.82
CA ASP B 46 14.54 22.63 -23.55
C ASP B 46 13.33 21.88 -22.99
N GLY B 47 12.44 21.46 -23.88
CA GLY B 47 11.23 20.77 -23.47
C GLY B 47 11.46 19.32 -23.12
N ILE B 48 12.28 18.63 -23.92
CA ILE B 48 12.61 17.24 -23.66
C ILE B 48 13.50 17.11 -22.42
N THR B 49 14.47 18.01 -22.30
CA THR B 49 15.30 18.07 -21.10
C THR B 49 14.41 18.24 -19.89
N ASN B 50 13.39 19.08 -20.03
CA ASN B 50 12.48 19.38 -18.94
C ASN B 50 11.56 18.21 -18.63
N LYS B 51 11.16 17.48 -19.67
CA LYS B 51 10.34 16.29 -19.50
C LYS B 51 11.07 15.25 -18.65
N VAL B 52 12.30 14.95 -19.04
CA VAL B 52 13.09 13.93 -18.35
C VAL B 52 13.31 14.31 -16.88
N ASN B 53 13.65 15.57 -16.63
CA ASN B 53 13.86 16.04 -15.27
C ASN B 53 12.59 15.95 -14.43
N SER B 54 11.44 16.25 -15.04
CA SER B 54 10.16 16.17 -14.36
C SER B 54 9.85 14.75 -13.93
N VAL B 55 10.20 13.79 -14.78
CA VAL B 55 9.93 12.39 -14.48
C VAL B 55 10.77 11.92 -13.29
N ILE B 56 12.05 12.27 -13.29
CA ILE B 56 12.95 11.90 -12.20
C ILE B 56 12.54 12.54 -10.87
N GLU B 57 12.00 13.76 -10.95
CA GLU B 57 11.55 14.47 -9.74
C GLU B 57 10.43 13.74 -9.02
N LYS B 58 9.51 13.16 -9.78
CA LYS B 58 8.37 12.47 -9.20
C LYS B 58 8.76 11.15 -8.55
N MET B 59 9.88 10.58 -9.00
CA MET B 59 10.36 9.32 -8.45
C MET B 59 11.45 9.57 -7.42
N ASN B 60 11.04 9.76 -6.16
CA ASN B 60 12.00 9.98 -5.07
C ASN B 60 12.88 8.77 -4.79
N THR B 61 14.16 9.03 -4.54
CA THR B 61 15.10 7.96 -4.22
C THR B 61 14.67 7.15 -3.00
N GLN B 62 15.02 5.87 -3.00
CA GLN B 62 14.67 4.97 -1.92
C GLN B 62 15.75 4.92 -0.85
N PHE B 63 15.37 5.19 0.40
CA PHE B 63 16.31 5.16 1.50
C PHE B 63 16.42 3.78 2.14
N THR B 64 16.99 3.72 3.33
CA THR B 64 17.24 2.45 4.01
C THR B 64 15.99 1.58 4.10
N ALA B 65 16.02 0.45 3.42
CA ALA B 65 14.92 -0.49 3.43
C ALA B 65 15.44 -1.91 3.67
N VAL B 66 15.29 -2.38 4.90
CA VAL B 66 15.69 -3.76 5.22
C VAL B 66 14.45 -4.61 5.48
N GLY B 67 14.65 -5.92 5.60
CA GLY B 67 13.55 -6.82 5.91
C GLY B 67 13.40 -7.05 7.41
N LYS B 68 12.21 -7.49 7.81
CA LYS B 68 11.96 -7.81 9.21
C LYS B 68 11.81 -9.32 9.37
N GLU B 69 12.19 -9.84 10.53
CA GLU B 69 11.98 -11.25 10.82
C GLU B 69 10.69 -11.46 11.63
N PHE B 70 10.20 -12.69 11.63
CA PHE B 70 9.00 -13.06 12.39
C PHE B 70 9.15 -14.49 12.91
N ASN B 71 8.72 -14.73 14.14
CA ASN B 71 8.77 -16.07 14.70
C ASN B 71 7.66 -16.98 14.14
N ASN B 72 7.74 -18.27 14.44
CA ASN B 72 6.83 -19.25 13.87
C ASN B 72 5.36 -19.08 14.26
N LEU B 73 5.08 -18.12 15.15
CA LEU B 73 3.71 -17.83 15.57
C LEU B 73 3.23 -16.47 15.10
N GLU B 74 3.90 -15.93 14.09
CA GLU B 74 3.56 -14.61 13.56
C GLU B 74 3.37 -14.66 12.05
N ARG B 75 2.84 -15.78 11.57
CA ARG B 75 2.69 -16.00 10.13
C ARG B 75 1.73 -15.01 9.49
N ARG B 76 0.69 -14.64 10.22
CA ARG B 76 -0.26 -13.63 9.75
C ARG B 76 0.41 -12.28 9.58
N ILE B 77 1.20 -11.88 10.58
CA ILE B 77 1.90 -10.60 10.52
C ILE B 77 2.98 -10.62 9.45
N GLU B 78 3.65 -11.77 9.31
CA GLU B 78 4.69 -11.93 8.31
C GLU B 78 4.09 -11.84 6.90
N ASN B 79 2.92 -12.43 6.73
CA ASN B 79 2.22 -12.39 5.44
C ASN B 79 1.66 -11.00 5.13
N LEU B 80 1.25 -10.29 6.17
CA LEU B 80 0.79 -8.92 6.01
C LEU B 80 1.94 -8.06 5.51
N ASN B 81 3.11 -8.27 6.09
CA ASN B 81 4.29 -7.51 5.74
C ASN B 81 4.75 -7.81 4.31
N LYS B 82 4.62 -9.07 3.92
CA LYS B 82 4.98 -9.48 2.57
C LYS B 82 4.01 -8.89 1.56
N LYS B 83 2.73 -8.96 1.87
CA LYS B 83 1.68 -8.42 1.00
C LYS B 83 1.91 -6.94 0.71
N VAL B 84 2.37 -6.19 1.72
CA VAL B 84 2.60 -4.76 1.55
C VAL B 84 3.81 -4.49 0.66
N ASP B 85 4.88 -5.24 0.88
CA ASP B 85 6.09 -5.12 0.07
C ASP B 85 5.82 -5.49 -1.39
N ASP B 86 5.19 -6.63 -1.60
CA ASP B 86 4.80 -7.06 -2.94
C ASP B 86 3.79 -6.10 -3.57
N GLY B 87 2.87 -5.59 -2.76
CA GLY B 87 1.86 -4.66 -3.23
C GLY B 87 2.47 -3.37 -3.75
N PHE B 88 3.27 -2.73 -2.91
CA PHE B 88 3.95 -1.49 -3.28
C PHE B 88 4.89 -1.67 -4.47
N LEU B 89 5.40 -2.89 -4.64
CA LEU B 89 6.30 -3.17 -5.75
C LEU B 89 5.54 -3.28 -7.06
N ASP B 90 4.37 -3.92 -7.01
CA ASP B 90 3.50 -4.04 -8.18
C ASP B 90 3.11 -2.67 -8.71
N ILE B 91 2.91 -1.73 -7.79
CA ILE B 91 2.43 -0.40 -8.15
C ILE B 91 3.53 0.47 -8.74
N TRP B 92 4.73 0.43 -8.15
CA TRP B 92 5.81 1.28 -8.65
C TRP B 92 6.40 0.77 -9.96
N THR B 93 6.38 -0.55 -10.16
CA THR B 93 6.79 -1.12 -11.43
C THR B 93 5.79 -0.72 -12.52
N TYR B 94 4.51 -0.87 -12.20
CA TYR B 94 3.44 -0.46 -13.09
C TYR B 94 3.61 1.00 -13.48
N ASN B 95 3.69 1.88 -12.50
CA ASN B 95 3.83 3.31 -12.76
C ASN B 95 5.07 3.64 -13.59
N ALA B 96 6.21 3.07 -13.23
CA ALA B 96 7.45 3.35 -13.93
C ALA B 96 7.35 2.97 -15.40
N GLU B 97 7.03 1.70 -15.66
CA GLU B 97 6.94 1.21 -17.04
C GLU B 97 5.86 1.96 -17.82
N LEU B 98 4.72 2.19 -17.19
CA LEU B 98 3.58 2.80 -17.85
C LEU B 98 3.82 4.27 -18.17
N LEU B 99 4.51 4.97 -17.28
CA LEU B 99 4.82 6.38 -17.48
C LEU B 99 5.75 6.57 -18.68
N VAL B 100 6.68 5.63 -18.83
CA VAL B 100 7.63 5.71 -19.93
C VAL B 100 6.93 5.46 -21.27
N LEU B 101 6.22 4.34 -21.38
CA LEU B 101 5.48 4.05 -22.60
C LEU B 101 4.70 5.26 -23.07
N LEU B 102 3.93 5.84 -22.16
CA LEU B 102 3.07 6.97 -22.48
C LEU B 102 3.85 8.19 -22.94
N GLU B 103 4.89 8.56 -22.20
CA GLU B 103 5.68 9.74 -22.55
C GLU B 103 6.56 9.51 -23.78
N ASN B 104 6.86 8.25 -24.05
CA ASN B 104 7.57 7.90 -25.28
C ASN B 104 6.71 8.18 -26.51
N GLU B 105 5.43 7.86 -26.39
CA GLU B 105 4.46 8.15 -27.45
C GLU B 105 4.39 9.64 -27.65
N ARG B 106 4.28 10.38 -26.55
CA ARG B 106 4.20 11.83 -26.60
C ARG B 106 5.43 12.47 -27.23
N THR B 107 6.61 12.05 -26.77
CA THR B 107 7.86 12.62 -27.28
C THR B 107 8.01 12.47 -28.79
N LEU B 108 7.77 11.26 -29.30
CA LEU B 108 7.86 11.02 -30.74
C LEU B 108 6.87 11.89 -31.52
N ASP B 109 5.69 12.10 -30.96
CA ASP B 109 4.68 12.95 -31.57
C ASP B 109 5.05 14.42 -31.41
N PHE B 110 5.90 14.70 -30.43
CA PHE B 110 6.36 16.05 -30.20
C PHE B 110 7.32 16.47 -31.32
N HIS B 111 8.25 15.60 -31.68
CA HIS B 111 9.15 15.86 -32.77
C HIS B 111 8.37 15.96 -34.08
N ASP B 112 7.44 15.04 -34.27
CA ASP B 112 6.64 15.02 -35.47
C ASP B 112 5.94 16.37 -35.64
N SER B 113 5.34 16.87 -34.56
CA SER B 113 4.68 18.17 -34.59
C SER B 113 5.66 19.28 -34.97
N ASN B 114 6.88 19.22 -34.43
CA ASN B 114 7.87 20.26 -34.66
C ASN B 114 8.32 20.36 -36.10
N VAL B 115 8.44 19.22 -36.77
CA VAL B 115 8.82 19.20 -38.19
C VAL B 115 7.69 19.78 -39.02
N ARG B 116 6.48 19.29 -38.80
CA ARG B 116 5.30 19.79 -39.48
C ARG B 116 5.18 21.31 -39.31
N ASN B 117 5.38 21.78 -38.09
CA ASN B 117 5.27 23.21 -37.80
C ASN B 117 6.36 24.05 -38.46
N LEU B 118 7.55 23.47 -38.58
CA LEU B 118 8.66 24.17 -39.22
C LEU B 118 8.38 24.27 -40.71
N TYR B 119 7.94 23.17 -41.30
CA TYR B 119 7.61 23.12 -42.72
C TYR B 119 6.55 24.16 -43.07
N GLU B 120 5.53 24.27 -42.22
CA GLU B 120 4.43 25.18 -42.49
C GLU B 120 4.79 26.63 -42.20
N LYS B 121 5.86 26.85 -41.46
CA LYS B 121 6.32 28.20 -41.18
C LYS B 121 7.01 28.74 -42.43
N VAL B 122 7.78 27.86 -43.07
CA VAL B 122 8.45 28.20 -44.32
C VAL B 122 7.44 28.37 -45.46
N LYS B 123 6.55 27.41 -45.60
CA LYS B 123 5.54 27.43 -46.65
C LYS B 123 4.74 28.74 -46.66
N SER B 124 4.46 29.28 -45.48
CA SER B 124 3.63 30.47 -45.38
C SER B 124 4.44 31.75 -45.57
N GLN B 125 5.77 31.61 -45.55
CA GLN B 125 6.67 32.71 -45.89
C GLN B 125 6.80 32.84 -47.39
N LEU B 126 6.99 31.71 -48.06
CA LEU B 126 7.27 31.67 -49.49
C LEU B 126 6.03 31.94 -50.34
N LYS B 127 4.98 31.16 -50.11
CA LYS B 127 3.74 31.28 -50.88
C LYS B 127 4.16 31.16 -52.34
N ASN B 128 3.65 32.08 -53.16
CA ASN B 128 3.83 32.05 -54.62
C ASN B 128 5.28 31.80 -55.05
N ASN B 129 6.22 32.43 -54.35
CA ASN B 129 7.61 32.46 -54.79
C ASN B 129 8.28 31.08 -54.89
N ALA B 130 7.51 30.03 -54.63
CA ALA B 130 8.01 28.67 -54.76
C ALA B 130 6.85 27.67 -54.84
N LYS B 131 7.11 26.52 -55.45
CA LYS B 131 6.09 25.48 -55.52
C LYS B 131 6.47 24.30 -54.63
N GLU B 132 5.47 23.76 -53.93
CA GLU B 132 5.68 22.57 -53.10
C GLU B 132 5.86 21.34 -53.97
N ILE B 133 7.00 20.71 -53.87
CA ILE B 133 7.18 19.46 -54.55
C ILE B 133 6.48 18.33 -53.83
N GLY B 134 7.10 17.82 -52.78
CA GLY B 134 6.48 16.73 -52.05
C GLY B 134 7.21 16.36 -50.77
N ASN B 135 8.46 15.93 -50.92
CA ASN B 135 9.25 15.47 -49.77
C ASN B 135 9.64 16.60 -48.84
N GLY B 136 8.73 17.57 -48.66
CA GLY B 136 9.01 18.73 -47.85
C GLY B 136 10.01 19.67 -48.49
N CYS B 137 10.04 19.70 -49.82
CA CYS B 137 10.95 20.58 -50.54
C CYS B 137 10.21 21.69 -51.25
N PHE B 138 10.84 22.85 -51.31
CA PHE B 138 10.29 24.00 -52.04
C PHE B 138 11.18 24.36 -53.23
N GLU B 139 10.61 24.32 -54.43
CA GLU B 139 11.33 24.74 -55.62
C GLU B 139 11.06 26.22 -55.87
N PHE B 140 12.13 27.02 -55.83
CA PHE B 140 12.00 28.47 -55.98
C PHE B 140 11.72 28.91 -57.40
N TYR B 141 10.88 29.93 -57.53
CA TYR B 141 10.62 30.56 -58.83
C TYR B 141 11.56 31.73 -59.08
N HIS B 142 12.05 32.34 -58.01
CA HIS B 142 12.76 33.61 -58.12
C HIS B 142 14.27 33.51 -57.88
N LYS B 143 14.76 32.32 -57.54
CA LYS B 143 16.19 32.10 -57.30
C LYS B 143 16.71 32.73 -55.99
N CYS B 144 17.06 31.91 -55.00
CA CYS B 144 17.57 32.39 -53.70
C CYS B 144 19.03 31.98 -53.54
N ASP B 145 19.89 32.98 -53.43
CA ASP B 145 21.29 32.76 -53.19
C ASP B 145 21.58 32.53 -51.70
N ASP B 146 22.81 32.11 -51.39
CA ASP B 146 23.22 31.82 -50.02
C ASP B 146 22.62 32.84 -49.06
N ALA B 147 22.75 34.11 -49.38
CA ALA B 147 22.29 35.18 -48.51
C ALA B 147 20.76 35.16 -48.36
N CYS B 148 20.07 34.91 -49.48
CA CYS B 148 18.62 34.85 -49.45
C CYS B 148 18.14 33.60 -48.74
N MET B 149 18.80 32.48 -48.98
CA MET B 149 18.49 31.23 -48.28
C MET B 149 18.49 31.46 -46.76
N GLU B 150 19.49 32.18 -46.28
CA GLU B 150 19.66 32.41 -44.85
C GLU B 150 18.52 33.24 -44.27
N SER B 151 17.81 33.96 -45.12
CA SER B 151 16.68 34.77 -44.66
C SER B 151 15.42 33.92 -44.51
N VAL B 152 15.41 32.76 -45.15
CA VAL B 152 14.30 31.81 -45.02
C VAL B 152 14.39 31.00 -43.73
N ARG B 153 15.59 30.47 -43.46
CA ARG B 153 15.86 29.75 -42.22
C ARG B 153 16.20 30.74 -41.11
N ASN B 154 15.42 31.81 -41.03
CA ASN B 154 15.72 32.95 -40.19
C ASN B 154 14.43 33.71 -39.92
N GLY B 155 13.40 33.38 -40.68
CA GLY B 155 12.08 33.95 -40.49
C GLY B 155 11.94 35.37 -41.01
N THR B 156 12.88 35.77 -41.87
CA THR B 156 12.89 37.12 -42.42
C THR B 156 12.79 37.17 -43.94
N TYR B 157 12.22 36.12 -44.53
CA TYR B 157 12.01 36.11 -45.98
C TYR B 157 11.08 37.25 -46.37
N ASP B 158 11.34 37.83 -47.52
CA ASP B 158 10.66 39.01 -48.04
C ASP B 158 9.87 38.66 -49.29
N TYR B 159 8.56 38.69 -49.22
CA TYR B 159 7.78 38.19 -50.32
C TYR B 159 7.97 39.06 -51.49
N PRO B 160 7.41 40.24 -51.31
CA PRO B 160 7.29 41.29 -52.30
C PRO B 160 8.55 41.46 -53.04
N LYS B 161 9.63 41.40 -52.33
CA LYS B 161 10.83 41.51 -53.04
C LYS B 161 10.68 40.73 -54.32
N TYR B 162 9.82 39.72 -54.41
CA TYR B 162 10.04 38.68 -55.42
C TYR B 162 9.08 38.21 -56.54
N SER B 163 8.39 39.12 -57.22
CA SER B 163 7.63 38.94 -58.50
C SER B 163 8.25 38.82 -59.95
N GLU B 164 9.54 38.74 -60.10
CA GLU B 164 10.40 37.73 -60.70
C GLU B 164 9.73 36.37 -60.58
N GLU B 165 9.26 36.05 -59.38
CA GLU B 165 8.56 34.78 -59.19
C GLU B 165 7.36 34.71 -60.12
N SER B 166 6.62 35.81 -60.21
CA SER B 166 5.44 35.91 -61.06
C SER B 166 5.79 35.74 -62.53
N LYS B 167 7.06 35.95 -62.86
CA LYS B 167 7.56 35.78 -64.23
C LYS B 167 7.91 34.33 -64.55
N LEU B 168 8.69 33.69 -63.68
CA LEU B 168 9.08 32.30 -63.90
C LEU B 168 7.90 31.36 -63.62
N ASN B 169 6.92 31.89 -62.89
CA ASN B 169 5.72 31.15 -62.50
C ASN B 169 4.87 30.77 -63.73
N ARG B 170 5.37 31.17 -64.88
CA ARG B 170 4.75 30.86 -66.15
C ARG B 170 5.68 31.11 -67.31
N ASP C 1 -16.90 13.78 -61.90
CA ASP C 1 -16.13 12.67 -61.31
C ASP C 1 -15.47 13.09 -60.01
N THR C 2 -15.81 12.39 -58.92
CA THR C 2 -15.33 12.75 -57.59
C THR C 2 -14.72 11.57 -56.85
N ILE C 3 -13.86 11.87 -55.89
CA ILE C 3 -13.37 10.88 -54.95
C ILE C 3 -13.38 11.51 -53.56
N CYS C 4 -13.95 10.80 -52.60
CA CYS C 4 -14.09 11.31 -51.23
C CYS C 4 -13.34 10.44 -50.23
N ILE C 5 -12.68 11.08 -49.27
CA ILE C 5 -12.09 10.35 -48.15
C ILE C 5 -13.07 10.34 -46.99
N GLY C 6 -13.27 9.16 -46.41
CA GLY C 6 -14.20 9.02 -45.30
C GLY C 6 -13.83 7.92 -44.32
N TYR C 7 -14.61 7.81 -43.25
CA TYR C 7 -14.34 6.81 -42.23
C TYR C 7 -15.51 5.86 -42.02
N HIS C 8 -15.25 4.78 -41.27
CA HIS C 8 -16.22 3.71 -41.09
C HIS C 8 -17.31 4.03 -40.07
N ALA C 9 -18.46 3.39 -40.25
CA ALA C 9 -19.56 3.57 -39.32
C ALA C 9 -20.36 2.27 -39.20
N ASN C 10 -21.22 2.16 -38.19
CA ASN C 10 -22.07 0.97 -37.99
C ASN C 10 -23.16 1.17 -36.95
N ASN C 11 -23.89 0.11 -36.67
CA ASN C 11 -25.02 0.21 -35.77
C ASN C 11 -24.67 -0.03 -34.30
N SER C 12 -23.37 -0.12 -34.01
CA SER C 12 -22.91 -0.37 -32.65
C SER C 12 -23.38 0.73 -31.69
N THR C 13 -23.88 0.31 -30.52
CA THR C 13 -24.37 1.25 -29.52
C THR C 13 -23.47 1.27 -28.29
N ASP C 14 -22.27 0.73 -28.42
CA ASP C 14 -21.30 0.71 -27.34
C ASP C 14 -20.79 2.12 -27.04
N THR C 15 -20.72 2.47 -25.77
CA THR C 15 -20.24 3.79 -25.37
C THR C 15 -19.03 3.71 -24.45
N VAL C 16 -18.06 4.58 -24.68
CA VAL C 16 -16.90 4.69 -23.80
C VAL C 16 -16.85 6.07 -23.17
N ASP C 17 -15.99 6.22 -22.16
CA ASP C 17 -15.82 7.51 -21.51
C ASP C 17 -14.44 8.07 -21.79
N THR C 18 -14.38 9.40 -21.95
CA THR C 18 -13.12 10.10 -22.05
C THR C 18 -13.07 11.16 -20.96
N VAL C 19 -11.92 11.81 -20.81
CA VAL C 19 -11.76 12.83 -19.80
C VAL C 19 -12.55 14.10 -20.16
N LEU C 20 -12.68 14.36 -21.47
CA LEU C 20 -13.37 15.54 -21.94
C LEU C 20 -14.86 15.30 -22.16
N GLU C 21 -15.22 14.05 -22.44
CA GLU C 21 -16.58 13.72 -22.85
C GLU C 21 -16.99 12.32 -22.43
N LYS C 22 -18.19 12.19 -21.89
CA LYS C 22 -18.72 10.89 -21.49
C LYS C 22 -19.70 10.32 -22.51
N ASN C 23 -19.96 9.02 -22.43
CA ASN C 23 -20.88 8.35 -23.34
C ASN C 23 -20.64 8.69 -24.81
N VAL C 24 -19.48 8.30 -25.32
CA VAL C 24 -19.14 8.53 -26.72
C VAL C 24 -19.27 7.24 -27.51
N THR C 25 -20.41 7.07 -28.19
CA THR C 25 -20.63 5.88 -28.99
C THR C 25 -19.47 5.66 -29.95
N VAL C 26 -18.97 4.43 -30.01
CA VAL C 26 -17.85 4.10 -30.87
C VAL C 26 -18.15 2.86 -31.70
N THR C 27 -17.39 2.65 -32.76
CA THR C 27 -17.62 1.55 -33.69
C THR C 27 -17.14 0.22 -33.15
N HIS C 28 -16.11 0.26 -32.30
CA HIS C 28 -15.54 -0.96 -31.72
C HIS C 28 -15.02 -0.68 -30.31
N SER C 29 -15.00 -1.74 -29.50
CA SER C 29 -14.58 -1.61 -28.10
C SER C 29 -14.50 -2.96 -27.42
N VAL C 30 -13.63 -3.07 -26.43
CA VAL C 30 -13.53 -4.29 -25.62
C VAL C 30 -13.86 -3.99 -24.16
N ASN C 31 -14.54 -4.94 -23.51
CA ASN C 31 -14.78 -4.84 -22.08
C ASN C 31 -13.63 -5.48 -21.32
N LEU C 32 -13.08 -4.76 -20.36
CA LEU C 32 -11.94 -5.25 -19.59
C LEU C 32 -12.36 -5.73 -18.21
N LEU C 33 -13.65 -5.58 -17.92
CA LEU C 33 -14.18 -5.88 -16.59
C LEU C 33 -15.09 -7.09 -16.58
N GLU C 34 -14.60 -8.19 -16.01
CA GLU C 34 -15.39 -9.40 -15.88
C GLU C 34 -16.33 -9.27 -14.67
N ASP C 35 -17.63 -9.41 -14.92
CA ASP C 35 -18.62 -9.30 -13.85
C ASP C 35 -19.59 -10.48 -13.87
N SER C 36 -19.15 -11.58 -14.47
CA SER C 36 -20.00 -12.75 -14.63
C SER C 36 -19.36 -13.98 -13.99
N HIS C 37 -20.02 -14.52 -12.97
CA HIS C 37 -19.51 -15.71 -12.29
C HIS C 37 -20.38 -16.95 -12.46
N ASN C 38 -20.16 -17.92 -11.58
CA ASN C 38 -20.69 -19.27 -11.76
C ASN C 38 -21.75 -19.63 -10.73
N GLY C 39 -21.81 -18.89 -9.63
CA GLY C 39 -22.73 -19.17 -8.55
C GLY C 39 -22.48 -20.52 -7.90
N LYS C 40 -21.33 -21.11 -8.18
CA LYS C 40 -21.01 -22.45 -7.69
C LYS C 40 -19.56 -22.58 -7.22
N LEU C 41 -19.35 -23.33 -6.16
CA LEU C 41 -18.00 -23.62 -5.66
C LEU C 41 -17.46 -24.86 -6.35
N CYS C 42 -16.39 -24.70 -7.13
CA CYS C 42 -15.93 -25.77 -8.00
C CYS C 42 -14.61 -26.38 -7.56
N LYS C 43 -14.26 -27.49 -8.21
CA LYS C 43 -12.97 -28.13 -7.98
C LYS C 43 -11.85 -27.23 -8.49
N LEU C 44 -10.63 -27.51 -8.06
CA LEU C 44 -9.47 -26.76 -8.51
C LEU C 44 -8.35 -27.75 -8.81
N LYS C 45 -8.05 -27.91 -10.10
CA LYS C 45 -7.10 -28.93 -10.54
C LYS C 45 -7.65 -30.32 -10.23
N GLY C 46 -8.94 -30.50 -10.47
CA GLY C 46 -9.59 -31.79 -10.28
C GLY C 46 -10.01 -32.08 -8.85
N ILE C 47 -9.33 -31.46 -7.89
CA ILE C 47 -9.55 -31.74 -6.48
C ILE C 47 -10.63 -30.85 -5.87
N ALA C 48 -11.62 -31.47 -5.23
CA ALA C 48 -12.76 -30.74 -4.69
C ALA C 48 -12.43 -30.03 -3.39
N PRO C 49 -13.13 -28.94 -3.10
CA PRO C 49 -12.96 -28.21 -1.84
C PRO C 49 -13.50 -29.04 -0.67
N LEU C 50 -13.12 -28.67 0.55
CA LEU C 50 -13.63 -29.34 1.74
C LEU C 50 -14.70 -28.49 2.41
N GLN C 51 -15.94 -28.94 2.38
CA GLN C 51 -17.03 -28.24 3.06
C GLN C 51 -17.05 -28.60 4.54
N LEU C 52 -17.04 -27.59 5.39
CA LEU C 52 -17.06 -27.82 6.84
C LEU C 52 -18.48 -27.79 7.40
N GLY C 53 -19.42 -27.32 6.57
CA GLY C 53 -20.82 -27.28 6.94
C GLY C 53 -21.13 -26.39 8.14
N LYS C 54 -21.71 -26.98 9.18
CA LYS C 54 -22.03 -26.24 10.39
C LYS C 54 -20.79 -26.14 11.29
N CYS C 55 -19.71 -26.79 10.88
CA CYS C 55 -18.49 -26.82 11.66
C CYS C 55 -17.49 -25.78 11.18
N ASN C 56 -16.64 -25.34 12.08
CA ASN C 56 -15.51 -24.48 11.73
C ASN C 56 -14.20 -25.24 11.92
N ILE C 57 -13.08 -24.56 11.72
CA ILE C 57 -11.76 -25.20 11.81
C ILE C 57 -11.56 -25.92 13.15
N ALA C 58 -11.94 -25.26 14.25
CA ALA C 58 -11.77 -25.85 15.57
C ALA C 58 -12.55 -27.17 15.70
N GLY C 59 -13.79 -27.18 15.23
CA GLY C 59 -14.61 -28.38 15.29
C GLY C 59 -14.06 -29.52 14.46
N TRP C 60 -13.56 -29.19 13.27
CA TRP C 60 -13.00 -30.17 12.36
C TRP C 60 -11.74 -30.84 12.91
N LEU C 61 -10.89 -30.07 13.56
CA LEU C 61 -9.59 -30.57 14.01
C LEU C 61 -9.67 -31.23 15.38
N LEU C 62 -10.55 -30.72 16.24
CA LEU C 62 -10.73 -31.29 17.56
C LEU C 62 -11.55 -32.58 17.49
N GLY C 63 -12.51 -32.63 16.57
CA GLY C 63 -13.38 -33.77 16.44
C GLY C 63 -14.70 -33.57 17.16
N ASN C 64 -15.28 -32.38 17.00
CA ASN C 64 -16.59 -32.09 17.55
C ASN C 64 -17.62 -33.07 16.97
N PRO C 65 -18.43 -33.68 17.84
CA PRO C 65 -19.42 -34.72 17.51
C PRO C 65 -20.28 -34.37 16.30
N GLU C 66 -20.57 -33.08 16.12
CA GLU C 66 -21.40 -32.62 15.01
C GLU C 66 -20.64 -32.60 13.68
N CYS C 67 -19.39 -33.04 13.69
CA CYS C 67 -18.55 -32.95 12.50
C CYS C 67 -18.04 -34.31 12.04
N ASP C 68 -18.79 -35.35 12.34
CA ASP C 68 -18.35 -36.71 12.02
C ASP C 68 -18.27 -36.96 10.50
N LEU C 69 -18.91 -36.10 9.72
CA LEU C 69 -18.82 -36.18 8.27
C LEU C 69 -17.43 -35.85 7.74
N LEU C 70 -16.64 -35.14 8.55
CA LEU C 70 -15.34 -34.66 8.12
C LEU C 70 -14.20 -35.60 8.52
N LEU C 71 -14.52 -36.61 9.32
CA LEU C 71 -13.52 -37.57 9.79
C LEU C 71 -12.81 -38.26 8.62
N THR C 72 -13.53 -38.36 7.51
CA THR C 72 -13.02 -39.02 6.31
C THR C 72 -12.07 -38.14 5.53
N ALA C 73 -12.32 -36.83 5.55
CA ALA C 73 -11.52 -35.85 4.83
C ALA C 73 -10.02 -36.12 4.88
N SER C 74 -9.35 -35.92 3.77
CA SER C 74 -7.89 -36.13 3.70
C SER C 74 -7.20 -35.15 2.73
N SER C 75 -7.90 -34.75 1.68
CA SER C 75 -7.33 -33.80 0.70
C SER C 75 -8.38 -32.83 0.17
N TRP C 76 -7.92 -31.63 -0.19
CA TRP C 76 -8.81 -30.56 -0.64
C TRP C 76 -8.03 -29.50 -1.41
N SER C 77 -8.75 -28.70 -2.18
CA SER C 77 -8.14 -27.60 -2.94
C SER C 77 -8.26 -26.28 -2.18
N TYR C 78 -9.27 -26.20 -1.34
CA TYR C 78 -9.44 -25.08 -0.42
C TYR C 78 -10.47 -25.42 0.64
N ILE C 79 -10.66 -24.54 1.62
CA ILE C 79 -11.54 -24.82 2.75
C ILE C 79 -12.69 -23.83 2.84
N VAL C 80 -13.91 -24.36 2.93
CA VAL C 80 -15.09 -23.51 2.95
C VAL C 80 -15.79 -23.53 4.31
N GLU C 81 -16.01 -22.34 4.86
CA GLU C 81 -16.87 -22.19 6.03
C GLU C 81 -18.10 -21.41 5.61
N THR C 82 -19.22 -21.65 6.28
CA THR C 82 -20.48 -21.03 5.90
C THR C 82 -20.91 -20.01 6.94
N SER C 83 -22.13 -19.51 6.82
CA SER C 83 -22.68 -18.59 7.80
C SER C 83 -23.17 -19.34 9.04
N ASN C 84 -23.30 -20.65 8.91
CA ASN C 84 -23.79 -21.49 10.02
C ASN C 84 -22.71 -22.40 10.58
N SER C 85 -21.45 -21.99 10.40
CA SER C 85 -20.33 -22.74 10.94
C SER C 85 -20.05 -22.26 12.37
N GLU C 86 -20.81 -22.78 13.32
CA GLU C 86 -20.69 -22.37 14.71
C GLU C 86 -20.35 -23.55 15.64
N ASN C 87 -20.36 -24.76 15.08
CA ASN C 87 -19.95 -25.94 15.83
C ASN C 87 -18.44 -26.12 15.80
N GLY C 88 -17.76 -25.54 16.79
CA GLY C 88 -16.32 -25.68 16.91
C GLY C 88 -15.91 -26.21 18.28
N THR C 89 -15.93 -25.32 19.27
CA THR C 89 -15.54 -25.67 20.63
C THR C 89 -16.76 -25.88 21.52
N CYS C 90 -17.10 -27.14 21.75
CA CYS C 90 -18.34 -27.44 22.48
C CYS C 90 -18.19 -27.27 23.99
N TYR C 91 -17.02 -27.60 24.52
CA TYR C 91 -16.75 -27.33 25.93
C TYR C 91 -16.02 -25.99 26.04
N PRO C 92 -16.62 -25.04 26.78
CA PRO C 92 -16.15 -23.66 26.87
C PRO C 92 -14.67 -23.55 27.24
N GLY C 93 -13.97 -22.65 26.58
CA GLY C 93 -12.57 -22.42 26.86
C GLY C 93 -11.86 -21.67 25.74
N ASP C 94 -10.56 -21.42 25.93
CA ASP C 94 -9.77 -20.68 24.96
C ASP C 94 -8.93 -21.59 24.07
N PHE C 95 -9.06 -21.41 22.77
CA PHE C 95 -8.21 -22.11 21.80
C PHE C 95 -6.99 -21.22 21.52
N ILE C 96 -5.89 -21.48 22.23
CA ILE C 96 -4.70 -20.63 22.13
C ILE C 96 -4.09 -20.61 20.74
N ASP C 97 -3.82 -19.41 20.24
CA ASP C 97 -3.24 -19.22 18.90
C ASP C 97 -4.13 -19.81 17.83
N TYR C 98 -5.45 -19.71 18.02
CA TYR C 98 -6.39 -20.27 17.05
C TYR C 98 -6.24 -19.64 15.68
N GLU C 99 -6.11 -18.32 15.65
CA GLU C 99 -6.01 -17.59 14.40
C GLU C 99 -4.75 -17.98 13.64
N GLU C 100 -3.66 -18.26 14.35
CA GLU C 100 -2.43 -18.71 13.72
C GLU C 100 -2.55 -20.12 13.14
N LEU C 101 -3.31 -20.97 13.83
CA LEU C 101 -3.57 -22.32 13.35
C LEU C 101 -4.30 -22.31 12.02
N ARG C 102 -5.33 -21.48 11.93
CA ARG C 102 -6.07 -21.31 10.67
C ARG C 102 -5.11 -20.92 9.56
N GLU C 103 -4.19 -20.03 9.88
CA GLU C 103 -3.21 -19.54 8.92
C GLU C 103 -2.33 -20.67 8.43
N GLN C 104 -1.96 -21.56 9.35
CA GLN C 104 -1.17 -22.74 9.01
C GLN C 104 -1.93 -23.66 8.05
N LEU C 105 -3.19 -23.92 8.37
CA LEU C 105 -4.03 -24.78 7.55
C LEU C 105 -4.25 -24.23 6.13
N SER C 106 -4.01 -22.93 5.97
CA SER C 106 -4.21 -22.28 4.68
C SER C 106 -3.19 -22.73 3.64
N SER C 107 -2.08 -23.30 4.10
CA SER C 107 -1.06 -23.80 3.19
C SER C 107 -0.90 -25.31 3.36
N VAL C 108 -1.99 -25.95 3.76
CA VAL C 108 -2.03 -27.41 3.86
C VAL C 108 -3.01 -27.92 2.80
N SER C 109 -2.54 -28.81 1.94
CA SER C 109 -3.35 -29.33 0.85
C SER C 109 -3.99 -30.66 1.22
N SER C 110 -3.33 -31.40 2.11
CA SER C 110 -3.83 -32.69 2.56
C SER C 110 -3.08 -33.18 3.79
N PHE C 111 -3.65 -34.18 4.46
CA PHE C 111 -2.97 -34.80 5.58
C PHE C 111 -3.39 -36.25 5.79
N GLU C 112 -2.59 -36.98 6.55
CA GLU C 112 -2.94 -38.33 6.95
C GLU C 112 -3.22 -38.35 8.45
N LYS C 113 -4.50 -38.40 8.81
CA LYS C 113 -4.91 -38.50 10.20
C LYS C 113 -4.51 -39.87 10.73
N PHE C 114 -3.96 -39.91 11.94
CA PHE C 114 -3.55 -41.17 12.53
C PHE C 114 -3.72 -41.17 14.04
N GLU C 115 -3.88 -42.37 14.60
CA GLU C 115 -4.06 -42.54 16.03
C GLU C 115 -2.71 -42.44 16.74
N ILE C 116 -2.37 -41.23 17.19
CA ILE C 116 -1.08 -40.97 17.83
C ILE C 116 -0.95 -41.70 19.17
N PHE C 117 -1.98 -41.60 20.01
CA PHE C 117 -2.03 -42.32 21.27
C PHE C 117 -3.30 -43.15 21.34
N PRO C 118 -3.23 -44.42 20.89
CA PRO C 118 -4.39 -45.30 20.84
C PRO C 118 -5.11 -45.42 22.18
N LYS C 119 -6.39 -45.06 22.18
CA LYS C 119 -7.21 -45.01 23.39
C LYS C 119 -7.20 -46.31 24.19
N THR C 120 -7.04 -47.43 23.49
CA THR C 120 -6.94 -48.73 24.13
C THR C 120 -5.54 -49.28 23.90
N SER C 121 -4.64 -48.97 24.83
CA SER C 121 -3.24 -49.40 24.75
C SER C 121 -2.34 -48.42 25.50
N SER C 122 -2.67 -47.15 25.41
CA SER C 122 -1.76 -46.09 25.86
C SER C 122 -1.91 -45.69 27.33
N TRP C 123 -3.02 -46.06 27.95
CA TRP C 123 -3.31 -45.62 29.31
C TRP C 123 -3.76 -46.74 30.26
N PRO C 124 -2.85 -47.69 30.53
CA PRO C 124 -3.15 -48.84 31.40
C PRO C 124 -3.64 -48.43 32.79
N ASN C 125 -2.93 -47.49 33.43
CA ASN C 125 -3.20 -47.15 34.83
C ASN C 125 -4.20 -46.00 35.00
N HIS C 126 -4.83 -45.59 33.90
CA HIS C 126 -5.81 -44.51 33.94
C HIS C 126 -7.13 -44.89 33.30
N GLU C 127 -8.16 -44.07 33.51
CA GLU C 127 -9.50 -44.40 33.06
C GLU C 127 -9.89 -43.67 31.77
N THR C 128 -10.00 -44.43 30.68
CA THR C 128 -10.22 -43.87 29.35
C THR C 128 -11.71 -43.69 28.99
N THR C 129 -12.55 -44.49 29.63
CA THR C 129 -13.99 -44.34 29.49
C THR C 129 -14.42 -43.17 30.34
N LYS C 130 -15.72 -42.91 30.41
CA LYS C 130 -16.24 -41.95 31.39
C LYS C 130 -15.77 -40.52 31.19
N GLY C 131 -15.16 -40.24 30.04
CA GLY C 131 -14.66 -38.91 29.75
C GLY C 131 -15.55 -38.16 28.78
N VAL C 132 -16.79 -37.94 29.20
CA VAL C 132 -17.79 -37.26 28.37
C VAL C 132 -18.48 -36.12 29.10
N THR C 133 -19.16 -35.28 28.35
CA THR C 133 -19.76 -34.08 28.93
C THR C 133 -21.04 -33.70 28.19
N ALA C 134 -22.01 -33.22 28.96
CA ALA C 134 -23.31 -32.84 28.42
C ALA C 134 -23.18 -31.72 27.37
N ALA C 135 -22.07 -30.99 27.44
CA ALA C 135 -21.84 -29.88 26.52
C ALA C 135 -21.30 -30.37 25.18
N CYS C 136 -21.07 -31.67 25.08
CA CYS C 136 -20.63 -32.25 23.81
C CYS C 136 -21.52 -33.45 23.50
N SER C 137 -22.82 -33.27 23.67
CA SER C 137 -23.78 -34.37 23.55
C SER C 137 -24.16 -34.63 22.10
N TYR C 138 -24.46 -35.89 21.80
CA TYR C 138 -24.79 -36.33 20.46
C TYR C 138 -25.74 -37.50 20.60
N ALA C 139 -26.74 -37.57 19.71
CA ALA C 139 -27.79 -38.58 19.80
C ALA C 139 -28.56 -38.44 21.11
N GLY C 140 -28.49 -37.25 21.69
CA GLY C 140 -29.17 -36.98 22.94
C GLY C 140 -28.39 -37.43 24.16
N ALA C 141 -27.24 -38.06 23.94
CA ALA C 141 -26.42 -38.57 25.04
C ALA C 141 -25.10 -37.80 25.12
N SER C 142 -24.53 -37.70 26.32
CA SER C 142 -23.27 -37.02 26.51
C SER C 142 -22.16 -37.68 25.69
N SER C 143 -21.34 -36.85 25.06
CA SER C 143 -20.20 -37.34 24.27
C SER C 143 -19.00 -36.39 24.42
N PHE C 144 -18.03 -36.54 23.52
CA PHE C 144 -16.83 -35.71 23.57
C PHE C 144 -16.18 -35.70 22.19
N TYR C 145 -15.10 -34.92 22.06
CA TYR C 145 -14.37 -34.84 20.79
C TYR C 145 -13.89 -36.21 20.36
N ARG C 146 -13.75 -36.40 19.04
CA ARG C 146 -13.32 -37.68 18.50
C ARG C 146 -11.80 -37.79 18.42
N ASN C 147 -11.13 -36.64 18.48
CA ASN C 147 -9.68 -36.61 18.35
C ASN C 147 -8.94 -36.39 19.67
N LEU C 148 -9.69 -36.06 20.71
CA LEU C 148 -9.12 -35.89 22.04
C LEU C 148 -9.62 -36.98 22.98
N LEU C 149 -8.88 -37.24 24.05
CA LEU C 149 -9.26 -38.24 25.04
C LEU C 149 -9.19 -37.66 26.45
N TRP C 150 -10.35 -37.53 27.08
CA TRP C 150 -10.43 -36.99 28.43
C TRP C 150 -10.13 -38.07 29.47
N LEU C 151 -8.88 -38.11 29.94
CA LEU C 151 -8.48 -39.10 30.93
C LEU C 151 -8.98 -38.74 32.33
N THR C 152 -9.35 -39.75 33.11
CA THR C 152 -9.77 -39.55 34.50
C THR C 152 -9.18 -40.61 35.43
N LYS C 153 -9.38 -40.42 36.73
CA LYS C 153 -8.79 -41.30 37.73
C LYS C 153 -9.37 -42.72 37.66
N LYS C 154 -8.49 -43.71 37.75
CA LYS C 154 -8.91 -45.11 37.77
C LYS C 154 -8.99 -45.59 39.23
N GLY C 155 -10.20 -45.56 39.78
CA GLY C 155 -10.43 -45.96 41.15
C GLY C 155 -9.61 -45.17 42.15
N SER C 156 -10.01 -43.93 42.37
CA SER C 156 -9.38 -43.05 43.35
C SER C 156 -7.86 -43.02 43.27
N SER C 157 -7.34 -43.28 42.07
CA SER C 157 -5.90 -43.19 41.85
C SER C 157 -5.60 -42.60 40.48
N TYR C 158 -4.77 -41.57 40.47
CA TYR C 158 -4.31 -40.95 39.23
C TYR C 158 -2.79 -40.80 39.30
N PRO C 159 -2.07 -41.88 38.94
CA PRO C 159 -0.61 -41.89 39.01
C PRO C 159 -0.02 -40.95 37.96
N LYS C 160 1.18 -40.44 38.19
CA LYS C 160 1.84 -39.62 37.18
C LYS C 160 1.86 -40.41 35.88
N LEU C 161 1.47 -39.77 34.79
CA LEU C 161 1.50 -40.42 33.48
C LEU C 161 2.59 -39.81 32.61
N SER C 162 3.25 -40.66 31.84
CA SER C 162 4.31 -40.21 30.94
C SER C 162 4.13 -40.92 29.61
N LYS C 163 4.05 -40.15 28.52
CA LYS C 163 3.80 -40.71 27.20
C LYS C 163 4.46 -39.87 26.11
N SER C 164 5.40 -40.47 25.39
CA SER C 164 6.10 -39.76 24.33
C SER C 164 5.72 -40.25 22.93
N TYR C 165 5.80 -39.37 21.95
CA TYR C 165 5.62 -39.74 20.55
C TYR C 165 6.78 -39.25 19.70
N VAL C 166 7.31 -40.13 18.86
CA VAL C 166 8.38 -39.75 17.95
C VAL C 166 7.83 -39.61 16.55
N ASN C 167 8.08 -38.46 15.92
CA ASN C 167 7.60 -38.23 14.57
C ASN C 167 8.44 -38.95 13.51
N ASN C 168 8.00 -40.13 13.12
CA ASN C 168 8.64 -40.85 12.02
C ASN C 168 7.76 -40.87 10.77
N LYS C 169 7.21 -39.71 10.43
CA LYS C 169 6.27 -39.60 9.33
C LYS C 169 6.87 -38.90 8.10
N GLY C 170 8.00 -38.23 8.28
CA GLY C 170 8.66 -37.54 7.19
C GLY C 170 8.00 -36.22 6.86
N LYS C 171 7.04 -35.83 7.70
CA LYS C 171 6.30 -34.59 7.51
C LYS C 171 6.12 -33.95 8.88
N GLU C 172 5.62 -32.72 8.91
CA GLU C 172 5.21 -32.13 10.17
C GLU C 172 3.99 -32.90 10.70
N VAL C 173 3.93 -33.08 12.01
CA VAL C 173 2.72 -33.61 12.63
C VAL C 173 2.09 -32.53 13.51
N LEU C 174 0.79 -32.31 13.31
CA LEU C 174 0.04 -31.33 14.10
C LEU C 174 -0.59 -32.03 15.28
N VAL C 175 -0.15 -31.70 16.48
CA VAL C 175 -0.65 -32.34 17.69
C VAL C 175 -1.49 -31.38 18.53
N LEU C 176 -2.78 -31.69 18.68
CA LEU C 176 -3.66 -30.89 19.51
C LEU C 176 -3.86 -31.56 20.85
N TRP C 177 -4.12 -30.76 21.88
CA TRP C 177 -4.48 -31.28 23.19
C TRP C 177 -5.20 -30.23 24.02
N GLY C 178 -5.57 -30.59 25.24
CA GLY C 178 -6.28 -29.68 26.11
C GLY C 178 -5.94 -29.84 27.58
N VAL C 179 -6.08 -28.74 28.33
CA VAL C 179 -5.93 -28.74 29.77
C VAL C 179 -7.24 -28.29 30.40
N HIS C 180 -7.74 -29.06 31.36
CA HIS C 180 -9.04 -28.79 31.96
C HIS C 180 -8.92 -28.03 33.29
N HIS C 181 -9.80 -27.04 33.47
CA HIS C 181 -9.81 -26.23 34.68
C HIS C 181 -11.18 -26.27 35.38
N PRO C 182 -11.36 -27.21 36.32
CA PRO C 182 -12.60 -27.42 37.08
C PRO C 182 -13.00 -26.19 37.89
N PRO C 183 -14.28 -26.10 38.29
CA PRO C 183 -14.85 -24.95 39.00
C PRO C 183 -14.59 -25.01 40.50
N THR C 184 -14.52 -26.22 41.04
CA THR C 184 -14.33 -26.41 42.47
C THR C 184 -13.29 -27.49 42.76
N GLY C 185 -12.65 -27.39 43.92
CA GLY C 185 -11.69 -28.39 44.33
C GLY C 185 -12.34 -29.74 44.50
N THR C 186 -13.64 -29.71 44.78
CA THR C 186 -14.43 -30.94 44.89
C THR C 186 -14.44 -31.68 43.55
N ASP C 187 -14.62 -30.93 42.47
CA ASP C 187 -14.60 -31.53 41.14
C ASP C 187 -13.22 -32.04 40.74
N GLN C 188 -12.18 -31.29 41.14
CA GLN C 188 -10.82 -31.70 40.85
C GLN C 188 -10.56 -33.09 41.42
N GLN C 189 -10.94 -33.30 42.68
CA GLN C 189 -10.69 -34.57 43.33
C GLN C 189 -11.50 -35.72 42.72
N SER C 190 -12.73 -35.42 42.31
CA SER C 190 -13.63 -36.44 41.79
C SER C 190 -13.29 -36.83 40.36
N LEU C 191 -12.54 -35.96 39.68
CA LEU C 191 -12.09 -36.22 38.33
C LEU C 191 -10.71 -36.87 38.30
N TYR C 192 -9.77 -36.28 39.05
CA TYR C 192 -8.38 -36.67 38.96
C TYR C 192 -8.12 -37.57 40.17
N GLN C 193 -8.58 -37.15 41.35
CA GLN C 193 -8.12 -37.49 42.67
C GLN C 193 -6.90 -36.86 43.40
N ASN C 194 -6.03 -36.20 42.64
CA ASN C 194 -5.05 -35.25 43.14
C ASN C 194 -5.59 -33.84 43.19
N ALA C 195 -5.50 -33.21 44.35
CA ALA C 195 -5.98 -31.84 44.53
C ALA C 195 -5.03 -30.85 43.85
N ASP C 196 -3.74 -31.13 43.94
CA ASP C 196 -2.74 -30.30 43.29
C ASP C 196 -2.07 -31.07 42.16
N ALA C 197 -2.49 -30.81 40.93
CA ALA C 197 -2.00 -31.55 39.78
C ALA C 197 -1.27 -30.64 38.80
N TYR C 198 -0.89 -31.20 37.66
CA TYR C 198 -0.21 -30.43 36.63
C TYR C 198 -0.17 -31.25 35.34
N VAL C 199 -0.09 -30.54 34.22
CA VAL C 199 0.18 -31.14 32.93
C VAL C 199 1.49 -30.54 32.44
N SER C 200 2.34 -31.34 31.82
CA SER C 200 3.56 -30.81 31.22
C SER C 200 3.73 -31.34 29.80
N VAL C 201 4.14 -30.45 28.89
CA VAL C 201 4.37 -30.83 27.51
C VAL C 201 5.73 -30.32 27.08
N GLY C 202 6.50 -31.16 26.41
CA GLY C 202 7.82 -30.78 25.94
C GLY C 202 8.26 -31.49 24.69
N SER C 203 8.66 -30.70 23.68
CA SER C 203 9.32 -31.22 22.48
C SER C 203 10.67 -30.53 22.34
N SER C 204 11.23 -30.52 21.14
CA SER C 204 12.52 -29.86 20.93
C SER C 204 12.40 -28.34 20.97
N LYS C 205 11.24 -27.81 20.60
CA LYS C 205 11.04 -26.37 20.58
C LYS C 205 9.84 -25.95 21.44
N TYR C 206 9.17 -26.92 22.05
CA TYR C 206 8.03 -26.64 22.92
C TYR C 206 8.33 -27.08 24.35
N ASN C 207 7.83 -26.32 25.31
CA ASN C 207 8.08 -26.61 26.72
C ASN C 207 7.21 -25.76 27.62
N ARG C 208 6.28 -26.41 28.31
CA ARG C 208 5.41 -25.75 29.24
C ARG C 208 4.85 -26.63 30.36
N ARG C 209 4.47 -26.02 31.47
CA ARG C 209 3.94 -26.78 32.59
C ARG C 209 2.66 -26.13 33.08
N PHE C 210 1.52 -26.71 32.73
CA PHE C 210 0.22 -26.13 33.03
C PHE C 210 -0.23 -26.51 34.43
N THR C 211 -0.82 -25.55 35.14
CA THR C 211 -1.35 -25.81 36.47
C THR C 211 -2.82 -25.35 36.52
N PRO C 212 -3.73 -26.27 36.89
CA PRO C 212 -5.17 -26.03 36.90
C PRO C 212 -5.57 -24.77 37.68
N GLU C 213 -6.27 -23.86 37.03
CA GLU C 213 -6.79 -22.67 37.68
C GLU C 213 -8.23 -22.89 38.10
N ILE C 214 -8.42 -23.32 39.35
CA ILE C 214 -9.74 -23.70 39.84
C ILE C 214 -10.56 -22.53 40.40
N ALA C 215 -11.61 -22.15 39.68
CA ALA C 215 -12.45 -21.02 40.08
C ALA C 215 -13.89 -21.20 39.59
N ALA C 216 -14.79 -20.37 40.11
CA ALA C 216 -16.18 -20.42 39.69
C ALA C 216 -16.47 -19.34 38.64
N ARG C 217 -17.02 -19.76 37.50
CA ARG C 217 -17.29 -18.85 36.40
C ARG C 217 -18.71 -19.06 35.89
N PRO C 218 -19.24 -18.06 35.16
CA PRO C 218 -20.56 -18.20 34.54
C PRO C 218 -20.66 -19.48 33.75
N LYS C 219 -21.74 -20.25 33.93
CA LYS C 219 -21.90 -21.46 33.15
C LYS C 219 -22.01 -21.12 31.68
N VAL C 220 -21.19 -21.77 30.86
CA VAL C 220 -21.36 -21.70 29.41
C VAL C 220 -21.66 -23.10 28.93
N ARG C 221 -22.78 -23.27 28.25
CA ARG C 221 -23.25 -24.60 27.85
C ARG C 221 -23.28 -25.50 29.08
N GLY C 222 -23.76 -24.94 30.19
CA GLY C 222 -23.98 -25.70 31.42
C GLY C 222 -22.72 -25.92 32.24
N GLN C 223 -21.60 -25.41 31.73
CA GLN C 223 -20.31 -25.70 32.33
C GLN C 223 -19.64 -24.48 32.97
N ALA C 224 -19.43 -24.55 34.28
CA ALA C 224 -18.76 -23.48 35.01
C ALA C 224 -17.24 -23.66 34.97
N GLY C 225 -16.80 -24.81 34.47
CA GLY C 225 -15.38 -25.06 34.30
C GLY C 225 -14.93 -24.63 32.93
N ARG C 226 -13.62 -24.52 32.74
CA ARG C 226 -13.05 -24.15 31.44
C ARG C 226 -12.09 -25.22 30.96
N MET C 227 -11.92 -25.29 29.64
CA MET C 227 -11.01 -26.23 29.02
C MET C 227 -10.21 -25.51 27.93
N ASN C 228 -8.90 -25.38 28.12
CA ASN C 228 -8.05 -24.69 27.15
C ASN C 228 -7.41 -25.62 26.13
N TYR C 229 -7.42 -25.20 24.86
CA TYR C 229 -6.94 -26.03 23.76
C TYR C 229 -5.60 -25.55 23.17
N TYR C 230 -4.68 -26.50 22.98
CA TYR C 230 -3.34 -26.18 22.54
C TYR C 230 -2.94 -27.02 21.34
N TRP C 231 -2.01 -26.51 20.55
CA TRP C 231 -1.53 -27.23 19.39
C TRP C 231 -0.05 -26.95 19.18
N THR C 232 0.60 -27.78 18.38
CA THR C 232 1.99 -27.56 18.02
C THR C 232 2.35 -28.38 16.79
N LEU C 233 3.24 -27.83 15.97
CA LEU C 233 3.70 -28.55 14.79
C LEU C 233 5.01 -29.28 15.10
N LEU C 234 4.91 -30.60 15.24
CA LEU C 234 6.04 -31.45 15.57
C LEU C 234 6.85 -31.81 14.33
N GLU C 235 8.09 -31.34 14.28
CA GLU C 235 8.94 -31.54 13.11
C GLU C 235 9.44 -32.98 12.97
N PRO C 236 9.77 -33.38 11.74
CA PRO C 236 10.26 -34.74 11.47
C PRO C 236 11.37 -35.14 12.44
N GLY C 237 11.27 -36.35 12.98
CA GLY C 237 12.29 -36.89 13.86
C GLY C 237 12.22 -36.38 15.28
N ASP C 238 11.39 -35.36 15.50
CA ASP C 238 11.27 -34.78 16.83
C ASP C 238 10.39 -35.63 17.71
N THR C 239 10.53 -35.45 19.02
CA THR C 239 9.76 -36.19 20.01
C THR C 239 8.90 -35.22 20.81
N ILE C 240 7.68 -35.63 21.13
CA ILE C 240 6.87 -34.85 22.07
C ILE C 240 6.51 -35.69 23.30
N THR C 241 6.83 -35.16 24.48
CA THR C 241 6.58 -35.90 25.71
C THR C 241 5.45 -35.28 26.53
N PHE C 242 4.50 -36.12 26.94
CA PHE C 242 3.37 -35.68 27.75
C PHE C 242 3.48 -36.26 29.17
N GLU C 243 3.40 -35.40 30.18
CA GLU C 243 3.33 -35.86 31.57
C GLU C 243 2.22 -35.14 32.33
N ALA C 244 1.50 -35.86 33.17
CA ALA C 244 0.36 -35.28 33.88
C ALA C 244 -0.04 -36.05 35.13
N THR C 245 -0.46 -35.33 36.16
CA THR C 245 -1.03 -35.94 37.35
C THR C 245 -2.52 -35.59 37.41
N GLY C 246 -3.02 -35.05 36.31
CA GLY C 246 -4.42 -34.69 36.20
C GLY C 246 -4.67 -33.62 35.16
N ASN C 247 -5.94 -33.44 34.81
CA ASN C 247 -6.38 -32.32 33.96
C ASN C 247 -5.90 -32.37 32.51
N LEU C 248 -5.36 -33.51 32.09
CA LEU C 248 -4.92 -33.63 30.70
C LEU C 248 -6.03 -34.16 29.79
N ILE C 249 -6.36 -33.37 28.78
CA ILE C 249 -7.20 -33.88 27.69
C ILE C 249 -6.21 -34.37 26.64
N ALA C 250 -5.96 -35.67 26.66
CA ALA C 250 -4.87 -36.25 25.88
C ALA C 250 -5.12 -36.18 24.37
N PRO C 251 -4.03 -36.12 23.60
CA PRO C 251 -4.14 -36.26 22.15
C PRO C 251 -4.47 -37.71 21.82
N TRP C 252 -5.52 -37.92 21.04
CA TRP C 252 -5.89 -39.26 20.61
C TRP C 252 -5.53 -39.42 19.13
N TYR C 253 -6.05 -38.53 18.30
CA TYR C 253 -5.72 -38.51 16.87
C TYR C 253 -4.89 -37.29 16.49
N ALA C 254 -3.89 -37.50 15.64
CA ALA C 254 -3.06 -36.40 15.14
C ALA C 254 -3.06 -36.36 13.62
N PHE C 255 -2.43 -35.33 13.05
CA PHE C 255 -2.45 -35.15 11.60
C PHE C 255 -1.06 -34.98 11.02
N ALA C 256 -0.71 -35.83 10.06
CA ALA C 256 0.55 -35.70 9.33
C ALA C 256 0.34 -34.81 8.10
N LEU C 257 0.87 -33.58 8.17
CA LEU C 257 0.53 -32.56 7.20
C LEU C 257 1.31 -32.62 5.88
N ASN C 258 0.64 -32.20 4.80
CA ASN C 258 1.27 -32.02 3.50
C ASN C 258 1.12 -30.58 3.03
N ARG C 259 2.23 -29.89 2.81
CA ARG C 259 2.18 -28.48 2.44
C ARG C 259 2.00 -28.28 0.94
N GLY C 260 1.35 -27.17 0.58
CA GLY C 260 1.14 -26.78 -0.81
C GLY C 260 0.63 -25.37 -0.87
N SER C 261 0.95 -24.66 -1.94
CA SER C 261 0.56 -23.26 -2.08
C SER C 261 -0.72 -23.11 -2.88
N GLY C 262 -1.37 -21.95 -2.73
CA GLY C 262 -2.57 -21.67 -3.49
C GLY C 262 -3.86 -22.05 -2.79
N SER C 263 -3.75 -22.54 -1.56
CA SER C 263 -4.92 -22.95 -0.80
C SER C 263 -5.34 -21.84 0.16
N GLY C 264 -6.55 -21.94 0.70
CA GLY C 264 -7.06 -20.93 1.61
C GLY C 264 -8.40 -21.26 2.24
N ILE C 265 -8.86 -20.35 3.09
CA ILE C 265 -10.14 -20.53 3.77
C ILE C 265 -11.08 -19.40 3.36
N ILE C 266 -12.25 -19.76 2.85
CA ILE C 266 -13.23 -18.75 2.47
C ILE C 266 -14.55 -18.99 3.19
N THR C 267 -15.40 -17.97 3.19
CA THR C 267 -16.75 -18.11 3.74
C THR C 267 -17.77 -17.97 2.62
N SER C 268 -18.56 -19.03 2.40
CA SER C 268 -19.48 -19.06 1.28
C SER C 268 -20.70 -19.93 1.52
N ASP C 269 -21.86 -19.44 1.13
CA ASP C 269 -23.10 -20.20 1.22
C ASP C 269 -23.51 -20.75 -0.15
N ALA C 270 -22.62 -20.57 -1.13
CA ALA C 270 -22.83 -21.12 -2.46
C ALA C 270 -22.64 -22.63 -2.45
N PRO C 271 -23.43 -23.35 -3.26
CA PRO C 271 -23.38 -24.81 -3.27
C PRO C 271 -22.17 -25.35 -4.03
N VAL C 272 -21.60 -26.45 -3.56
CA VAL C 272 -20.52 -27.10 -4.28
C VAL C 272 -21.12 -27.98 -5.35
N HIS C 273 -20.55 -27.94 -6.55
CA HIS C 273 -21.06 -28.73 -7.66
C HIS C 273 -19.95 -29.50 -8.35
N ASP C 274 -20.30 -30.58 -9.03
CA ASP C 274 -19.34 -31.29 -9.86
C ASP C 274 -18.94 -30.41 -11.05
N CYS C 275 -18.01 -29.50 -10.81
CA CYS C 275 -17.58 -28.50 -11.80
C CYS C 275 -16.11 -28.25 -11.56
N ASN C 276 -15.45 -27.67 -12.55
CA ASN C 276 -14.02 -27.39 -12.47
C ASN C 276 -13.67 -25.99 -12.97
N THR C 277 -12.69 -25.36 -12.34
CA THR C 277 -12.28 -24.00 -12.68
C THR C 277 -10.83 -23.69 -12.31
N LYS C 278 -10.36 -22.53 -12.75
CA LYS C 278 -9.02 -22.06 -12.41
C LYS C 278 -9.09 -20.80 -11.56
N CYS C 279 -10.30 -20.34 -11.27
CA CYS C 279 -10.51 -19.14 -10.47
C CYS C 279 -11.79 -19.26 -9.66
N GLN C 280 -11.63 -19.33 -8.34
CA GLN C 280 -12.79 -19.47 -7.45
C GLN C 280 -12.95 -18.25 -6.55
N THR C 281 -14.20 -17.84 -6.35
CA THR C 281 -14.52 -16.76 -5.44
C THR C 281 -15.70 -17.18 -4.57
N PRO C 282 -15.91 -16.50 -3.43
CA PRO C 282 -17.01 -16.85 -2.53
C PRO C 282 -18.39 -16.73 -3.20
N HIS C 283 -18.50 -15.90 -4.24
CA HIS C 283 -19.77 -15.76 -4.96
C HIS C 283 -19.96 -16.87 -6.00
N GLY C 284 -18.85 -17.33 -6.58
CA GLY C 284 -18.89 -18.36 -7.60
C GLY C 284 -17.62 -18.40 -8.43
N ALA C 285 -17.51 -19.38 -9.31
CA ALA C 285 -16.31 -19.53 -10.12
C ALA C 285 -16.27 -18.55 -11.28
N ILE C 286 -15.06 -18.23 -11.75
CA ILE C 286 -14.89 -17.27 -12.83
C ILE C 286 -14.13 -17.89 -13.99
N ASN C 287 -14.72 -17.84 -15.17
CA ASN C 287 -14.01 -18.25 -16.39
C ASN C 287 -13.83 -17.04 -17.28
N SER C 288 -12.60 -16.52 -17.32
CA SER C 288 -12.34 -15.26 -18.00
C SER C 288 -10.86 -15.05 -18.26
N SER C 289 -10.57 -14.30 -19.33
CA SER C 289 -9.19 -13.93 -19.64
C SER C 289 -9.03 -12.43 -19.51
N LEU C 290 -10.08 -11.77 -19.02
CA LEU C 290 -10.06 -10.33 -18.81
C LEU C 290 -9.10 -9.97 -17.68
N PRO C 291 -8.59 -8.73 -17.69
CA PRO C 291 -7.62 -8.24 -16.71
C PRO C 291 -8.25 -7.85 -15.38
N PHE C 292 -9.56 -7.60 -15.36
CA PHE C 292 -10.22 -7.10 -14.17
C PHE C 292 -11.53 -7.79 -13.87
N GLN C 293 -11.98 -7.66 -12.62
CA GLN C 293 -13.28 -8.17 -12.20
C GLN C 293 -13.78 -7.37 -11.00
N ASN C 294 -15.10 -7.27 -10.87
CA ASN C 294 -15.70 -6.58 -9.74
C ASN C 294 -16.57 -7.52 -8.91
N ILE C 295 -16.30 -8.81 -9.04
CA ILE C 295 -17.07 -9.84 -8.34
C ILE C 295 -16.72 -9.92 -6.85
N HIS C 296 -15.48 -10.24 -6.54
CA HIS C 296 -15.07 -10.40 -5.14
C HIS C 296 -13.56 -10.24 -4.94
N PRO C 297 -13.17 -9.57 -3.84
CA PRO C 297 -11.79 -9.39 -3.41
C PRO C 297 -11.12 -10.73 -3.05
N VAL C 298 -11.89 -11.61 -2.43
CA VAL C 298 -11.38 -12.93 -2.04
C VAL C 298 -11.30 -13.86 -3.25
N THR C 299 -10.12 -14.42 -3.48
CA THR C 299 -9.86 -15.18 -4.69
C THR C 299 -8.96 -16.39 -4.44
N ILE C 300 -9.24 -17.50 -5.13
CA ILE C 300 -8.39 -18.68 -5.07
C ILE C 300 -8.09 -19.21 -6.47
N GLY C 301 -6.81 -19.42 -6.76
CA GLY C 301 -6.36 -19.84 -8.07
C GLY C 301 -5.78 -18.68 -8.87
N GLU C 302 -5.98 -18.70 -10.17
CA GLU C 302 -5.58 -17.57 -11.03
C GLU C 302 -6.78 -16.74 -11.41
N CYS C 303 -6.82 -15.50 -10.95
CA CYS C 303 -7.98 -14.65 -11.18
C CYS C 303 -7.59 -13.27 -11.72
N PRO C 304 -8.55 -12.58 -12.34
CA PRO C 304 -8.38 -11.18 -12.71
C PRO C 304 -8.26 -10.30 -11.47
N LYS C 305 -7.54 -9.18 -11.58
CA LYS C 305 -7.38 -8.25 -10.46
C LYS C 305 -8.73 -7.70 -10.06
N TYR C 306 -9.03 -7.72 -8.76
CA TYR C 306 -10.29 -7.18 -8.30
C TYR C 306 -10.30 -5.66 -8.37
N VAL C 307 -11.48 -5.08 -8.55
CA VAL C 307 -11.60 -3.64 -8.67
C VAL C 307 -13.04 -3.20 -8.37
N ARG C 308 -13.20 -1.98 -7.86
CA ARG C 308 -14.52 -1.47 -7.50
C ARG C 308 -15.33 -1.02 -8.71
N SER C 309 -14.67 -0.82 -9.85
CA SER C 309 -15.31 -0.29 -11.05
C SER C 309 -16.60 -1.01 -11.43
N THR C 310 -17.55 -0.26 -11.97
CA THR C 310 -18.78 -0.81 -12.51
C THR C 310 -18.62 -1.04 -14.01
N LYS C 311 -17.78 -0.22 -14.63
CA LYS C 311 -17.58 -0.26 -16.08
C LYS C 311 -16.13 0.06 -16.44
N LEU C 312 -15.54 -0.79 -17.28
CA LEU C 312 -14.20 -0.58 -17.78
C LEU C 312 -14.15 -0.95 -19.24
N ARG C 313 -14.67 -0.08 -20.10
CA ARG C 313 -14.68 -0.34 -21.53
C ARG C 313 -13.68 0.54 -22.27
N MET C 314 -12.71 -0.12 -22.90
CA MET C 314 -11.66 0.58 -23.63
C MET C 314 -11.94 0.57 -25.12
N ALA C 315 -12.07 1.76 -25.71
CA ALA C 315 -12.38 1.90 -27.12
C ALA C 315 -11.23 1.41 -28.02
N THR C 316 -11.61 0.82 -29.15
CA THR C 316 -10.64 0.38 -30.14
C THR C 316 -10.96 0.97 -31.51
N GLY C 317 -12.26 1.16 -31.78
CA GLY C 317 -12.70 1.75 -33.03
C GLY C 317 -12.83 3.26 -32.89
N LEU C 318 -13.40 3.90 -33.90
CA LEU C 318 -13.53 5.36 -33.92
C LEU C 318 -14.92 5.82 -33.49
N ARG C 319 -15.04 7.12 -33.19
CA ARG C 319 -16.31 7.73 -32.84
C ARG C 319 -17.34 7.34 -33.91
N ASN C 320 -18.48 6.83 -33.49
CA ASN C 320 -19.47 6.31 -34.44
C ASN C 320 -20.54 7.31 -34.86
N ILE C 321 -20.48 7.75 -36.11
CA ILE C 321 -21.43 8.71 -36.65
C ILE C 321 -22.06 8.18 -37.93
N PRO C 322 -23.23 7.53 -37.81
CA PRO C 322 -23.97 6.98 -38.95
C PRO C 322 -24.56 8.09 -39.83
N ALA C 323 -24.96 9.20 -39.20
CA ALA C 323 -25.51 10.36 -39.92
C ALA C 323 -26.45 9.96 -41.05
N ARG C 324 -27.46 9.16 -40.72
CA ARG C 324 -28.42 8.68 -41.70
C ARG C 324 -29.26 9.82 -42.30
N GLY D 1 -13.25 16.89 -32.07
CA GLY D 1 -12.14 16.31 -32.82
C GLY D 1 -10.87 17.12 -32.64
N LEU D 2 -9.77 16.43 -32.31
CA LEU D 2 -8.50 17.10 -32.06
C LEU D 2 -7.80 17.41 -33.38
N PHE D 3 -8.19 16.71 -34.44
CA PHE D 3 -7.59 16.92 -35.75
C PHE D 3 -8.62 17.39 -36.78
N GLY D 4 -9.78 17.81 -36.28
CA GLY D 4 -10.81 18.43 -37.10
C GLY D 4 -11.32 17.64 -38.30
N ALA D 5 -10.98 16.36 -38.37
CA ALA D 5 -11.41 15.52 -39.49
C ALA D 5 -12.74 14.83 -39.20
N ILE D 6 -12.72 13.84 -38.31
CA ILE D 6 -13.93 13.11 -37.94
C ILE D 6 -14.87 13.99 -37.14
N ALA D 7 -16.13 14.07 -37.59
CA ALA D 7 -17.11 14.94 -36.97
C ALA D 7 -16.66 16.40 -37.06
N GLY D 8 -15.84 16.68 -38.07
CA GLY D 8 -15.34 18.03 -38.29
C GLY D 8 -15.60 18.47 -39.71
N PHE D 9 -14.56 18.47 -40.55
CA PHE D 9 -14.71 18.83 -41.95
C PHE D 9 -15.18 17.64 -42.78
N ILE D 10 -15.38 16.50 -42.11
CA ILE D 10 -16.06 15.37 -42.70
C ILE D 10 -17.25 15.00 -41.82
N GLU D 11 -18.31 15.79 -41.92
CA GLU D 11 -19.43 15.76 -40.99
C GLU D 11 -19.83 14.39 -40.44
N GLY D 12 -19.96 13.38 -41.30
CA GLY D 12 -20.43 12.08 -40.87
C GLY D 12 -19.65 10.87 -41.38
N GLY D 13 -19.99 9.70 -40.87
CA GLY D 13 -19.34 8.48 -41.32
C GLY D 13 -20.25 7.70 -42.25
N TRP D 14 -19.69 6.68 -42.90
CA TRP D 14 -20.45 5.88 -43.85
C TRP D 14 -20.79 4.50 -43.26
N THR D 15 -22.09 4.20 -43.17
CA THR D 15 -22.51 2.88 -42.74
C THR D 15 -22.23 1.88 -43.86
N GLY D 16 -21.96 2.41 -45.05
CA GLY D 16 -21.83 1.61 -46.25
C GLY D 16 -20.51 0.90 -46.47
N MET D 17 -19.40 1.54 -46.07
CA MET D 17 -18.09 0.92 -46.21
C MET D 17 -17.84 0.00 -45.01
N ILE D 18 -17.81 -1.30 -45.26
CA ILE D 18 -17.73 -2.28 -44.18
C ILE D 18 -16.45 -3.10 -44.21
N ASP D 19 -15.50 -2.69 -45.05
CA ASP D 19 -14.25 -3.44 -45.22
C ASP D 19 -13.16 -2.99 -44.27
N GLY D 20 -13.27 -1.76 -43.75
CA GLY D 20 -12.26 -1.21 -42.87
C GLY D 20 -12.68 0.08 -42.20
N TRP D 21 -11.72 0.75 -41.58
CA TRP D 21 -11.98 1.98 -40.84
C TRP D 21 -11.92 3.23 -41.72
N TYR D 22 -10.88 3.33 -42.52
CA TYR D 22 -10.71 4.47 -43.41
C TYR D 22 -10.81 4.04 -44.86
N GLY D 23 -11.33 4.92 -45.72
CA GLY D 23 -11.46 4.57 -47.12
C GLY D 23 -11.97 5.68 -48.00
N TYR D 24 -12.45 5.29 -49.18
CA TYR D 24 -12.88 6.24 -50.20
C TYR D 24 -14.28 5.89 -50.70
N HIS D 25 -14.88 6.81 -51.43
CA HIS D 25 -16.16 6.53 -52.04
C HIS D 25 -16.12 6.38 -53.54
N HIS D 26 -15.73 7.44 -54.23
CA HIS D 26 -15.59 7.43 -55.70
C HIS D 26 -16.85 7.26 -56.54
N GLN D 27 -17.23 8.32 -57.24
CA GLN D 27 -18.27 8.27 -58.26
C GLN D 27 -17.67 8.38 -59.66
N ASN D 28 -18.03 7.46 -60.53
CA ASN D 28 -17.45 7.42 -61.85
C ASN D 28 -18.50 7.24 -62.95
N GLU D 29 -18.09 7.33 -64.20
CA GLU D 29 -18.97 7.05 -65.32
C GLU D 29 -19.36 5.57 -65.34
N GLN D 30 -18.51 4.75 -64.72
CA GLN D 30 -18.74 3.31 -64.66
C GLN D 30 -19.61 2.92 -63.47
N GLY D 31 -19.73 3.83 -62.50
CA GLY D 31 -20.57 3.59 -61.33
C GLY D 31 -20.02 4.11 -60.03
N SER D 32 -20.80 3.98 -58.96
CA SER D 32 -20.39 4.40 -57.63
C SER D 32 -19.75 3.24 -56.86
N GLY D 33 -19.67 3.38 -55.54
CA GLY D 33 -19.15 2.32 -54.69
C GLY D 33 -18.19 2.76 -53.60
N TYR D 34 -18.00 1.89 -52.62
CA TYR D 34 -17.06 2.14 -51.53
C TYR D 34 -15.84 1.24 -51.63
N ALA D 35 -14.73 1.69 -51.04
CA ALA D 35 -13.50 0.90 -51.02
C ALA D 35 -12.62 1.34 -49.86
N ALA D 36 -12.27 0.40 -48.99
CA ALA D 36 -11.47 0.71 -47.80
C ALA D 36 -9.97 0.64 -48.07
N ASP D 37 -9.22 1.53 -47.43
CA ASP D 37 -7.78 1.62 -47.61
C ASP D 37 -7.04 0.63 -46.71
N GLN D 38 -6.51 -0.43 -47.31
CA GLN D 38 -5.84 -1.48 -46.57
C GLN D 38 -4.66 -0.95 -45.77
N LYS D 39 -3.77 -0.23 -46.45
CA LYS D 39 -2.56 0.33 -45.82
C LYS D 39 -2.84 1.00 -44.47
N SER D 40 -3.68 2.03 -44.48
CA SER D 40 -3.94 2.82 -43.30
C SER D 40 -4.84 2.11 -42.28
N THR D 41 -5.79 1.33 -42.75
CA THR D 41 -6.68 0.58 -41.86
C THR D 41 -5.89 -0.48 -41.08
N GLN D 42 -4.91 -1.08 -41.73
CA GLN D 42 -4.10 -2.12 -41.10
C GLN D 42 -3.22 -1.59 -39.98
N ASN D 43 -2.51 -0.49 -40.24
CA ASN D 43 -1.64 0.13 -39.25
C ASN D 43 -2.40 0.54 -37.99
N ALA D 44 -3.62 1.03 -38.16
CA ALA D 44 -4.46 1.40 -37.04
C ALA D 44 -4.87 0.14 -36.26
N ILE D 45 -5.10 -0.95 -36.99
CA ILE D 45 -5.44 -2.22 -36.36
C ILE D 45 -4.25 -2.83 -35.62
N ASP D 46 -3.06 -2.72 -36.20
CA ASP D 46 -1.84 -3.19 -35.54
C ASP D 46 -1.54 -2.35 -34.30
N GLY D 47 -1.77 -1.04 -34.41
CA GLY D 47 -1.46 -0.12 -33.34
C GLY D 47 -2.45 -0.20 -32.19
N ILE D 48 -3.74 -0.26 -32.51
CA ILE D 48 -4.77 -0.37 -31.49
C ILE D 48 -4.69 -1.72 -30.78
N THR D 49 -4.51 -2.78 -31.55
CA THR D 49 -4.33 -4.12 -30.98
C THR D 49 -3.17 -4.12 -30.01
N ASN D 50 -2.08 -3.45 -30.38
CA ASN D 50 -0.90 -3.38 -29.53
C ASN D 50 -1.17 -2.59 -28.25
N LYS D 51 -1.93 -1.51 -28.37
CA LYS D 51 -2.29 -0.71 -27.21
C LYS D 51 -3.09 -1.53 -26.20
N VAL D 52 -4.06 -2.28 -26.70
CA VAL D 52 -4.89 -3.11 -25.84
C VAL D 52 -4.07 -4.19 -25.14
N ASN D 53 -3.19 -4.86 -25.90
CA ASN D 53 -2.33 -5.89 -25.33
C ASN D 53 -1.34 -5.36 -24.30
N SER D 54 -0.88 -4.12 -24.51
CA SER D 54 0.05 -3.49 -23.57
C SER D 54 -0.65 -3.17 -22.25
N VAL D 55 -1.87 -2.66 -22.33
CA VAL D 55 -2.67 -2.37 -21.15
C VAL D 55 -2.86 -3.65 -20.33
N ILE D 56 -3.29 -4.72 -21.00
CA ILE D 56 -3.50 -6.00 -20.35
C ILE D 56 -2.20 -6.53 -19.75
N GLU D 57 -1.08 -6.24 -20.39
CA GLU D 57 0.22 -6.69 -19.90
C GLU D 57 0.60 -6.09 -18.54
N LYS D 58 0.31 -4.82 -18.36
CA LYS D 58 0.69 -4.12 -17.13
C LYS D 58 -0.18 -4.55 -15.95
N MET D 59 -1.37 -5.05 -16.24
CA MET D 59 -2.28 -5.49 -15.20
C MET D 59 -2.14 -6.99 -14.95
N ASN D 60 -1.17 -7.35 -14.11
CA ASN D 60 -0.96 -8.76 -13.76
C ASN D 60 -2.13 -9.37 -13.00
N THR D 61 -2.50 -10.59 -13.38
CA THR D 61 -3.59 -11.30 -12.73
C THR D 61 -3.33 -11.52 -11.25
N GLN D 62 -4.40 -11.51 -10.47
CA GLN D 62 -4.32 -11.67 -9.02
C GLN D 62 -4.41 -13.15 -8.63
N PHE D 63 -3.44 -13.60 -7.83
CA PHE D 63 -3.41 -14.99 -7.38
C PHE D 63 -4.18 -15.17 -6.08
N THR D 64 -3.98 -16.32 -5.43
CA THR D 64 -4.70 -16.64 -4.20
C THR D 64 -4.62 -15.51 -3.18
N ALA D 65 -5.78 -14.95 -2.84
CA ALA D 65 -5.86 -13.84 -1.90
C ALA D 65 -7.05 -14.01 -0.97
N VAL D 66 -6.78 -14.53 0.23
CA VAL D 66 -7.83 -14.77 1.22
C VAL D 66 -7.72 -13.79 2.38
N GLY D 67 -8.67 -13.87 3.30
CA GLY D 67 -8.68 -13.01 4.47
C GLY D 67 -8.13 -13.68 5.71
N LYS D 68 -7.67 -12.87 6.65
CA LYS D 68 -7.12 -13.39 7.89
C LYS D 68 -8.09 -13.12 9.03
N GLU D 69 -7.98 -13.91 10.10
CA GLU D 69 -8.76 -13.69 11.30
C GLU D 69 -7.91 -13.06 12.39
N PHE D 70 -8.56 -12.36 13.30
CA PHE D 70 -7.88 -11.73 14.44
C PHE D 70 -8.75 -11.85 15.68
N ASN D 71 -8.13 -12.18 16.82
CA ASN D 71 -8.90 -12.25 18.07
C ASN D 71 -9.27 -10.86 18.57
N ASN D 72 -9.97 -10.80 19.69
CA ASN D 72 -10.51 -9.53 20.17
C ASN D 72 -9.45 -8.55 20.70
N LEU D 73 -8.26 -9.06 20.96
CA LEU D 73 -7.17 -8.20 21.42
C LEU D 73 -6.22 -7.82 20.28
N GLU D 74 -6.67 -8.05 19.05
CA GLU D 74 -5.87 -7.73 17.87
C GLU D 74 -6.64 -6.81 16.95
N ARG D 75 -7.21 -5.75 17.51
CA ARG D 75 -8.00 -4.81 16.70
C ARG D 75 -7.11 -3.87 15.88
N ARG D 76 -5.98 -3.45 16.46
CA ARG D 76 -5.04 -2.58 15.76
C ARG D 76 -4.44 -3.27 14.54
N ILE D 77 -4.10 -4.55 14.69
CA ILE D 77 -3.52 -5.33 13.60
C ILE D 77 -4.56 -5.63 12.54
N GLU D 78 -5.78 -5.93 12.98
CA GLU D 78 -6.89 -6.15 12.07
C GLU D 78 -7.19 -4.89 11.26
N ASN D 79 -7.02 -3.73 11.90
CA ASN D 79 -7.26 -2.46 11.23
C ASN D 79 -6.13 -2.08 10.29
N LEU D 80 -4.93 -2.54 10.58
CA LEU D 80 -3.81 -2.34 9.69
C LEU D 80 -4.04 -3.13 8.42
N ASN D 81 -4.39 -4.40 8.59
CA ASN D 81 -4.69 -5.27 7.46
C ASN D 81 -5.78 -4.68 6.58
N LYS D 82 -6.81 -4.13 7.22
CA LYS D 82 -7.94 -3.55 6.51
C LYS D 82 -7.56 -2.27 5.78
N LYS D 83 -6.70 -1.47 6.41
CA LYS D 83 -6.19 -0.26 5.77
C LYS D 83 -5.35 -0.59 4.55
N VAL D 84 -4.63 -1.70 4.61
CA VAL D 84 -3.82 -2.13 3.47
C VAL D 84 -4.70 -2.58 2.30
N ASP D 85 -5.69 -3.42 2.58
CA ASP D 85 -6.57 -3.93 1.53
C ASP D 85 -7.38 -2.81 0.88
N ASP D 86 -8.07 -2.02 1.69
CA ASP D 86 -8.85 -0.90 1.17
C ASP D 86 -7.94 0.07 0.41
N GLY D 87 -6.71 0.21 0.90
CA GLY D 87 -5.74 1.11 0.30
C GLY D 87 -5.32 0.72 -1.10
N PHE D 88 -4.79 -0.48 -1.26
CA PHE D 88 -4.41 -0.97 -2.58
C PHE D 88 -5.60 -1.00 -3.52
N LEU D 89 -6.79 -1.22 -2.97
CA LEU D 89 -8.00 -1.27 -3.79
C LEU D 89 -8.34 0.10 -4.34
N ASP D 90 -8.19 1.13 -3.52
CA ASP D 90 -8.42 2.51 -3.97
C ASP D 90 -7.49 2.86 -5.12
N ILE D 91 -6.25 2.41 -5.04
CA ILE D 91 -5.24 2.77 -6.02
C ILE D 91 -5.41 2.04 -7.35
N TRP D 92 -5.67 0.74 -7.29
CA TRP D 92 -5.86 -0.04 -8.51
C TRP D 92 -7.15 0.34 -9.24
N THR D 93 -8.22 0.58 -8.48
CA THR D 93 -9.45 1.07 -9.06
C THR D 93 -9.19 2.38 -9.78
N TYR D 94 -8.42 3.25 -9.13
CA TYR D 94 -8.06 4.54 -9.69
C TYR D 94 -7.23 4.38 -10.96
N ASN D 95 -6.16 3.59 -10.87
CA ASN D 95 -5.30 3.34 -12.01
C ASN D 95 -6.04 2.73 -13.19
N ALA D 96 -6.91 1.76 -12.91
CA ALA D 96 -7.67 1.09 -13.96
C ALA D 96 -8.57 2.06 -14.72
N GLU D 97 -9.51 2.66 -14.01
CA GLU D 97 -10.48 3.56 -14.62
C GLU D 97 -9.79 4.74 -15.32
N LEU D 98 -8.75 5.25 -14.68
CA LEU D 98 -8.07 6.45 -15.16
C LEU D 98 -7.27 6.17 -16.43
N LEU D 99 -6.67 4.99 -16.50
CA LEU D 99 -5.89 4.61 -17.67
C LEU D 99 -6.82 4.52 -18.89
N VAL D 100 -8.02 3.98 -18.68
CA VAL D 100 -8.98 3.80 -19.75
C VAL D 100 -9.49 5.14 -20.28
N LEU D 101 -9.88 6.04 -19.38
CA LEU D 101 -10.30 7.38 -19.78
C LEU D 101 -9.26 8.03 -20.68
N LEU D 102 -8.02 8.09 -20.18
CA LEU D 102 -6.93 8.73 -20.90
C LEU D 102 -6.66 8.08 -22.25
N GLU D 103 -6.57 6.76 -22.27
CA GLU D 103 -6.27 6.04 -23.51
C GLU D 103 -7.41 6.14 -24.52
N ASN D 104 -8.64 6.19 -24.03
CA ASN D 104 -9.79 6.36 -24.90
C ASN D 104 -9.72 7.69 -25.65
N GLU D 105 -9.32 8.73 -24.95
CA GLU D 105 -9.11 10.05 -25.56
C GLU D 105 -8.06 9.93 -26.65
N ARG D 106 -6.95 9.26 -26.34
CA ARG D 106 -5.85 9.09 -27.28
C ARG D 106 -6.27 8.30 -28.51
N THR D 107 -7.15 7.32 -28.32
CA THR D 107 -7.55 6.43 -29.41
C THR D 107 -8.45 7.13 -30.42
N LEU D 108 -9.44 7.87 -29.91
CA LEU D 108 -10.31 8.64 -30.75
C LEU D 108 -9.52 9.69 -31.56
N ASP D 109 -8.54 10.31 -30.91
CA ASP D 109 -7.69 11.29 -31.57
C ASP D 109 -6.75 10.62 -32.55
N PHE D 110 -6.41 9.36 -32.28
CA PHE D 110 -5.58 8.57 -33.17
C PHE D 110 -6.27 8.37 -34.50
N HIS D 111 -7.52 7.90 -34.45
CA HIS D 111 -8.33 7.74 -35.65
C HIS D 111 -8.52 9.06 -36.37
N ASP D 112 -8.87 10.10 -35.61
CA ASP D 112 -9.06 11.43 -36.17
C ASP D 112 -7.82 11.82 -36.96
N SER D 113 -6.65 11.55 -36.39
CA SER D 113 -5.39 11.86 -37.05
C SER D 113 -5.17 11.01 -38.29
N ASN D 114 -5.64 9.77 -38.26
CA ASN D 114 -5.48 8.85 -39.39
C ASN D 114 -6.30 9.27 -40.61
N VAL D 115 -7.50 9.80 -40.37
CA VAL D 115 -8.35 10.29 -41.44
C VAL D 115 -7.78 11.58 -42.04
N ARG D 116 -7.41 12.51 -41.17
CA ARG D 116 -6.81 13.77 -41.59
C ARG D 116 -5.56 13.54 -42.44
N ASN D 117 -4.75 12.56 -42.06
CA ASN D 117 -3.53 12.27 -42.81
C ASN D 117 -3.81 11.63 -44.16
N LEU D 118 -4.83 10.77 -44.21
CA LEU D 118 -5.21 10.13 -45.46
C LEU D 118 -5.70 11.17 -46.48
N TYR D 119 -6.59 12.04 -46.03
CA TYR D 119 -7.12 13.11 -46.86
C TYR D 119 -6.02 13.97 -47.46
N GLU D 120 -4.99 14.25 -46.67
CA GLU D 120 -3.92 15.13 -47.10
C GLU D 120 -2.91 14.43 -48.01
N LYS D 121 -2.87 13.10 -47.94
CA LYS D 121 -1.99 12.33 -48.81
C LYS D 121 -2.54 12.40 -50.23
N VAL D 122 -3.87 12.35 -50.33
CA VAL D 122 -4.56 12.45 -51.62
C VAL D 122 -4.50 13.88 -52.16
N LYS D 123 -4.84 14.84 -51.32
CA LYS D 123 -4.80 16.25 -51.71
C LYS D 123 -3.46 16.65 -52.33
N SER D 124 -2.38 16.09 -51.82
CA SER D 124 -1.05 16.41 -52.34
C SER D 124 -0.67 15.52 -53.52
N GLN D 125 -1.52 14.54 -53.82
CA GLN D 125 -1.35 13.72 -55.01
C GLN D 125 -2.02 14.36 -56.21
N LEU D 126 -3.22 14.89 -56.00
CA LEU D 126 -4.01 15.46 -57.09
C LEU D 126 -3.58 16.88 -57.44
N LYS D 127 -3.61 17.78 -56.46
CA LYS D 127 -3.24 19.17 -56.69
C LYS D 127 -4.26 19.71 -57.69
N ASN D 128 -3.75 20.35 -58.75
CA ASN D 128 -4.59 21.04 -59.73
C ASN D 128 -5.66 20.15 -60.36
N ASN D 129 -5.33 18.87 -60.53
CA ASN D 129 -6.23 17.92 -61.20
C ASN D 129 -7.58 17.74 -60.50
N ALA D 130 -7.77 18.41 -59.37
CA ALA D 130 -9.04 18.33 -58.64
C ALA D 130 -9.24 19.54 -57.73
N LYS D 131 -10.49 19.87 -57.46
CA LYS D 131 -10.80 20.93 -56.52
C LYS D 131 -11.43 20.40 -55.23
N GLU D 132 -11.02 20.97 -54.10
CA GLU D 132 -11.55 20.57 -52.81
C GLU D 132 -12.94 21.16 -52.58
N ILE D 133 -13.95 20.31 -52.60
CA ILE D 133 -15.31 20.76 -52.29
C ILE D 133 -15.42 20.93 -50.78
N GLY D 134 -16.26 20.10 -50.16
CA GLY D 134 -16.35 20.02 -48.72
C GLY D 134 -16.28 18.56 -48.33
N ASN D 135 -16.73 18.23 -47.13
CA ASN D 135 -16.77 16.84 -46.66
C ASN D 135 -15.64 15.97 -47.20
N GLY D 136 -14.44 16.55 -47.30
CA GLY D 136 -13.29 15.83 -47.79
C GLY D 136 -13.52 15.16 -49.13
N CYS D 137 -14.13 15.90 -50.06
CA CYS D 137 -14.36 15.38 -51.40
C CYS D 137 -13.50 16.07 -52.44
N PHE D 138 -13.14 15.34 -53.49
CA PHE D 138 -12.32 15.87 -54.56
C PHE D 138 -13.00 15.76 -55.93
N GLU D 139 -13.45 16.90 -56.46
CA GLU D 139 -14.05 16.93 -57.79
C GLU D 139 -12.95 17.03 -58.85
N PHE D 140 -12.78 15.96 -59.61
CA PHE D 140 -11.77 15.91 -60.66
C PHE D 140 -12.04 16.91 -61.78
N TYR D 141 -10.96 17.42 -62.37
CA TYR D 141 -11.05 18.24 -63.56
C TYR D 141 -10.86 17.35 -64.78
N HIS D 142 -9.95 16.39 -64.66
CA HIS D 142 -9.55 15.57 -65.80
C HIS D 142 -10.35 14.27 -65.92
N LYS D 143 -11.43 14.16 -65.16
CA LYS D 143 -12.36 13.03 -65.29
C LYS D 143 -11.65 11.67 -65.23
N CYS D 144 -11.71 11.02 -64.06
CA CYS D 144 -10.95 9.79 -63.82
C CYS D 144 -11.83 8.54 -63.78
N ASP D 145 -11.41 7.50 -64.50
CA ASP D 145 -12.18 6.25 -64.56
C ASP D 145 -11.79 5.28 -63.44
N ASP D 146 -12.47 4.14 -63.37
CA ASP D 146 -12.24 3.15 -62.31
C ASP D 146 -10.80 2.68 -62.22
N ALA D 147 -10.13 2.59 -63.36
CA ALA D 147 -8.73 2.15 -63.40
C ALA D 147 -7.82 3.22 -62.84
N CYS D 148 -8.17 4.49 -63.08
CA CYS D 148 -7.43 5.62 -62.54
C CYS D 148 -7.74 5.82 -61.06
N MET D 149 -9.01 5.62 -60.69
CA MET D 149 -9.44 5.72 -59.30
C MET D 149 -8.58 4.83 -58.41
N GLU D 150 -8.25 3.64 -58.91
CA GLU D 150 -7.46 2.67 -58.15
C GLU D 150 -5.99 3.10 -58.03
N SER D 151 -5.57 4.05 -58.84
CA SER D 151 -4.20 4.56 -58.74
C SER D 151 -4.12 5.58 -57.61
N VAL D 152 -5.24 6.25 -57.35
CA VAL D 152 -5.33 7.22 -56.26
C VAL D 152 -5.32 6.49 -54.92
N ARG D 153 -6.31 5.61 -54.73
CA ARG D 153 -6.37 4.79 -53.53
C ARG D 153 -5.28 3.72 -53.58
N ASN D 154 -4.09 4.17 -53.93
CA ASN D 154 -3.01 3.30 -54.27
C ASN D 154 -1.71 4.03 -54.04
N GLY D 155 -1.72 5.34 -54.22
CA GLY D 155 -0.59 6.22 -54.08
C GLY D 155 0.32 6.24 -55.29
N THR D 156 -0.26 6.05 -56.46
CA THR D 156 0.50 5.88 -57.67
C THR D 156 -0.13 6.68 -58.73
N TYR D 157 -0.77 7.76 -58.34
CA TYR D 157 -1.42 8.64 -59.27
C TYR D 157 -0.42 8.97 -60.33
N ASP D 158 -0.74 9.89 -61.22
CA ASP D 158 0.16 10.09 -62.34
C ASP D 158 0.31 11.39 -63.08
N TYR D 159 -0.68 12.28 -62.94
CA TYR D 159 -0.57 13.64 -63.47
C TYR D 159 -0.60 13.79 -65.00
N PRO D 160 -1.75 14.20 -65.52
CA PRO D 160 -1.90 14.63 -66.91
C PRO D 160 -2.82 15.85 -66.90
N LYS D 161 -2.28 17.04 -67.12
CA LYS D 161 -3.00 18.22 -66.70
C LYS D 161 -3.24 19.40 -67.64
N TYR D 162 -4.46 19.93 -67.61
CA TYR D 162 -4.89 20.97 -68.55
C TYR D 162 -5.70 22.05 -67.88
N SER D 163 -6.94 21.76 -67.55
CA SER D 163 -7.82 22.82 -67.08
C SER D 163 -9.20 22.82 -67.72
N GLU D 164 -10.19 23.29 -66.97
CA GLU D 164 -9.99 23.91 -65.65
C GLU D 164 -10.18 25.41 -65.75
N ASP E 1 -10.83 45.80 -46.26
CA ASP E 1 -11.56 44.90 -45.39
C ASP E 1 -10.76 43.63 -45.10
N THR E 2 -10.98 43.06 -43.91
CA THR E 2 -10.29 41.85 -43.46
C THR E 2 -11.09 41.21 -42.33
N ILE E 3 -10.79 39.96 -42.02
CA ILE E 3 -11.36 39.28 -40.87
C ILE E 3 -10.31 38.39 -40.25
N CYS E 4 -10.06 38.57 -38.95
CA CYS E 4 -8.98 37.87 -38.28
C CYS E 4 -9.47 36.88 -37.22
N ILE E 5 -8.88 35.69 -37.23
CA ILE E 5 -9.14 34.68 -36.21
C ILE E 5 -8.14 34.87 -35.08
N GLY E 6 -8.59 34.68 -33.84
CA GLY E 6 -7.72 34.85 -32.69
C GLY E 6 -8.24 34.23 -31.42
N TYR E 7 -7.49 34.41 -30.34
CA TYR E 7 -7.86 33.84 -29.05
C TYR E 7 -7.83 34.85 -27.91
N HIS E 8 -8.39 34.46 -26.77
CA HIS E 8 -8.57 35.34 -25.61
C HIS E 8 -7.28 35.61 -24.84
N ALA E 9 -7.29 36.70 -24.08
CA ALA E 9 -6.17 37.05 -23.21
C ALA E 9 -6.63 37.99 -22.10
N ASN E 10 -5.87 38.05 -21.01
CA ASN E 10 -6.20 38.94 -19.91
C ASN E 10 -5.01 39.29 -19.00
N ASN E 11 -5.32 39.94 -17.88
CA ASN E 11 -4.29 40.36 -16.92
C ASN E 11 -3.97 39.32 -15.87
N SER E 12 -4.41 38.08 -16.09
CA SER E 12 -4.17 37.00 -15.14
C SER E 12 -2.70 36.65 -15.03
N THR E 13 -2.24 36.43 -13.80
CA THR E 13 -0.84 36.07 -13.55
C THR E 13 -0.72 34.65 -12.99
N ASP E 14 -1.76 33.85 -13.17
CA ASP E 14 -1.78 32.47 -12.72
C ASP E 14 -0.90 31.60 -13.62
N THR E 15 -0.03 30.81 -12.99
CA THR E 15 0.83 29.91 -13.76
C THR E 15 0.58 28.45 -13.41
N VAL E 16 0.73 27.58 -14.40
CA VAL E 16 0.64 26.15 -14.19
C VAL E 16 1.92 25.49 -14.68
N ASP E 17 2.08 24.21 -14.35
CA ASP E 17 3.24 23.46 -14.81
C ASP E 17 2.81 22.37 -15.79
N THR E 18 3.65 22.14 -16.79
CA THR E 18 3.45 21.04 -17.72
C THR E 18 4.70 20.19 -17.68
N VAL E 19 4.70 19.09 -18.43
CA VAL E 19 5.86 18.21 -18.46
C VAL E 19 6.99 18.80 -19.29
N LEU E 20 6.65 19.60 -20.31
CA LEU E 20 7.64 20.19 -21.20
C LEU E 20 8.12 21.57 -20.73
N GLU E 21 7.27 22.27 -19.99
CA GLU E 21 7.55 23.65 -19.60
C GLU E 21 6.95 23.99 -18.24
N LYS E 22 7.67 24.79 -17.46
CA LYS E 22 7.18 25.23 -16.16
C LYS E 22 6.75 26.69 -16.18
N ASN E 23 5.95 27.08 -15.19
CA ASN E 23 5.45 28.45 -15.08
C ASN E 23 4.89 29.02 -16.38
N VAL E 24 3.79 28.44 -16.85
CA VAL E 24 3.14 28.90 -18.06
C VAL E 24 1.90 29.72 -17.72
N THR E 25 2.01 31.04 -17.84
CA THR E 25 0.90 31.93 -17.52
C THR E 25 -0.32 31.57 -18.35
N VAL E 26 -1.44 31.33 -17.68
CA VAL E 26 -2.68 30.97 -18.37
C VAL E 26 -3.81 31.94 -18.08
N THR E 27 -4.88 31.85 -18.87
CA THR E 27 -5.99 32.79 -18.76
C THR E 27 -6.93 32.39 -17.63
N HIS E 28 -7.11 31.09 -17.44
CA HIS E 28 -8.02 30.57 -16.43
C HIS E 28 -7.47 29.29 -15.81
N SER E 29 -7.67 29.14 -14.51
CA SER E 29 -7.17 27.96 -13.80
C SER E 29 -7.90 27.76 -12.49
N VAL E 30 -7.97 26.51 -12.04
CA VAL E 30 -8.58 26.20 -10.75
C VAL E 30 -7.57 25.56 -9.82
N ASN E 31 -7.59 25.97 -8.55
CA ASN E 31 -6.73 25.37 -7.56
C ASN E 31 -7.38 24.13 -6.98
N LEU E 32 -6.61 23.04 -6.91
CA LEU E 32 -7.13 21.79 -6.37
C LEU E 32 -6.59 21.47 -4.98
N LEU E 33 -5.70 22.30 -4.47
CA LEU E 33 -5.04 22.02 -3.20
C LEU E 33 -5.44 23.02 -2.12
N GLU E 34 -6.19 22.54 -1.13
CA GLU E 34 -6.58 23.35 0.01
C GLU E 34 -5.45 23.39 1.04
N ASP E 35 -5.03 24.60 1.42
CA ASP E 35 -3.95 24.77 2.38
C ASP E 35 -4.30 25.76 3.48
N SER E 36 -5.59 26.02 3.63
CA SER E 36 -6.06 26.96 4.63
C SER E 36 -6.95 26.27 5.67
N HIS E 37 -6.55 26.32 6.93
CA HIS E 37 -7.36 25.75 8.00
C HIS E 37 -7.95 26.81 8.93
N ASN E 38 -8.45 26.36 10.07
CA ASN E 38 -9.22 27.21 10.96
C ASN E 38 -8.46 27.58 12.23
N GLY E 39 -7.40 26.83 12.52
CA GLY E 39 -6.61 27.03 13.72
C GLY E 39 -7.37 26.72 14.99
N LYS E 40 -8.50 26.03 14.86
CA LYS E 40 -9.36 25.75 16.00
C LYS E 40 -9.92 24.33 15.97
N LEU E 41 -10.19 23.78 17.15
CA LEU E 41 -10.83 22.48 17.27
C LEU E 41 -12.34 22.65 17.38
N CYS E 42 -13.05 22.38 16.29
CA CYS E 42 -14.49 22.61 16.26
C CYS E 42 -15.30 21.37 16.58
N LYS E 43 -16.61 21.55 16.62
CA LYS E 43 -17.53 20.45 16.89
C LYS E 43 -17.82 19.68 15.60
N LEU E 44 -18.29 18.45 15.74
CA LEU E 44 -18.64 17.65 14.58
C LEU E 44 -20.08 17.17 14.70
N LYS E 45 -20.93 17.63 13.79
CA LYS E 45 -22.35 17.32 13.84
C LYS E 45 -23.03 17.86 15.11
N GLY E 46 -22.61 19.06 15.53
CA GLY E 46 -23.17 19.73 16.69
C GLY E 46 -22.48 19.36 18.00
N ILE E 47 -21.90 18.16 18.03
CA ILE E 47 -21.33 17.63 19.25
C ILE E 47 -19.89 18.06 19.46
N ALA E 48 -19.59 18.55 20.68
CA ALA E 48 -18.27 19.04 21.02
C ALA E 48 -17.29 17.90 21.28
N PRO E 49 -16.00 18.14 21.00
CA PRO E 49 -14.96 17.13 21.26
C PRO E 49 -14.67 17.02 22.74
N LEU E 50 -14.09 15.90 23.16
CA LEU E 50 -13.67 15.74 24.55
C LEU E 50 -12.21 16.15 24.72
N GLN E 51 -11.97 17.24 25.46
CA GLN E 51 -10.63 17.71 25.74
C GLN E 51 -10.13 17.07 27.03
N LEU E 52 -9.08 16.24 26.92
CA LEU E 52 -8.55 15.53 28.08
C LEU E 52 -7.65 16.40 28.95
N GLY E 53 -7.05 17.43 28.35
CA GLY E 53 -6.19 18.34 29.07
C GLY E 53 -4.86 17.69 29.42
N LYS E 54 -4.44 17.84 30.68
CA LYS E 54 -3.17 17.28 31.13
C LYS E 54 -3.29 15.78 31.36
N CYS E 55 -4.46 15.23 31.06
CA CYS E 55 -4.71 13.82 31.24
C CYS E 55 -4.63 13.06 29.92
N ASN E 56 -4.34 11.76 30.00
CA ASN E 56 -4.45 10.88 28.86
C ASN E 56 -5.58 9.86 29.04
N ILE E 57 -5.70 8.91 28.12
CA ILE E 57 -6.79 7.95 28.19
C ILE E 57 -6.81 7.18 29.52
N ALA E 58 -5.64 6.73 29.96
CA ALA E 58 -5.54 5.96 31.20
C ALA E 58 -6.04 6.76 32.41
N GLY E 59 -5.63 8.02 32.51
CA GLY E 59 -6.06 8.87 33.59
C GLY E 59 -7.56 9.13 33.57
N TRP E 60 -8.09 9.32 32.37
CA TRP E 60 -9.52 9.56 32.20
C TRP E 60 -10.37 8.36 32.63
N LEU E 61 -10.00 7.16 32.15
CA LEU E 61 -10.80 5.97 32.39
C LEU E 61 -10.64 5.40 33.79
N LEU E 62 -9.45 5.56 34.35
CA LEU E 62 -9.18 5.07 35.70
C LEU E 62 -9.69 6.06 36.73
N GLY E 63 -9.70 7.33 36.37
CA GLY E 63 -10.15 8.38 37.28
C GLY E 63 -9.01 8.95 38.11
N ASN E 64 -7.89 9.25 37.44
CA ASN E 64 -6.78 9.91 38.10
C ASN E 64 -7.23 11.21 38.74
N PRO E 65 -6.81 11.46 39.99
CA PRO E 65 -7.24 12.62 40.77
C PRO E 65 -7.06 13.98 40.08
N GLU E 66 -6.20 14.05 39.06
CA GLU E 66 -5.99 15.31 38.35
C GLU E 66 -6.95 15.47 37.17
N CYS E 67 -7.90 14.55 37.05
CA CYS E 67 -8.79 14.53 35.90
C CYS E 67 -10.26 14.65 36.28
N ASP E 68 -10.53 15.29 37.42
CA ASP E 68 -11.90 15.36 37.95
C ASP E 68 -12.88 16.12 37.04
N LEU E 69 -12.35 16.94 36.14
CA LEU E 69 -13.20 17.63 35.17
C LEU E 69 -13.83 16.65 34.21
N LEU E 70 -13.18 15.50 34.02
CA LEU E 70 -13.62 14.52 33.03
C LEU E 70 -14.68 13.57 33.55
N LEU E 71 -14.98 13.66 34.84
CA LEU E 71 -15.99 12.77 35.44
C LEU E 71 -17.35 13.01 34.80
N THR E 72 -17.57 14.23 34.36
CA THR E 72 -18.84 14.65 33.78
C THR E 72 -19.03 14.15 32.35
N ALA E 73 -17.93 14.04 31.62
CA ALA E 73 -17.96 13.63 30.22
C ALA E 73 -18.89 12.44 29.99
N SER E 74 -19.60 12.47 28.87
CA SER E 74 -20.52 11.39 28.52
C SER E 74 -20.60 11.17 27.00
N SER E 75 -20.50 12.25 26.24
CA SER E 75 -20.56 12.17 24.78
C SER E 75 -19.54 13.10 24.12
N TRP E 76 -19.07 12.70 22.94
CA TRP E 76 -18.05 13.46 22.23
C TRP E 76 -17.99 13.10 20.76
N SER E 77 -17.59 14.06 19.94
CA SER E 77 -17.45 13.82 18.49
C SER E 77 -16.09 13.22 18.17
N TYR E 78 -15.09 13.54 19.01
CA TYR E 78 -13.76 12.95 18.91
C TYR E 78 -12.97 13.32 20.16
N ILE E 79 -11.85 12.65 20.39
CA ILE E 79 -11.08 12.83 21.62
C ILE E 79 -9.75 13.53 21.35
N VAL E 80 -9.37 14.43 22.27
CA VAL E 80 -8.16 15.22 22.11
C VAL E 80 -7.18 15.06 23.26
N GLU E 81 -5.96 14.62 22.94
CA GLU E 81 -4.85 14.66 23.87
C GLU E 81 -3.90 15.79 23.48
N THR E 82 -3.30 16.43 24.47
CA THR E 82 -2.41 17.55 24.21
C THR E 82 -0.95 17.14 24.40
N SER E 83 -0.05 18.11 24.31
CA SER E 83 1.37 17.85 24.49
C SER E 83 1.70 17.67 25.97
N ASN E 84 0.72 17.96 26.81
CA ASN E 84 0.92 17.88 28.25
C ASN E 84 -0.02 16.88 28.90
N SER E 85 -0.43 15.88 28.13
CA SER E 85 -1.28 14.81 28.64
C SER E 85 -0.41 13.71 29.26
N GLU E 86 0.09 13.96 30.46
CA GLU E 86 0.96 13.00 31.13
C GLU E 86 0.31 12.38 32.36
N ASN E 87 -0.70 13.03 32.91
CA ASN E 87 -1.41 12.49 34.07
C ASN E 87 -2.34 11.34 33.68
N GLY E 88 -1.87 10.12 33.89
CA GLY E 88 -2.66 8.94 33.64
C GLY E 88 -2.55 7.93 34.78
N THR E 89 -1.57 7.04 34.65
CA THR E 89 -1.32 6.04 35.68
C THR E 89 -0.43 6.66 36.78
N CYS E 90 -1.02 6.92 37.94
CA CYS E 90 -0.29 7.63 39.00
C CYS E 90 0.43 6.68 39.95
N TYR E 91 -0.12 5.49 40.13
CA TYR E 91 0.60 4.44 40.82
C TYR E 91 1.32 3.61 39.78
N PRO E 92 2.65 3.45 39.93
CA PRO E 92 3.49 2.82 38.91
C PRO E 92 3.05 1.40 38.56
N GLY E 93 3.05 1.08 37.27
CA GLY E 93 2.68 -0.25 36.83
C GLY E 93 2.31 -0.31 35.36
N ASP E 94 1.97 -1.51 34.90
CA ASP E 94 1.61 -1.75 33.51
C ASP E 94 0.09 -1.75 33.27
N PHE E 95 -0.33 -0.99 32.27
CA PHE E 95 -1.72 -0.98 31.82
C PHE E 95 -1.83 -1.99 30.68
N ILE E 96 -2.13 -3.23 31.00
CA ILE E 96 -2.14 -4.30 30.02
C ILE E 96 -3.07 -4.03 28.83
N ASP E 97 -2.52 -4.18 27.63
CA ASP E 97 -3.29 -4.01 26.39
C ASP E 97 -3.87 -2.60 26.29
N TYR E 98 -3.09 -1.63 26.77
CA TYR E 98 -3.48 -0.23 26.75
C TYR E 98 -3.70 0.30 25.34
N GLU E 99 -2.81 -0.02 24.43
CA GLU E 99 -2.95 0.46 23.06
C GLU E 99 -4.20 -0.11 22.43
N GLU E 100 -4.55 -1.34 22.81
CA GLU E 100 -5.75 -1.98 22.31
C GLU E 100 -7.00 -1.28 22.83
N LEU E 101 -6.94 -0.85 24.08
CA LEU E 101 -8.03 -0.11 24.69
C LEU E 101 -8.25 1.19 23.93
N ARG E 102 -7.17 1.92 23.69
CA ARG E 102 -7.25 3.16 22.91
C ARG E 102 -7.95 2.92 21.57
N GLU E 103 -7.64 1.79 20.94
CA GLU E 103 -8.24 1.45 19.66
C GLU E 103 -9.75 1.26 19.79
N GLN E 104 -10.18 0.70 20.92
CA GLN E 104 -11.59 0.48 21.20
C GLN E 104 -12.34 1.79 21.41
N LEU E 105 -11.72 2.71 22.16
CA LEU E 105 -12.34 3.99 22.45
C LEU E 105 -12.53 4.84 21.20
N SER E 106 -11.74 4.56 20.16
CA SER E 106 -11.83 5.28 18.90
C SER E 106 -13.19 5.14 18.22
N SER E 107 -13.88 4.03 18.45
CA SER E 107 -15.20 3.83 17.87
C SER E 107 -16.32 4.00 18.90
N VAL E 108 -16.04 4.71 19.98
CA VAL E 108 -17.04 4.96 21.00
C VAL E 108 -17.43 6.44 20.97
N SER E 109 -18.73 6.69 20.82
CA SER E 109 -19.24 8.06 20.69
C SER E 109 -19.75 8.60 22.02
N SER E 110 -20.19 7.70 22.88
CA SER E 110 -20.68 8.10 24.20
C SER E 110 -20.77 6.89 25.11
N PHE E 111 -20.92 7.14 26.40
CA PHE E 111 -21.17 6.06 27.35
C PHE E 111 -21.92 6.54 28.60
N GLU E 112 -22.61 5.62 29.25
CA GLU E 112 -23.20 5.91 30.55
C GLU E 112 -22.36 5.32 31.65
N LYS E 113 -21.61 6.18 32.34
CA LYS E 113 -20.83 5.78 33.50
C LYS E 113 -21.79 5.34 34.61
N PHE E 114 -21.44 4.28 35.33
CA PHE E 114 -22.27 3.86 36.47
C PHE E 114 -21.46 3.21 37.60
N GLU E 115 -22.09 3.11 38.77
CA GLU E 115 -21.46 2.48 39.92
C GLU E 115 -21.70 0.97 39.85
N ILE E 116 -20.79 0.26 39.21
CA ILE E 116 -20.93 -1.18 39.04
C ILE E 116 -20.81 -1.92 40.37
N PHE E 117 -19.84 -1.54 41.20
CA PHE E 117 -19.72 -2.09 42.54
C PHE E 117 -19.69 -0.96 43.57
N PRO E 118 -20.87 -0.59 44.09
CA PRO E 118 -21.00 0.52 45.04
C PRO E 118 -20.08 0.37 46.26
N LYS E 119 -19.26 1.38 46.48
CA LYS E 119 -18.26 1.36 47.54
C LYS E 119 -18.85 1.06 48.92
N THR E 120 -20.04 1.58 49.18
CA THR E 120 -20.69 1.39 50.48
C THR E 120 -21.89 0.48 50.35
N SER E 121 -21.64 -0.81 50.23
CA SER E 121 -22.70 -1.78 49.98
C SER E 121 -22.12 -3.10 49.51
N SER E 122 -21.03 -3.03 48.75
CA SER E 122 -20.49 -4.21 48.06
C SER E 122 -19.50 -5.00 48.89
N TRP E 123 -18.93 -4.38 49.92
CA TRP E 123 -17.82 -5.00 50.65
C TRP E 123 -17.96 -4.97 52.17
N PRO E 124 -18.93 -5.72 52.70
CA PRO E 124 -19.23 -5.81 54.14
C PRO E 124 -18.06 -6.35 54.98
N ASN E 125 -17.33 -7.34 54.45
CA ASN E 125 -16.29 -8.00 55.21
C ASN E 125 -14.88 -7.53 54.82
N HIS E 126 -14.83 -6.39 54.16
CA HIS E 126 -13.55 -5.82 53.75
C HIS E 126 -13.52 -4.33 54.01
N GLU E 127 -12.32 -3.77 54.09
CA GLU E 127 -12.12 -2.38 54.41
C GLU E 127 -12.04 -1.50 53.19
N THR E 128 -13.01 -0.61 53.01
CA THR E 128 -13.13 0.15 51.77
C THR E 128 -12.49 1.53 51.85
N THR E 129 -12.30 2.02 53.07
CA THR E 129 -11.58 3.26 53.28
C THR E 129 -10.11 2.90 53.36
N LYS E 130 -9.26 3.88 53.66
CA LYS E 130 -7.84 3.60 53.90
C LYS E 130 -7.07 3.13 52.66
N GLY E 131 -7.76 2.98 51.53
CA GLY E 131 -7.11 2.53 50.31
C GLY E 131 -6.57 3.67 49.47
N VAL E 132 -5.66 4.46 50.06
CA VAL E 132 -5.09 5.62 49.39
C VAL E 132 -3.56 5.58 49.39
N THR E 133 -2.95 6.46 48.60
CA THR E 133 -1.50 6.47 48.47
C THR E 133 -0.95 7.86 48.12
N ALA E 134 0.28 8.12 48.53
CA ALA E 134 0.90 9.41 48.29
C ALA E 134 1.22 9.62 46.81
N ALA E 135 1.22 8.53 46.04
CA ALA E 135 1.51 8.61 44.61
C ALA E 135 0.30 9.07 43.82
N CYS E 136 -0.84 9.19 44.50
CA CYS E 136 -2.07 9.61 43.86
C CYS E 136 -2.74 10.70 44.68
N SER E 137 -1.92 11.57 45.24
CA SER E 137 -2.41 12.61 46.14
C SER E 137 -3.26 13.65 45.41
N TYR E 138 -4.04 14.40 46.17
CA TYR E 138 -4.94 15.39 45.64
C TYR E 138 -5.33 16.34 46.76
N ALA E 139 -5.10 17.64 46.54
CA ALA E 139 -5.33 18.64 47.59
C ALA E 139 -4.39 18.39 48.77
N GLY E 140 -3.16 18.02 48.47
CA GLY E 140 -2.13 17.83 49.47
C GLY E 140 -2.26 16.54 50.27
N ALA E 141 -3.38 15.86 50.12
CA ALA E 141 -3.64 14.62 50.85
C ALA E 141 -3.55 13.40 49.95
N SER E 142 -3.15 12.27 50.52
CA SER E 142 -3.09 11.02 49.77
C SER E 142 -4.49 10.64 49.31
N SER E 143 -4.58 10.20 48.06
CA SER E 143 -5.87 9.84 47.48
C SER E 143 -5.74 8.64 46.54
N PHE E 144 -6.67 8.54 45.59
CA PHE E 144 -6.71 7.40 44.69
C PHE E 144 -7.63 7.64 43.51
N TYR E 145 -7.59 6.73 42.54
CA TYR E 145 -8.43 6.79 41.36
C TYR E 145 -9.91 6.92 41.77
N ARG E 146 -10.69 7.58 40.92
CA ARG E 146 -12.10 7.80 41.23
C ARG E 146 -12.94 6.59 40.84
N ASN E 147 -12.48 5.83 39.86
CA ASN E 147 -13.25 4.72 39.31
C ASN E 147 -12.85 3.34 39.84
N LEU E 148 -11.85 3.32 40.70
CA LEU E 148 -11.36 2.08 41.30
C LEU E 148 -11.45 2.14 42.83
N LEU E 149 -11.51 0.97 43.47
CA LEU E 149 -11.51 0.91 44.93
C LEU E 149 -10.41 -0.01 45.45
N TRP E 150 -9.54 0.53 46.30
CA TRP E 150 -8.46 -0.25 46.89
C TRP E 150 -8.91 -0.92 48.18
N LEU E 151 -9.35 -2.17 48.09
CA LEU E 151 -9.82 -2.92 49.26
C LEU E 151 -8.63 -3.39 50.09
N THR E 152 -8.77 -3.31 51.41
CA THR E 152 -7.75 -3.81 52.32
C THR E 152 -8.37 -4.65 53.42
N LYS E 153 -7.52 -5.29 54.23
CA LYS E 153 -8.02 -6.17 55.28
C LYS E 153 -8.83 -5.39 56.32
N LYS E 154 -9.88 -6.01 56.82
CA LYS E 154 -10.68 -5.42 57.88
C LYS E 154 -10.23 -6.00 59.21
N GLY E 155 -9.30 -5.30 59.86
CA GLY E 155 -8.73 -5.75 61.12
C GLY E 155 -8.17 -7.16 61.05
N SER E 156 -6.96 -7.28 60.51
CA SER E 156 -6.22 -8.54 60.49
C SER E 156 -6.98 -9.70 59.84
N SER E 157 -8.04 -9.38 59.11
CA SER E 157 -8.80 -10.43 58.44
C SER E 157 -9.20 -10.04 57.02
N TYR E 158 -8.76 -10.84 56.06
CA TYR E 158 -9.12 -10.62 54.67
C TYR E 158 -9.76 -11.88 54.10
N PRO E 159 -11.08 -12.01 54.28
CA PRO E 159 -11.85 -13.19 53.87
C PRO E 159 -11.91 -13.29 52.35
N LYS E 160 -11.97 -14.51 51.83
CA LYS E 160 -12.15 -14.70 50.40
C LYS E 160 -13.41 -13.95 49.97
N LEU E 161 -13.26 -13.02 49.03
CA LEU E 161 -14.41 -12.27 48.53
C LEU E 161 -14.88 -12.82 47.20
N SER E 162 -16.18 -12.69 46.94
CA SER E 162 -16.76 -13.10 45.66
C SER E 162 -17.84 -12.10 45.27
N LYS E 163 -17.67 -11.47 44.11
CA LYS E 163 -18.62 -10.46 43.66
C LYS E 163 -18.87 -10.57 42.16
N SER E 164 -20.14 -10.68 41.78
CA SER E 164 -20.50 -10.81 40.38
C SER E 164 -21.34 -9.63 39.90
N TYR E 165 -21.29 -9.38 38.61
CA TYR E 165 -22.15 -8.37 37.99
C TYR E 165 -22.68 -8.88 36.66
N VAL E 166 -24.01 -8.89 36.53
CA VAL E 166 -24.65 -9.27 35.28
C VAL E 166 -24.91 -8.03 34.44
N ASN E 167 -24.54 -8.11 33.16
CA ASN E 167 -24.70 -6.97 32.27
C ASN E 167 -26.12 -6.83 31.74
N ASN E 168 -26.92 -6.02 32.43
CA ASN E 168 -28.27 -5.72 31.96
C ASN E 168 -28.35 -4.27 31.46
N LYS E 169 -27.59 -3.98 30.41
CA LYS E 169 -27.49 -2.63 29.89
C LYS E 169 -27.77 -2.57 28.39
N GLY E 170 -27.86 -3.75 27.78
CA GLY E 170 -28.11 -3.84 26.35
C GLY E 170 -26.98 -3.28 25.53
N LYS E 171 -25.88 -2.95 26.21
CA LYS E 171 -24.70 -2.41 25.56
C LYS E 171 -23.48 -3.14 26.09
N GLU E 172 -22.32 -2.89 25.50
CA GLU E 172 -21.08 -3.39 26.04
C GLU E 172 -20.76 -2.62 27.31
N VAL E 173 -20.20 -3.30 28.29
CA VAL E 173 -19.76 -2.65 29.51
C VAL E 173 -18.26 -2.81 29.69
N LEU E 174 -17.56 -1.69 29.70
CA LEU E 174 -16.11 -1.67 29.90
C LEU E 174 -15.80 -1.70 31.38
N VAL E 175 -15.16 -2.78 31.83
CA VAL E 175 -14.81 -2.93 33.23
C VAL E 175 -13.30 -2.89 33.45
N LEU E 176 -12.83 -1.96 34.26
CA LEU E 176 -11.41 -1.86 34.58
C LEU E 176 -11.15 -2.27 36.02
N TRP E 177 -9.99 -2.89 36.25
CA TRP E 177 -9.56 -3.22 37.60
C TRP E 177 -8.04 -3.24 37.69
N GLY E 178 -7.54 -3.60 38.87
CA GLY E 178 -6.12 -3.65 39.09
C GLY E 178 -5.71 -4.75 40.04
N VAL E 179 -4.45 -5.18 39.92
CA VAL E 179 -3.89 -6.15 40.83
C VAL E 179 -2.64 -5.55 41.45
N HIS E 180 -2.62 -5.42 42.77
CA HIS E 180 -1.50 -4.79 43.44
C HIS E 180 -0.37 -5.78 43.74
N HIS E 181 0.87 -5.30 43.65
CA HIS E 181 2.05 -6.12 43.91
C HIS E 181 3.03 -5.42 44.85
N PRO E 182 2.88 -5.65 46.16
CA PRO E 182 3.69 -5.00 47.20
C PRO E 182 5.18 -5.28 47.04
N PRO E 183 6.04 -4.47 47.70
CA PRO E 183 7.50 -4.61 47.64
C PRO E 183 8.02 -5.71 48.54
N THR E 184 7.34 -5.95 49.66
CA THR E 184 7.81 -6.93 50.63
C THR E 184 6.67 -7.78 51.18
N GLY E 185 7.02 -8.92 51.78
CA GLY E 185 6.03 -9.80 52.37
C GLY E 185 5.39 -9.18 53.62
N THR E 186 6.10 -8.24 54.22
CA THR E 186 5.58 -7.52 55.37
C THR E 186 4.45 -6.58 54.92
N ASP E 187 4.68 -5.84 53.84
CA ASP E 187 3.66 -4.98 53.23
C ASP E 187 2.45 -5.79 52.76
N GLN E 188 2.71 -6.99 52.25
CA GLN E 188 1.63 -7.89 51.85
C GLN E 188 0.72 -8.25 53.02
N GLN E 189 1.32 -8.51 54.18
CA GLN E 189 0.55 -8.87 55.37
C GLN E 189 -0.22 -7.70 55.95
N SER E 190 0.43 -6.54 56.01
CA SER E 190 -0.21 -5.36 56.58
C SER E 190 -1.38 -4.85 55.75
N LEU E 191 -1.34 -5.11 54.44
CA LEU E 191 -2.42 -4.69 53.54
C LEU E 191 -3.53 -5.73 53.43
N TYR E 192 -3.16 -7.00 53.31
CA TYR E 192 -4.12 -8.03 52.94
C TYR E 192 -4.29 -9.01 54.10
N GLN E 193 -3.20 -9.28 54.81
CA GLN E 193 -3.08 -10.40 55.73
C GLN E 193 -3.01 -11.89 55.40
N ASN E 194 -3.33 -12.23 54.14
CA ASN E 194 -2.99 -13.49 53.50
C ASN E 194 -1.69 -13.40 52.71
N ALA E 195 -0.71 -14.22 53.09
CA ALA E 195 0.58 -14.23 52.43
C ALA E 195 0.45 -14.78 51.01
N ASP E 196 -0.37 -15.81 50.87
CA ASP E 196 -0.56 -16.46 49.57
C ASP E 196 -1.93 -16.10 48.99
N ALA E 197 -2.08 -14.84 48.60
CA ALA E 197 -3.35 -14.36 48.07
C ALA E 197 -3.45 -14.63 46.58
N TYR E 198 -4.64 -14.46 46.02
CA TYR E 198 -4.84 -14.57 44.59
C TYR E 198 -6.04 -13.74 44.17
N VAL E 199 -6.02 -13.28 42.93
CA VAL E 199 -7.16 -12.59 42.35
C VAL E 199 -7.63 -13.40 41.14
N SER E 200 -8.93 -13.60 41.04
CA SER E 200 -9.49 -14.37 39.94
C SER E 200 -10.62 -13.61 39.26
N VAL E 201 -10.50 -13.43 37.95
CA VAL E 201 -11.52 -12.73 37.17
C VAL E 201 -12.01 -13.62 36.05
N GLY E 202 -13.33 -13.73 35.90
CA GLY E 202 -13.90 -14.58 34.88
C GLY E 202 -15.24 -14.12 34.34
N SER E 203 -15.36 -14.07 33.01
CA SER E 203 -16.64 -13.85 32.35
C SER E 203 -16.92 -15.00 31.37
N SER E 204 -17.82 -14.77 30.42
CA SER E 204 -18.14 -15.81 29.44
C SER E 204 -16.98 -16.06 28.49
N LYS E 205 -16.17 -15.02 28.25
CA LYS E 205 -15.03 -15.16 27.35
C LYS E 205 -13.73 -14.69 28.00
N TYR E 206 -13.79 -14.28 29.25
CA TYR E 206 -12.60 -13.89 29.98
C TYR E 206 -12.33 -14.84 31.14
N ASN E 207 -11.07 -15.22 31.31
CA ASN E 207 -10.66 -16.12 32.38
C ASN E 207 -9.17 -15.95 32.66
N ARG E 208 -8.84 -15.45 33.85
CA ARG E 208 -7.46 -15.19 34.20
C ARG E 208 -7.26 -15.13 35.71
N ARG E 209 -6.17 -15.71 36.19
CA ARG E 209 -5.87 -15.72 37.61
C ARG E 209 -4.57 -14.97 37.88
N PHE E 210 -4.59 -14.10 38.88
CA PHE E 210 -3.41 -13.30 39.21
C PHE E 210 -2.89 -13.62 40.61
N THR E 211 -1.58 -13.82 40.72
CA THR E 211 -0.95 -13.97 42.03
C THR E 211 0.08 -12.87 42.24
N PRO E 212 0.18 -12.36 43.47
CA PRO E 212 1.08 -11.27 43.85
C PRO E 212 2.53 -11.58 43.53
N GLU E 213 3.19 -10.66 42.83
CA GLU E 213 4.61 -10.81 42.54
C GLU E 213 5.38 -9.85 43.44
N ILE E 214 5.83 -10.38 44.58
CA ILE E 214 6.44 -9.56 45.60
C ILE E 214 7.95 -9.44 45.40
N ALA E 215 8.41 -8.20 45.31
CA ALA E 215 9.82 -7.90 45.10
C ALA E 215 10.05 -6.40 45.11
N ALA E 216 11.29 -5.98 45.32
CA ALA E 216 11.60 -4.57 45.42
C ALA E 216 12.09 -4.02 44.08
N ARG E 217 11.34 -3.07 43.51
CA ARG E 217 11.77 -2.40 42.29
C ARG E 217 12.19 -0.97 42.61
N PRO E 218 12.91 -0.32 41.68
CA PRO E 218 13.24 1.10 41.89
C PRO E 218 11.98 1.89 42.19
N LYS E 219 12.08 2.86 43.08
CA LYS E 219 10.93 3.66 43.44
C LYS E 219 10.47 4.54 42.28
N VAL E 220 9.17 4.51 42.00
CA VAL E 220 8.57 5.39 41.02
C VAL E 220 7.47 6.17 41.72
N ARG E 221 7.56 7.49 41.70
CA ARG E 221 6.67 8.33 42.48
C ARG E 221 6.64 7.81 43.91
N GLY E 222 7.82 7.44 44.42
CA GLY E 222 7.97 7.03 45.81
C GLY E 222 7.63 5.58 46.08
N GLN E 223 7.12 4.88 45.06
CA GLN E 223 6.62 3.52 45.24
C GLN E 223 7.55 2.45 44.72
N ALA E 224 7.80 1.42 45.53
CA ALA E 224 8.64 0.30 45.13
C ALA E 224 7.77 -0.89 44.74
N GLY E 225 6.47 -0.77 45.01
CA GLY E 225 5.51 -1.79 44.61
C GLY E 225 4.95 -1.44 43.26
N ARG E 226 4.26 -2.39 42.64
CA ARG E 226 3.69 -2.16 41.31
C ARG E 226 2.21 -2.51 41.28
N MET E 227 1.48 -1.81 40.43
CA MET E 227 0.06 -2.09 40.24
C MET E 227 -0.20 -2.29 38.75
N ASN E 228 -0.79 -3.43 38.41
CA ASN E 228 -1.11 -3.73 37.02
C ASN E 228 -2.60 -3.53 36.75
N TYR E 229 -2.90 -2.83 35.66
CA TYR E 229 -4.29 -2.49 35.34
C TYR E 229 -4.84 -3.35 34.21
N TYR E 230 -6.11 -3.72 34.33
CA TYR E 230 -6.74 -4.62 33.37
C TYR E 230 -8.14 -4.16 32.99
N TRP E 231 -8.52 -4.41 31.74
CA TRP E 231 -9.87 -4.09 31.27
C TRP E 231 -10.45 -5.27 30.51
N THR E 232 -11.77 -5.24 30.32
CA THR E 232 -12.45 -6.22 29.47
C THR E 232 -13.82 -5.69 29.07
N LEU E 233 -14.24 -5.98 27.84
CA LEU E 233 -15.55 -5.57 27.36
C LEU E 233 -16.59 -6.66 27.66
N LEU E 234 -17.40 -6.41 28.70
CA LEU E 234 -18.45 -7.34 29.09
C LEU E 234 -19.64 -7.21 28.13
N GLU E 235 -20.02 -8.32 27.52
CA GLU E 235 -21.10 -8.34 26.55
C GLU E 235 -22.48 -8.33 27.21
N PRO E 236 -23.49 -7.81 26.50
CA PRO E 236 -24.86 -7.76 27.03
C PRO E 236 -25.31 -9.11 27.56
N GLY E 237 -25.89 -9.13 28.74
CA GLY E 237 -26.39 -10.34 29.35
C GLY E 237 -25.32 -11.18 30.02
N ASP E 238 -24.06 -10.91 29.68
CA ASP E 238 -22.95 -11.68 30.20
C ASP E 238 -22.62 -11.29 31.64
N THR E 239 -21.94 -12.18 32.36
CA THR E 239 -21.63 -11.96 33.77
C THR E 239 -20.13 -11.99 34.05
N ILE E 240 -19.67 -11.06 34.88
CA ILE E 240 -18.28 -11.07 35.30
C ILE E 240 -18.19 -11.33 36.82
N THR E 241 -17.30 -12.24 37.20
CA THR E 241 -17.16 -12.63 38.59
C THR E 241 -15.76 -12.32 39.11
N PHE E 242 -15.70 -11.57 40.21
CA PHE E 242 -14.42 -11.31 40.87
C PHE E 242 -14.30 -12.14 42.13
N GLU E 243 -13.10 -12.67 42.35
CA GLU E 243 -12.84 -13.53 43.48
C GLU E 243 -11.39 -13.28 43.89
N ALA E 244 -11.17 -13.05 45.18
CA ALA E 244 -9.83 -12.71 45.64
C ALA E 244 -9.62 -12.94 47.13
N THR E 245 -8.37 -13.18 47.51
CA THR E 245 -7.98 -13.24 48.91
C THR E 245 -6.94 -12.17 49.19
N GLY E 246 -6.92 -11.14 48.34
CA GLY E 246 -6.03 -10.00 48.51
C GLY E 246 -5.61 -9.39 47.20
N ASN E 247 -4.94 -8.24 47.28
CA ASN E 247 -4.30 -7.61 46.12
C ASN E 247 -5.25 -7.13 45.01
N LEU E 248 -6.55 -7.25 45.24
CA LEU E 248 -7.53 -6.83 44.24
C LEU E 248 -7.84 -5.35 44.32
N ILE E 249 -7.54 -4.63 43.25
CA ILE E 249 -8.00 -3.25 43.11
C ILE E 249 -9.33 -3.32 42.39
N ALA E 250 -10.40 -3.40 43.17
CA ALA E 250 -11.73 -3.69 42.65
C ALA E 250 -12.30 -2.57 41.80
N PRO E 251 -13.16 -2.93 40.82
CA PRO E 251 -13.87 -1.92 40.04
C PRO E 251 -14.89 -1.19 40.90
N TRP E 252 -15.05 0.10 40.68
CA TRP E 252 -16.02 0.91 41.41
C TRP E 252 -17.04 1.45 40.42
N TYR E 253 -16.55 2.16 39.41
CA TYR E 253 -17.38 2.68 38.34
C TYR E 253 -16.99 2.05 37.01
N ALA E 254 -17.98 1.66 36.23
CA ALA E 254 -17.74 1.11 34.89
C ALA E 254 -18.47 1.95 33.85
N PHE E 255 -18.28 1.61 32.57
CA PHE E 255 -18.89 2.39 31.50
C PHE E 255 -19.69 1.50 30.55
N ALA E 256 -20.96 1.83 30.35
CA ALA E 256 -21.77 1.23 29.30
C ALA E 256 -21.52 2.01 28.01
N LEU E 257 -21.02 1.32 26.99
CA LEU E 257 -20.51 1.98 25.79
C LEU E 257 -21.51 2.06 24.65
N ASN E 258 -21.47 3.18 23.92
CA ASN E 258 -22.23 3.35 22.68
C ASN E 258 -21.29 3.47 21.51
N ARG E 259 -21.32 2.48 20.62
CA ARG E 259 -20.46 2.50 19.45
C ARG E 259 -20.87 3.60 18.46
N GLY E 260 -19.97 3.90 17.53
CA GLY E 260 -20.23 4.89 16.50
C GLY E 260 -19.00 5.05 15.61
N SER E 261 -19.22 5.25 14.31
CA SER E 261 -18.12 5.35 13.38
C SER E 261 -17.79 6.81 13.05
N GLY E 262 -16.53 7.07 12.71
CA GLY E 262 -16.11 8.40 12.32
C GLY E 262 -15.44 9.18 13.44
N SER E 263 -15.20 8.51 14.56
CA SER E 263 -14.56 9.15 15.70
C SER E 263 -13.09 8.73 15.78
N GLY E 264 -12.38 9.25 16.77
CA GLY E 264 -10.98 8.92 16.94
C GLY E 264 -10.26 9.78 17.94
N ILE E 265 -8.97 9.52 18.12
CA ILE E 265 -8.15 10.27 19.05
C ILE E 265 -7.06 11.03 18.30
N ILE E 266 -6.94 12.32 18.57
CA ILE E 266 -5.91 13.13 17.93
C ILE E 266 -5.11 13.89 18.97
N THR E 267 -3.90 14.28 18.59
CA THR E 267 -3.04 15.07 19.45
C THR E 267 -2.99 16.50 18.92
N SER E 268 -3.42 17.46 19.75
CA SER E 268 -3.51 18.84 19.30
C SER E 268 -3.41 19.84 20.44
N ASP E 269 -2.76 20.97 20.19
CA ASP E 269 -2.66 22.04 21.17
C ASP E 269 -3.51 23.24 20.75
N ALA E 270 -4.28 23.05 19.68
CA ALA E 270 -5.19 24.08 19.20
C ALA E 270 -6.40 24.18 20.14
N PRO E 271 -6.88 25.41 20.36
CA PRO E 271 -7.99 25.66 21.29
C PRO E 271 -9.34 25.22 20.73
N VAL E 272 -10.19 24.69 21.59
CA VAL E 272 -11.57 24.37 21.22
C VAL E 272 -12.40 25.64 21.25
N HIS E 273 -13.28 25.81 20.25
CA HIS E 273 -14.13 26.98 20.18
C HIS E 273 -15.57 26.59 19.88
N ASP E 274 -16.50 27.48 20.19
CA ASP E 274 -17.90 27.29 19.80
C ASP E 274 -17.97 27.45 18.28
N CYS E 275 -17.92 26.32 17.59
CA CYS E 275 -17.80 26.32 16.14
C CYS E 275 -18.14 24.94 15.60
N ASN E 276 -18.58 24.88 14.35
CA ASN E 276 -19.01 23.62 13.75
C ASN E 276 -18.36 23.39 12.38
N THR E 277 -17.95 22.15 12.12
CA THR E 277 -17.27 21.81 10.88
C THR E 277 -17.64 20.40 10.41
N LYS E 278 -17.16 20.03 9.23
CA LYS E 278 -17.34 18.67 8.72
C LYS E 278 -15.99 17.97 8.59
N CYS E 279 -14.93 18.75 8.74
CA CYS E 279 -13.57 18.26 8.55
C CYS E 279 -12.62 18.85 9.60
N GLN E 280 -12.03 17.99 10.41
CA GLN E 280 -11.16 18.44 11.49
C GLN E 280 -9.77 17.81 11.41
N THR E 281 -8.76 18.64 11.63
CA THR E 281 -7.38 18.16 11.71
C THR E 281 -6.75 18.73 12.96
N PRO E 282 -5.64 18.11 13.42
CA PRO E 282 -4.93 18.59 14.60
C PRO E 282 -4.49 20.06 14.51
N HIS E 283 -4.28 20.55 13.29
CA HIS E 283 -3.93 21.96 13.12
C HIS E 283 -5.15 22.88 13.25
N GLY E 284 -6.28 22.42 12.72
CA GLY E 284 -7.52 23.18 12.78
C GLY E 284 -8.58 22.61 11.86
N ALA E 285 -9.70 23.31 11.73
CA ALA E 285 -10.82 22.82 10.91
C ALA E 285 -10.67 23.23 9.45
N ILE E 286 -11.29 22.45 8.57
CA ILE E 286 -11.24 22.73 7.14
C ILE E 286 -12.64 22.87 6.52
N ASN E 287 -12.84 23.96 5.79
CA ASN E 287 -14.06 24.17 5.05
C ASN E 287 -13.73 24.26 3.57
N SER E 288 -13.78 23.13 2.88
CA SER E 288 -13.35 23.08 1.49
C SER E 288 -14.09 22.01 0.70
N SER E 289 -14.20 22.24 -0.61
CA SER E 289 -14.77 21.25 -1.52
C SER E 289 -13.71 20.83 -2.53
N LEU E 290 -12.46 21.17 -2.23
CA LEU E 290 -11.32 20.78 -3.06
C LEU E 290 -10.95 19.32 -2.81
N PRO E 291 -10.35 18.67 -3.82
CA PRO E 291 -10.03 17.24 -3.76
C PRO E 291 -8.81 16.95 -2.89
N PHE E 292 -7.97 17.95 -2.65
CA PHE E 292 -6.72 17.73 -1.93
C PHE E 292 -6.45 18.77 -0.86
N GLN E 293 -5.63 18.38 0.11
CA GLN E 293 -5.17 19.27 1.16
C GLN E 293 -3.77 18.86 1.58
N ASN E 294 -2.95 19.82 1.96
CA ASN E 294 -1.59 19.52 2.43
C ASN E 294 -1.39 19.95 3.87
N ILE E 295 -2.51 20.13 4.56
CA ILE E 295 -2.53 20.60 5.94
C ILE E 295 -2.08 19.52 6.92
N HIS E 296 -2.73 18.36 6.88
CA HIS E 296 -2.44 17.29 7.84
C HIS E 296 -2.97 15.93 7.40
N PRO E 297 -2.19 14.87 7.65
CA PRO E 297 -2.60 13.48 7.37
C PRO E 297 -3.72 13.00 8.28
N VAL E 298 -3.70 13.43 9.54
CA VAL E 298 -4.72 13.03 10.50
C VAL E 298 -6.02 13.81 10.29
N THR E 299 -7.12 13.09 10.19
CA THR E 299 -8.39 13.69 9.79
C THR E 299 -9.56 13.09 10.54
N ILE E 300 -10.58 13.91 10.79
CA ILE E 300 -11.82 13.43 11.40
C ILE E 300 -13.01 14.08 10.72
N GLY E 301 -13.82 13.27 10.05
CA GLY E 301 -14.96 13.76 9.30
C GLY E 301 -14.84 13.46 7.81
N GLU E 302 -15.29 14.40 6.98
CA GLU E 302 -15.16 14.28 5.53
C GLU E 302 -14.16 15.29 5.02
N CYS E 303 -13.00 14.82 4.58
CA CYS E 303 -11.90 15.72 4.23
C CYS E 303 -11.34 15.47 2.83
N PRO E 304 -10.62 16.47 2.30
CA PRO E 304 -9.84 16.31 1.06
C PRO E 304 -8.66 15.38 1.29
N LYS E 305 -8.31 14.59 0.27
CA LYS E 305 -7.18 13.66 0.37
C LYS E 305 -5.91 14.43 0.70
N TYR E 306 -5.21 13.99 1.74
CA TYR E 306 -3.95 14.64 2.11
C TYR E 306 -2.85 14.32 1.11
N VAL E 307 -1.96 15.27 0.91
CA VAL E 307 -0.93 15.16 -0.11
C VAL E 307 0.22 16.11 0.22
N ARG E 308 1.45 15.68 -0.06
CA ARG E 308 2.63 16.47 0.28
C ARG E 308 2.80 17.71 -0.60
N SER E 309 2.08 17.75 -1.72
CA SER E 309 2.23 18.81 -2.71
C SER E 309 2.13 20.21 -2.11
N THR E 310 2.93 21.13 -2.63
CA THR E 310 2.84 22.54 -2.26
C THR E 310 1.85 23.25 -3.19
N LYS E 311 1.78 22.79 -4.43
CA LYS E 311 0.96 23.43 -5.45
C LYS E 311 0.30 22.43 -6.39
N LEU E 312 -1.02 22.51 -6.48
CA LEU E 312 -1.78 21.70 -7.43
C LEU E 312 -2.80 22.58 -8.14
N ARG E 313 -2.34 23.30 -9.16
CA ARG E 313 -3.22 24.15 -9.96
C ARG E 313 -3.38 23.57 -11.35
N MET E 314 -4.64 23.38 -11.75
CA MET E 314 -4.97 22.75 -13.02
C MET E 314 -5.49 23.78 -14.01
N ALA E 315 -4.85 23.85 -15.17
CA ALA E 315 -5.20 24.85 -16.18
C ALA E 315 -6.58 24.58 -16.79
N THR E 316 -7.33 25.66 -17.02
CA THR E 316 -8.62 25.56 -17.67
C THR E 316 -8.66 26.42 -18.93
N GLY E 317 -8.05 27.60 -18.86
CA GLY E 317 -7.98 28.49 -19.99
C GLY E 317 -6.86 28.09 -20.95
N LEU E 318 -6.38 29.05 -21.73
CA LEU E 318 -5.28 28.81 -22.66
C LEU E 318 -4.07 29.63 -22.25
N ARG E 319 -2.95 29.40 -22.95
CA ARG E 319 -1.73 30.17 -22.73
C ARG E 319 -2.01 31.67 -22.89
N ASN E 320 -1.64 32.45 -21.89
CA ASN E 320 -1.96 33.88 -21.85
C ASN E 320 -0.91 34.75 -22.52
N ILE E 321 -1.28 35.41 -23.62
CA ILE E 321 -0.35 36.27 -24.34
C ILE E 321 -0.98 37.63 -24.66
N PRO E 322 -0.78 38.60 -23.77
CA PRO E 322 -1.30 39.96 -23.97
C PRO E 322 -0.60 40.67 -25.12
N ALA E 323 0.73 40.53 -25.19
CA ALA E 323 1.53 41.15 -26.23
C ALA E 323 1.16 42.62 -26.45
N ARG E 324 1.23 43.40 -25.38
CA ARG E 324 0.86 44.81 -25.43
C ARG E 324 1.82 45.63 -26.28
N GLY F 1 3.52 25.23 -29.22
CA GLY F 1 2.21 24.84 -29.71
C GLY F 1 2.25 23.54 -30.50
N LEU F 2 1.52 22.54 -30.02
CA LEU F 2 1.50 21.24 -30.68
C LEU F 2 0.75 21.31 -32.00
N PHE F 3 -0.06 22.36 -32.17
CA PHE F 3 -0.81 22.55 -33.40
C PHE F 3 -0.48 23.88 -34.08
N GLY F 4 0.53 24.58 -33.54
CA GLY F 4 1.11 25.73 -34.20
C GLY F 4 0.21 26.94 -34.38
N ALA F 5 -0.98 26.90 -33.81
CA ALA F 5 -1.90 28.03 -33.90
C ALA F 5 -1.58 29.08 -32.82
N ILE F 6 -1.83 28.72 -31.57
CA ILE F 6 -1.54 29.60 -30.44
C ILE F 6 -0.03 29.77 -30.26
N ALA F 7 0.40 31.03 -30.12
CA ALA F 7 1.82 31.36 -30.01
C ALA F 7 2.60 30.87 -31.23
N GLY F 8 1.88 30.58 -32.31
CA GLY F 8 2.49 30.11 -33.54
C GLY F 8 2.25 31.04 -34.71
N PHE F 9 1.41 30.61 -35.66
CA PHE F 9 1.10 31.45 -36.82
C PHE F 9 0.09 32.55 -36.44
N ILE F 10 -0.40 32.49 -35.21
CA ILE F 10 -1.16 33.60 -34.66
C ILE F 10 -0.41 34.09 -33.43
N GLU F 11 0.64 34.87 -33.69
CA GLU F 11 1.61 35.28 -32.66
C GLU F 11 1.02 35.55 -31.28
N GLY F 12 -0.07 36.31 -31.21
CA GLY F 12 -0.62 36.70 -29.93
C GLY F 12 -2.13 36.62 -29.79
N GLY F 13 -2.60 36.87 -28.58
CA GLY F 13 -4.03 36.86 -28.29
C GLY F 13 -4.57 38.26 -28.05
N TRP F 14 -5.89 38.37 -27.92
CA TRP F 14 -6.52 39.68 -27.81
C TRP F 14 -7.10 39.95 -26.41
N THR F 15 -6.53 40.93 -25.71
CA THR F 15 -7.06 41.35 -24.43
C THR F 15 -8.40 42.06 -24.63
N GLY F 16 -8.73 42.33 -25.90
CA GLY F 16 -9.92 43.08 -26.24
C GLY F 16 -11.17 42.23 -26.35
N MET F 17 -11.02 40.97 -26.71
CA MET F 17 -12.15 40.05 -26.82
C MET F 17 -12.42 39.36 -25.49
N ILE F 18 -13.49 39.77 -24.81
CA ILE F 18 -13.76 39.30 -23.46
C ILE F 18 -15.02 38.45 -23.35
N ASP F 19 -15.58 38.06 -24.49
CA ASP F 19 -16.84 37.30 -24.50
C ASP F 19 -16.60 35.80 -24.50
N GLY F 20 -15.46 35.37 -25.04
CA GLY F 20 -15.16 33.97 -25.17
C GLY F 20 -13.68 33.67 -25.36
N TRP F 21 -13.35 32.41 -25.58
CA TRP F 21 -11.96 31.98 -25.73
C TRP F 21 -11.48 32.15 -27.16
N TYR F 22 -12.32 31.77 -28.11
CA TYR F 22 -11.99 31.91 -29.52
C TYR F 22 -12.98 32.88 -30.15
N GLY F 23 -12.52 33.64 -31.15
CA GLY F 23 -13.38 34.61 -31.80
C GLY F 23 -12.80 35.26 -33.04
N TYR F 24 -13.44 36.34 -33.47
CA TYR F 24 -13.03 37.04 -34.68
C TYR F 24 -12.86 38.53 -34.41
N HIS F 25 -12.12 39.17 -35.30
CA HIS F 25 -12.09 40.60 -35.43
C HIS F 25 -12.30 40.94 -36.88
N HIS F 26 -13.30 41.74 -37.20
CA HIS F 26 -13.72 41.90 -38.59
C HIS F 26 -13.06 43.03 -39.38
N GLN F 27 -13.32 44.25 -38.95
CA GLN F 27 -12.93 45.46 -39.66
C GLN F 27 -13.60 45.66 -41.00
N ASN F 28 -14.49 46.63 -40.98
CA ASN F 28 -15.46 46.90 -42.04
C ASN F 28 -15.59 48.39 -42.31
N GLU F 29 -16.27 48.74 -43.40
CA GLU F 29 -16.57 50.13 -43.71
C GLU F 29 -17.45 50.72 -42.62
N GLN F 30 -18.15 49.85 -41.91
CA GLN F 30 -19.07 50.28 -40.87
C GLN F 30 -18.38 50.33 -39.49
N GLY F 31 -17.16 49.79 -39.43
CA GLY F 31 -16.37 49.85 -38.21
C GLY F 31 -15.63 48.57 -37.86
N SER F 32 -14.87 48.64 -36.77
CA SER F 32 -14.13 47.47 -36.28
C SER F 32 -14.91 46.77 -35.17
N GLY F 33 -14.19 46.05 -34.30
CA GLY F 33 -14.81 45.39 -33.17
C GLY F 33 -14.50 43.91 -33.08
N TYR F 34 -14.66 43.35 -31.88
CA TYR F 34 -14.42 41.92 -31.67
C TYR F 34 -15.75 41.16 -31.58
N ALA F 35 -15.68 39.85 -31.73
CA ALA F 35 -16.85 39.00 -31.62
C ALA F 35 -16.46 37.56 -31.33
N ALA F 36 -16.90 37.02 -30.21
CA ALA F 36 -16.56 35.66 -29.81
C ALA F 36 -17.46 34.62 -30.49
N ASP F 37 -16.88 33.47 -30.80
CA ASP F 37 -17.63 32.39 -31.45
C ASP F 37 -18.26 31.47 -30.42
N GLN F 38 -19.56 31.62 -30.20
CA GLN F 38 -20.29 30.82 -29.22
C GLN F 38 -20.05 29.33 -29.41
N LYS F 39 -20.35 28.84 -30.62
CA LYS F 39 -20.26 27.42 -30.93
C LYS F 39 -19.02 26.74 -30.39
N SER F 40 -17.85 27.30 -30.70
CA SER F 40 -16.58 26.65 -30.35
C SER F 40 -16.12 26.94 -28.92
N THR F 41 -16.47 28.11 -28.40
CA THR F 41 -16.15 28.44 -27.01
C THR F 41 -16.93 27.56 -26.04
N GLN F 42 -18.20 27.33 -26.35
CA GLN F 42 -19.05 26.50 -25.49
C GLN F 42 -18.53 25.06 -25.40
N ASN F 43 -18.27 24.46 -26.56
CA ASN F 43 -17.72 23.11 -26.61
C ASN F 43 -16.44 22.96 -25.77
N ALA F 44 -15.60 23.97 -25.83
CA ALA F 44 -14.36 23.97 -25.05
C ALA F 44 -14.68 24.08 -23.55
N ILE F 45 -15.71 24.87 -23.23
CA ILE F 45 -16.12 25.04 -21.85
C ILE F 45 -16.79 23.78 -21.32
N ASP F 46 -17.52 23.09 -22.19
CA ASP F 46 -18.16 21.83 -21.83
C ASP F 46 -17.10 20.74 -21.60
N GLY F 47 -16.14 20.66 -22.51
CA GLY F 47 -15.08 19.68 -22.41
C GLY F 47 -14.17 19.87 -21.20
N ILE F 48 -13.72 21.11 -21.00
CA ILE F 48 -12.86 21.43 -19.86
C ILE F 48 -13.58 21.24 -18.53
N THR F 49 -14.80 21.76 -18.45
CA THR F 49 -15.62 21.58 -17.26
C THR F 49 -15.74 20.09 -16.93
N ASN F 50 -15.97 19.28 -17.95
CA ASN F 50 -16.09 17.84 -17.77
C ASN F 50 -14.76 17.18 -17.38
N LYS F 51 -13.66 17.73 -17.88
CA LYS F 51 -12.34 17.21 -17.52
C LYS F 51 -12.04 17.44 -16.04
N VAL F 52 -12.31 18.65 -15.57
CA VAL F 52 -12.06 19.01 -14.18
C VAL F 52 -12.97 18.22 -13.23
N ASN F 53 -14.20 17.98 -13.67
CA ASN F 53 -15.11 17.17 -12.87
C ASN F 53 -14.69 15.71 -12.86
N SER F 54 -14.09 15.25 -13.94
CA SER F 54 -13.66 13.86 -14.04
C SER F 54 -12.45 13.56 -13.15
N VAL F 55 -11.58 14.55 -13.00
CA VAL F 55 -10.40 14.42 -12.14
C VAL F 55 -10.82 14.38 -10.68
N ILE F 56 -11.74 15.28 -10.32
CA ILE F 56 -12.26 15.33 -8.95
C ILE F 56 -13.04 14.07 -8.58
N GLU F 57 -13.64 13.42 -9.58
CA GLU F 57 -14.40 12.20 -9.34
C GLU F 57 -13.50 11.02 -8.95
N LYS F 58 -12.32 10.94 -9.55
CA LYS F 58 -11.40 9.84 -9.30
C LYS F 58 -10.70 9.98 -7.95
N MET F 59 -10.73 11.19 -7.39
CA MET F 59 -10.06 11.45 -6.11
C MET F 59 -11.07 11.48 -4.96
N ASN F 60 -11.48 10.29 -4.53
CA ASN F 60 -12.42 10.18 -3.41
C ASN F 60 -11.91 10.88 -2.16
N THR F 61 -12.81 11.62 -1.50
CA THR F 61 -12.46 12.32 -0.27
C THR F 61 -11.97 11.35 0.80
N GLN F 62 -11.21 11.87 1.74
CA GLN F 62 -10.63 11.08 2.82
C GLN F 62 -11.48 11.16 4.09
N PHE F 63 -11.93 10.01 4.57
CA PHE F 63 -12.71 9.96 5.80
C PHE F 63 -11.82 9.90 7.03
N THR F 64 -12.41 9.69 8.19
CA THR F 64 -11.65 9.69 9.44
C THR F 64 -10.43 8.79 9.34
N ALA F 65 -9.27 9.36 9.67
CA ALA F 65 -8.01 8.63 9.59
C ALA F 65 -7.10 9.08 10.72
N VAL F 66 -7.16 8.37 11.84
CA VAL F 66 -6.33 8.71 13.00
C VAL F 66 -5.10 7.82 13.06
N GLY F 67 -4.25 8.04 14.06
CA GLY F 67 -3.05 7.24 14.24
C GLY F 67 -3.22 6.17 15.31
N LYS F 68 -2.31 5.21 15.32
CA LYS F 68 -2.33 4.15 16.31
C LYS F 68 -1.12 4.25 17.24
N GLU F 69 -1.27 3.79 18.47
CA GLU F 69 -0.17 3.71 19.41
C GLU F 69 0.38 2.29 19.51
N PHE F 70 1.66 2.18 19.82
CA PHE F 70 2.32 0.89 19.99
C PHE F 70 3.24 0.95 21.20
N ASN F 71 3.36 -0.15 21.93
CA ASN F 71 4.30 -0.21 23.06
C ASN F 71 5.73 -0.47 22.59
N ASN F 72 6.68 -0.41 23.52
CA ASN F 72 8.10 -0.51 23.16
C ASN F 72 8.54 -1.89 22.66
N LEU F 73 7.63 -2.87 22.70
CA LEU F 73 7.91 -4.20 22.15
C LEU F 73 7.12 -4.45 20.86
N GLU F 74 6.69 -3.37 20.21
CA GLU F 74 5.90 -3.48 18.99
C GLU F 74 6.48 -2.59 17.90
N ARG F 75 7.80 -2.52 17.84
CA ARG F 75 8.46 -1.65 16.87
C ARG F 75 8.24 -2.13 15.44
N ARG F 76 8.32 -3.44 15.23
CA ARG F 76 8.10 -4.00 13.90
C ARG F 76 6.72 -3.65 13.36
N ILE F 77 5.69 -3.78 14.20
CA ILE F 77 4.33 -3.44 13.81
C ILE F 77 4.19 -1.93 13.64
N GLU F 78 4.83 -1.16 14.52
CA GLU F 78 4.81 0.28 14.40
C GLU F 78 5.46 0.73 13.09
N ASN F 79 6.52 0.04 12.69
CA ASN F 79 7.20 0.35 11.44
C ASN F 79 6.45 -0.15 10.21
N LEU F 80 5.73 -1.27 10.37
CA LEU F 80 4.87 -1.75 9.31
C LEU F 80 3.78 -0.72 9.06
N ASN F 81 3.14 -0.28 10.14
CA ASN F 81 2.07 0.69 10.05
C ASN F 81 2.54 2.03 9.49
N LYS F 82 3.80 2.36 9.73
CA LYS F 82 4.33 3.63 9.25
C LYS F 82 4.78 3.52 7.79
N LYS F 83 5.26 2.35 7.42
CA LYS F 83 5.64 2.09 6.04
C LYS F 83 4.42 2.16 5.13
N VAL F 84 3.27 1.74 5.68
CA VAL F 84 2.02 1.74 4.94
C VAL F 84 1.47 3.14 4.74
N ASP F 85 1.61 3.99 5.75
CA ASP F 85 1.15 5.37 5.64
C ASP F 85 2.02 6.20 4.71
N ASP F 86 3.34 6.07 4.86
CA ASP F 86 4.29 6.78 4.01
C ASP F 86 4.22 6.27 2.57
N GLY F 87 3.98 4.97 2.42
CA GLY F 87 3.88 4.35 1.11
C GLY F 87 2.70 4.87 0.32
N PHE F 88 1.50 4.76 0.90
CA PHE F 88 0.30 5.26 0.23
C PHE F 88 0.41 6.75 -0.04
N LEU F 89 1.03 7.48 0.88
CA LEU F 89 1.20 8.92 0.72
C LEU F 89 2.13 9.24 -0.44
N ASP F 90 3.19 8.47 -0.59
CA ASP F 90 4.12 8.64 -1.71
C ASP F 90 3.37 8.51 -3.03
N ILE F 91 2.50 7.52 -3.09
CA ILE F 91 1.78 7.18 -4.31
C ILE F 91 0.70 8.19 -4.69
N TRP F 92 -0.08 8.64 -3.72
CA TRP F 92 -1.13 9.62 -3.98
C TRP F 92 -0.56 11.02 -4.32
N THR F 93 0.57 11.36 -3.72
CA THR F 93 1.22 12.63 -4.07
C THR F 93 1.74 12.54 -5.49
N TYR F 94 2.23 11.37 -5.85
CA TYR F 94 2.72 11.12 -7.20
C TYR F 94 1.57 11.19 -8.18
N ASN F 95 0.51 10.45 -7.90
CA ASN F 95 -0.65 10.41 -8.78
C ASN F 95 -1.27 11.79 -9.00
N ALA F 96 -1.47 12.54 -7.93
CA ALA F 96 -2.11 13.85 -8.01
C ALA F 96 -1.30 14.82 -8.87
N GLU F 97 -0.05 15.03 -8.48
CA GLU F 97 0.81 15.96 -9.20
C GLU F 97 1.00 15.55 -10.65
N LEU F 98 1.17 14.25 -10.86
CA LEU F 98 1.49 13.72 -12.17
C LEU F 98 0.28 13.77 -13.11
N LEU F 99 -0.92 13.61 -12.56
CA LEU F 99 -2.13 13.71 -13.36
C LEU F 99 -2.33 15.14 -13.83
N VAL F 100 -2.07 16.11 -12.95
CA VAL F 100 -2.20 17.51 -13.30
C VAL F 100 -1.22 17.91 -14.40
N LEU F 101 0.07 17.65 -14.17
CA LEU F 101 1.10 17.95 -15.19
C LEU F 101 0.67 17.49 -16.57
N LEU F 102 0.21 16.24 -16.65
CA LEU F 102 -0.15 15.64 -17.92
C LEU F 102 -1.37 16.30 -18.57
N GLU F 103 -2.45 16.43 -17.81
CA GLU F 103 -3.67 17.03 -18.33
C GLU F 103 -3.48 18.50 -18.72
N ASN F 104 -2.63 19.19 -17.96
CA ASN F 104 -2.31 20.58 -18.28
C ASN F 104 -1.70 20.70 -19.67
N GLU F 105 -0.84 19.74 -20.02
CA GLU F 105 -0.26 19.66 -21.34
C GLU F 105 -1.36 19.45 -22.37
N ARG F 106 -2.28 18.55 -22.06
CA ARG F 106 -3.37 18.22 -22.96
C ARG F 106 -4.32 19.40 -23.14
N THR F 107 -4.54 20.16 -22.07
CA THR F 107 -5.51 21.26 -22.11
C THR F 107 -5.02 22.42 -22.96
N LEU F 108 -3.75 22.76 -22.82
CA LEU F 108 -3.16 23.81 -23.65
C LEU F 108 -3.18 23.40 -25.13
N ASP F 109 -2.94 22.11 -25.39
CA ASP F 109 -2.98 21.59 -26.75
C ASP F 109 -4.41 21.52 -27.27
N PHE F 110 -5.37 21.33 -26.36
CA PHE F 110 -6.78 21.29 -26.72
C PHE F 110 -7.22 22.65 -27.26
N HIS F 111 -6.92 23.70 -26.52
CA HIS F 111 -7.21 25.04 -26.98
C HIS F 111 -6.51 25.32 -28.31
N ASP F 112 -5.23 24.96 -28.38
CA ASP F 112 -4.46 25.13 -29.60
C ASP F 112 -5.19 24.53 -30.79
N SER F 113 -5.51 23.24 -30.68
CA SER F 113 -6.26 22.55 -31.72
C SER F 113 -7.57 23.24 -32.08
N ASN F 114 -8.24 23.80 -31.07
CA ASN F 114 -9.48 24.53 -31.31
C ASN F 114 -9.32 25.75 -32.20
N VAL F 115 -8.29 26.55 -31.91
CA VAL F 115 -7.99 27.72 -32.72
C VAL F 115 -7.64 27.30 -34.15
N ARG F 116 -6.83 26.26 -34.27
CA ARG F 116 -6.41 25.77 -35.58
C ARG F 116 -7.59 25.27 -36.42
N ASN F 117 -8.56 24.64 -35.76
CA ASN F 117 -9.73 24.10 -36.45
C ASN F 117 -10.70 25.20 -36.87
N LEU F 118 -10.93 26.16 -35.98
CA LEU F 118 -11.77 27.31 -36.28
C LEU F 118 -11.24 28.08 -37.48
N TYR F 119 -9.92 28.23 -37.54
CA TYR F 119 -9.27 28.94 -38.64
C TYR F 119 -9.50 28.23 -39.97
N GLU F 120 -9.37 26.91 -39.96
CA GLU F 120 -9.48 26.15 -41.19
C GLU F 120 -10.93 25.94 -41.60
N LYS F 121 -11.84 26.23 -40.68
CA LYS F 121 -13.27 26.15 -41.02
C LYS F 121 -13.65 27.37 -41.84
N VAL F 122 -13.06 28.51 -41.48
CA VAL F 122 -13.27 29.75 -42.22
C VAL F 122 -12.54 29.72 -43.55
N LYS F 123 -11.30 29.24 -43.53
CA LYS F 123 -10.49 29.17 -44.75
C LYS F 123 -11.18 28.41 -45.86
N SER F 124 -11.86 27.32 -45.50
CA SER F 124 -12.55 26.49 -46.48
C SER F 124 -13.93 27.03 -46.84
N GLN F 125 -14.40 28.01 -46.07
CA GLN F 125 -15.63 28.72 -46.39
C GLN F 125 -15.39 29.79 -47.45
N LEU F 126 -14.28 30.52 -47.31
CA LEU F 126 -13.98 31.65 -48.18
C LEU F 126 -13.36 31.20 -49.51
N LYS F 127 -12.19 30.56 -49.42
CA LYS F 127 -11.47 30.09 -50.59
C LYS F 127 -11.15 31.39 -51.32
N ASN F 128 -11.47 31.43 -52.61
CA ASN F 128 -11.05 32.50 -53.50
C ASN F 128 -11.41 33.88 -52.98
N ASN F 129 -12.58 33.97 -52.34
CA ASN F 129 -13.12 35.25 -51.89
C ASN F 129 -12.26 35.99 -50.85
N ALA F 130 -11.10 35.43 -50.52
CA ALA F 130 -10.17 36.12 -49.63
C ALA F 130 -8.77 35.53 -49.71
N LYS F 131 -7.77 36.34 -49.41
CA LYS F 131 -6.39 35.86 -49.41
C LYS F 131 -5.87 35.77 -47.98
N GLU F 132 -5.07 34.74 -47.72
CA GLU F 132 -4.50 34.53 -46.40
C GLU F 132 -3.27 35.42 -46.21
N ILE F 133 -3.40 36.40 -45.32
CA ILE F 133 -2.25 37.22 -44.94
C ILE F 133 -1.39 36.41 -43.97
N GLY F 134 -1.23 36.93 -42.76
CA GLY F 134 -0.58 36.22 -41.68
C GLY F 134 -1.49 36.27 -40.47
N ASN F 135 -0.96 35.98 -39.30
CA ASN F 135 -1.73 36.07 -38.05
C ASN F 135 -3.19 35.61 -38.20
N GLY F 136 -3.40 34.55 -38.95
CA GLY F 136 -4.74 34.02 -39.17
C GLY F 136 -5.74 35.06 -39.65
N CYS F 137 -5.31 35.90 -40.59
CA CYS F 137 -6.19 36.93 -41.14
C CYS F 137 -6.61 36.62 -42.58
N PHE F 138 -7.80 37.10 -42.94
CA PHE F 138 -8.31 36.93 -44.30
C PHE F 138 -8.66 38.29 -44.90
N GLU F 139 -7.95 38.66 -45.96
CA GLU F 139 -8.24 39.90 -46.67
C GLU F 139 -9.24 39.59 -47.81
N PHE F 140 -10.48 40.04 -47.66
CA PHE F 140 -11.52 39.78 -48.65
C PHE F 140 -11.26 40.49 -49.97
N TYR F 141 -11.70 39.86 -51.06
CA TYR F 141 -11.60 40.46 -52.37
C TYR F 141 -12.92 41.15 -52.71
N HIS F 142 -14.01 40.55 -52.26
CA HIS F 142 -15.35 41.02 -52.59
C HIS F 142 -15.91 42.06 -51.62
N LYS F 143 -15.12 42.44 -50.63
CA LYS F 143 -15.52 43.45 -49.65
C LYS F 143 -16.84 43.10 -48.97
N CYS F 144 -16.77 42.68 -47.71
CA CYS F 144 -17.93 42.18 -46.98
C CYS F 144 -18.35 43.12 -45.86
N ASP F 145 -19.67 43.36 -45.74
CA ASP F 145 -20.20 44.27 -44.74
C ASP F 145 -20.58 43.55 -43.44
N ASP F 146 -20.94 44.32 -42.42
CA ASP F 146 -21.29 43.78 -41.12
C ASP F 146 -22.31 42.63 -41.20
N ALA F 147 -23.22 42.73 -42.16
CA ALA F 147 -24.24 41.71 -42.33
C ALA F 147 -23.67 40.42 -42.90
N CYS F 148 -22.69 40.56 -43.79
CA CYS F 148 -22.02 39.42 -44.39
C CYS F 148 -20.98 38.84 -43.42
N MET F 149 -20.36 39.71 -42.64
CA MET F 149 -19.41 39.29 -41.62
C MET F 149 -20.07 38.27 -40.70
N GLU F 150 -21.28 38.58 -40.26
CA GLU F 150 -22.03 37.72 -39.36
C GLU F 150 -22.40 36.37 -39.97
N SER F 151 -22.30 36.26 -41.29
CA SER F 151 -22.58 35.00 -41.97
C SER F 151 -21.34 34.11 -41.92
N VAL F 152 -20.17 34.74 -41.83
CA VAL F 152 -18.92 34.02 -41.74
C VAL F 152 -18.78 33.40 -40.35
N ARG F 153 -18.86 34.25 -39.33
CA ARG F 153 -18.87 33.79 -37.95
C ARG F 153 -20.21 33.17 -37.60
N ASN F 154 -20.66 32.24 -38.46
CA ASN F 154 -22.00 31.68 -38.37
C ASN F 154 -22.10 30.40 -39.20
N GLY F 155 -21.16 30.22 -40.12
CA GLY F 155 -21.09 29.02 -40.94
C GLY F 155 -22.07 29.01 -42.10
N THR F 156 -22.27 30.17 -42.74
CA THR F 156 -23.28 30.31 -43.78
C THR F 156 -22.88 31.27 -44.89
N TYR F 157 -21.58 31.40 -45.14
CA TYR F 157 -21.05 32.34 -46.13
C TYR F 157 -21.54 32.67 -47.54
N ASP F 158 -21.61 31.65 -48.40
CA ASP F 158 -22.49 31.41 -49.57
C ASP F 158 -22.08 32.00 -50.94
N TYR F 159 -20.89 32.55 -51.04
CA TYR F 159 -20.16 32.60 -52.32
C TYR F 159 -20.76 33.39 -53.52
N PRO F 160 -21.37 34.56 -53.28
CA PRO F 160 -21.48 35.40 -54.48
C PRO F 160 -20.10 35.92 -54.85
N LYS F 161 -19.54 35.36 -55.92
CA LYS F 161 -18.12 35.55 -56.27
C LYS F 161 -17.90 36.15 -57.68
N TYR F 162 -16.72 36.71 -57.89
CA TYR F 162 -16.42 37.36 -59.17
C TYR F 162 -14.97 37.81 -59.34
N SER F 163 -14.14 37.45 -58.38
CA SER F 163 -12.72 37.49 -58.59
C SER F 163 -12.21 38.78 -59.15
N GLU F 164 -11.56 39.56 -58.32
CA GLU F 164 -10.85 40.71 -58.82
C GLU F 164 -9.42 40.28 -58.73
N GLU F 165 -9.06 39.36 -59.62
CA GLU F 165 -7.80 38.62 -59.52
C GLU F 165 -7.45 37.94 -60.84
C1 NAG G . 28.16 -23.90 15.59
C2 NAG G . 27.83 -24.96 16.64
C3 NAG G . 28.17 -26.35 16.10
C4 NAG G . 27.54 -26.58 14.72
C5 NAG G . 28.01 -25.45 13.83
C6 NAG G . 27.52 -25.60 12.39
C7 NAG G . 28.20 -23.84 18.81
C8 NAG G . 29.10 -23.75 20.01
N2 NAG G . 28.57 -24.73 17.87
O3 NAG G . 27.79 -27.34 17.00
O4 NAG G . 27.93 -27.84 14.19
O5 NAG G . 27.55 -24.23 14.36
O6 NAG G . 26.28 -24.95 12.25
O7 NAG G . 27.21 -23.12 18.72
C1 NAG G . 26.85 -28.80 14.16
C2 NAG G . 27.22 -29.86 13.13
C3 NAG G . 26.21 -31.00 13.06
C4 NAG G . 25.86 -31.51 14.45
C5 NAG G . 25.49 -30.34 15.35
C6 NAG G . 25.19 -30.81 16.77
C7 NAG G . 28.56 -28.83 11.40
C8 NAG G . 28.62 -28.21 10.04
N2 NAG G . 27.37 -29.24 11.82
O3 NAG G . 26.74 -32.07 12.30
O4 NAG G . 24.79 -32.44 14.36
O5 NAG G . 26.57 -29.40 15.40
O6 NAG G . 26.39 -31.26 17.38
O7 NAG G . 29.57 -28.96 12.08
C1 NAG H . 26.72 -40.83 31.65
C2 NAG H . 25.38 -40.38 32.24
C3 NAG H . 24.99 -38.97 31.83
C4 NAG H . 26.18 -38.01 31.91
C5 NAG H . 27.42 -38.62 31.25
C6 NAG H . 28.61 -37.68 31.34
C7 NAG H . 23.53 -41.89 32.71
C8 NAG H . 22.48 -42.79 32.16
N2 NAG H . 24.32 -41.29 31.82
O3 NAG H . 23.95 -38.50 32.66
O4 NAG H . 25.83 -36.84 31.21
O5 NAG H . 27.72 -39.86 31.85
O6 NAG H . 28.85 -37.32 32.68
O7 NAG H . 23.65 -41.73 33.92
C1 GAL H . 25.40 -35.80 32.11
C2 GAL H . 25.99 -34.51 31.55
C3 GAL H . 25.36 -33.23 32.08
C4 GAL H . 23.86 -33.37 32.30
C5 GAL H . 23.54 -34.68 32.99
C6 GAL H . 22.02 -34.81 33.18
O2 GAL H . 27.38 -34.49 31.80
O3 GAL H . 25.59 -32.29 31.07
O4 GAL H . 23.18 -33.29 31.07
O5 GAL H . 23.98 -35.75 32.17
O6 GAL H . 21.76 -35.99 33.92
C1 SIA H . 25.62 -30.01 30.44
C2 SIA H . 25.57 -30.95 31.61
C3 SIA H . 26.91 -30.94 32.34
C4 SIA H . 27.20 -29.56 32.93
C5 SIA H . 25.99 -29.05 33.72
C6 SIA H . 24.71 -29.18 32.92
C7 SIA H . 23.50 -28.74 33.74
C8 SIA H . 22.20 -29.10 33.03
C9 SIA H . 21.01 -28.48 33.74
C10 SIA H . 25.87 -27.22 35.31
C11 SIA H . 26.15 -25.77 35.57
N5 SIA H . 26.21 -27.67 34.11
O1A SIA H . 26.72 -29.80 29.88
O1B SIA H . 24.56 -29.47 30.05
O4 SIA H . 28.33 -29.64 33.79
O6 SIA H . 24.54 -30.53 32.50
O7 SIA H . 23.55 -29.38 35.02
O8 SIA H . 22.24 -28.64 31.68
O9 SIA H . 19.80 -28.86 33.07
O10 SIA H . 25.36 -27.94 36.15
C1 NAG I . -23.70 -26.86 17.35
C2 NAG I . -23.82 -27.00 18.86
C3 NAG I . -25.25 -26.68 19.29
C4 NAG I . -25.63 -25.31 18.80
C5 NAG I . -25.46 -25.21 17.29
C6 NAG I . -25.73 -23.80 16.80
C7 NAG I . -22.18 -28.69 19.51
C8 NAG I . -21.94 -30.09 19.96
N2 NAG I . -23.45 -28.33 19.30
O3 NAG I . -25.40 -26.79 20.69
O4 NAG I . -26.97 -25.03 19.14
O5 NAG I . -24.13 -25.57 16.92
O6 NAG I . -24.88 -22.89 17.47
O7 NAG I . -21.22 -27.92 19.36
C1 NAG I . -27.04 -24.01 20.16
C2 NAG I . -28.43 -23.37 20.07
C3 NAG I . -28.72 -22.42 21.22
C4 NAG I . -28.33 -23.03 22.56
C5 NAG I . -26.89 -23.53 22.48
C6 NAG I . -26.44 -24.12 23.81
C7 NAG I . -29.23 -23.17 17.78
C8 NAG I . -29.26 -22.35 16.53
N2 NAG I . -28.54 -22.67 18.81
O3 NAG I . -30.10 -22.10 21.23
O4 NAG I . -28.49 -22.09 23.59
O5 NAG I . -26.76 -24.50 21.45
O6 NAG I . -27.26 -25.23 24.11
O7 NAG I . -29.81 -24.26 17.83
C1 NAG J . 0.42 14.77 37.11
C2 NAG J . 0.98 14.15 38.38
C3 NAG J . 2.03 15.09 38.99
C4 NAG J . 3.10 15.38 37.94
C5 NAG J . 2.43 16.00 36.72
C6 NAG J . 3.42 16.30 35.61
C7 NAG J . -0.80 12.76 39.27
C8 NAG J . -1.83 12.58 40.35
N2 NAG J . -0.06 13.86 39.35
O3 NAG J . 2.58 14.54 40.16
O4 NAG J . 4.03 16.28 38.51
O5 NAG J . 1.46 15.09 36.21
O6 NAG J . 3.61 15.14 34.84
O7 NAG J . -0.69 11.92 38.39
C1 NAG J . 5.39 15.79 38.38
C2 NAG J . 6.30 16.99 38.63
C3 NAG J . 7.78 16.61 38.76
C4 NAG J . 7.94 15.40 39.67
C5 NAG J . 7.04 14.28 39.16
C6 NAG J . 7.24 13.02 39.99
C7 NAG J . 5.22 18.90 37.61
C8 NAG J . 5.14 19.81 36.41
N2 NAG J . 6.13 17.94 37.55
O3 NAG J . 8.51 17.69 39.31
O4 NAG J . 9.30 15.01 39.69
O5 NAG J . 5.69 14.68 39.20
O6 NAG J . 6.83 13.25 41.33
O7 NAG J . 4.46 19.07 38.57
#